data_7TOD
#
_entry.id   7TOD
#
_entity_poly.entity_id   1
_entity_poly.type   'polypeptide(L)'
_entity_poly.pdbx_seq_one_letter_code
;SDEKIKTAHDLIDEIIQDVIQLDGKLGLLGGNTRQLEDGRVINIPNGAAMIFDDYKKYKQGELTAESALESMIKIAKLSN
QLNRHTFFNQRQPETGQFYKKVAAIDLQ
;
_entity_poly.pdbx_strand_id   A
#
# COMPACT_ATOMS: atom_id res chain seq x y z
N SER A 1 -19.84 1.36 4.00
CA SER A 1 -19.63 0.44 2.85
C SER A 1 -19.69 -1.00 3.35
N ASP A 2 -20.43 -1.84 2.63
CA ASP A 2 -20.56 -3.24 3.02
C ASP A 2 -19.21 -3.94 2.96
N GLU A 3 -18.99 -4.82 3.93
CA GLU A 3 -17.77 -5.62 4.05
C GLU A 3 -17.64 -6.61 2.90
N LYS A 4 -18.80 -7.00 2.34
CA LYS A 4 -18.91 -7.98 1.24
C LYS A 4 -18.34 -9.32 1.67
N ILE A 5 -17.51 -9.93 0.82
CA ILE A 5 -16.97 -11.22 1.21
C ILE A 5 -15.77 -11.54 0.34
N LYS A 6 -14.61 -11.65 0.98
CA LYS A 6 -13.39 -11.94 0.24
C LYS A 6 -12.32 -12.50 1.17
N THR A 7 -11.36 -13.19 0.59
CA THR A 7 -10.27 -13.78 1.36
C THR A 7 -9.21 -12.72 1.65
N ALA A 8 -8.42 -12.96 2.70
CA ALA A 8 -7.37 -12.04 3.07
C ALA A 8 -6.33 -11.93 1.96
N HIS A 9 -6.00 -13.07 1.36
CA HIS A 9 -5.01 -13.11 0.30
C HIS A 9 -5.45 -12.30 -0.93
N ASP A 10 -6.73 -12.41 -1.28
CA ASP A 10 -7.24 -11.69 -2.44
C ASP A 10 -7.12 -10.19 -2.26
N LEU A 11 -7.47 -9.71 -1.07
CA LEU A 11 -7.39 -8.28 -0.79
C LEU A 11 -5.94 -7.81 -0.81
N ILE A 12 -5.07 -8.59 -0.18
CA ILE A 12 -3.65 -8.25 -0.12
C ILE A 12 -3.06 -8.21 -1.53
N ASP A 13 -3.42 -9.20 -2.35
CA ASP A 13 -2.92 -9.27 -3.71
C ASP A 13 -3.36 -8.07 -4.53
N GLU A 14 -4.59 -7.63 -4.33
CA GLU A 14 -5.13 -6.50 -5.08
C GLU A 14 -4.31 -5.22 -4.85
N ILE A 15 -3.98 -4.94 -3.60
CA ILE A 15 -3.21 -3.75 -3.28
C ILE A 15 -1.76 -3.87 -3.75
N ILE A 16 -1.20 -5.07 -3.69
CA ILE A 16 0.18 -5.27 -4.13
C ILE A 16 0.31 -4.97 -5.61
N GLN A 17 -0.66 -5.44 -6.40
CA GLN A 17 -0.64 -5.21 -7.83
C GLN A 17 -0.73 -3.72 -8.14
N ASP A 18 -1.58 -3.02 -7.38
CA ASP A 18 -1.74 -1.60 -7.60
C ASP A 18 -0.42 -0.87 -7.35
N VAL A 19 0.30 -1.31 -6.31
CA VAL A 19 1.58 -0.70 -5.98
C VAL A 19 2.56 -0.88 -7.12
N ILE A 20 2.60 -2.09 -7.69
CA ILE A 20 3.50 -2.37 -8.81
C ILE A 20 3.17 -1.45 -9.99
N GLN A 21 1.88 -1.34 -10.28
CA GLN A 21 1.43 -0.47 -11.37
C GLN A 21 1.78 0.98 -11.08
N LEU A 22 1.64 1.36 -9.81
CA LEU A 22 1.95 2.72 -9.38
C LEU A 22 3.39 3.08 -9.69
N ASP A 23 4.26 2.07 -9.68
CA ASP A 23 5.68 2.30 -9.97
C ASP A 23 5.82 3.01 -11.31
N GLY A 24 6.75 3.95 -11.41
CA GLY A 24 6.93 4.69 -12.65
C GLY A 24 8.25 5.46 -12.68
N LYS A 25 8.35 6.42 -13.60
CA LYS A 25 9.56 7.22 -13.74
C LYS A 25 9.90 7.96 -12.45
N LEU A 26 8.95 8.01 -11.52
CA LEU A 26 9.18 8.70 -10.25
C LEU A 26 10.57 8.37 -9.72
N GLY A 27 11.34 9.41 -9.41
CA GLY A 27 12.70 9.24 -8.90
C GLY A 27 12.72 9.20 -7.38
N LEU A 28 13.92 9.35 -6.81
CA LEU A 28 14.09 9.32 -5.36
C LEU A 28 13.29 10.45 -4.71
N LEU A 29 13.33 11.63 -5.32
CA LEU A 29 12.61 12.77 -4.78
C LEU A 29 11.11 12.49 -4.74
N GLY A 30 10.62 11.84 -5.78
CA GLY A 30 9.21 11.49 -5.86
C GLY A 30 8.83 10.59 -4.70
N GLY A 31 9.75 9.69 -4.35
CA GLY A 31 9.51 8.74 -3.27
C GLY A 31 10.74 7.86 -3.05
N ASN A 32 10.59 6.88 -2.16
CA ASN A 32 11.69 5.96 -1.85
C ASN A 32 11.64 4.74 -2.78
N THR A 33 12.75 4.01 -2.86
CA THR A 33 12.82 2.82 -3.71
C THR A 33 13.15 1.61 -2.86
N ARG A 34 12.61 0.45 -3.25
CA ARG A 34 12.84 -0.79 -2.54
C ARG A 34 13.04 -1.94 -3.52
N GLN A 35 13.81 -2.95 -3.10
CA GLN A 35 14.07 -4.09 -3.96
C GLN A 35 12.93 -5.10 -3.85
N LEU A 36 12.40 -5.52 -4.99
CA LEU A 36 11.31 -6.48 -5.01
C LEU A 36 11.84 -7.84 -4.54
N GLU A 37 10.96 -8.68 -4.05
CA GLU A 37 11.38 -10.00 -3.58
C GLU A 37 12.03 -10.74 -4.73
N ASP A 38 11.52 -10.53 -5.93
CA ASP A 38 12.07 -11.18 -7.12
C ASP A 38 13.44 -10.60 -7.45
N GLY A 39 13.81 -9.50 -6.78
CA GLY A 39 15.10 -8.85 -7.03
C GLY A 39 14.97 -7.74 -8.06
N ARG A 40 13.75 -7.29 -8.29
CA ARG A 40 13.49 -6.22 -9.26
C ARG A 40 13.41 -4.86 -8.55
N VAL A 41 14.20 -3.90 -9.03
CA VAL A 41 14.20 -2.57 -8.43
C VAL A 41 12.95 -1.81 -8.84
N ILE A 42 12.23 -1.28 -7.85
CA ILE A 42 11.00 -0.52 -8.11
C ILE A 42 10.97 0.76 -7.29
N ASN A 43 10.13 1.71 -7.72
CA ASN A 43 10.01 2.99 -7.00
C ASN A 43 8.56 3.22 -6.61
N ILE A 44 8.35 3.57 -5.35
CA ILE A 44 7.00 3.81 -4.83
C ILE A 44 7.04 4.84 -3.68
N PRO A 45 5.96 5.50 -3.35
CA PRO A 45 5.95 6.49 -2.21
C PRO A 45 6.44 5.87 -0.91
N ASN A 46 7.01 6.69 -0.03
CA ASN A 46 7.50 6.19 1.23
C ASN A 46 6.42 5.37 1.94
N GLY A 47 5.16 5.83 1.82
CA GLY A 47 4.05 5.12 2.44
C GLY A 47 3.91 3.72 1.86
N ALA A 48 4.08 3.62 0.55
CA ALA A 48 3.98 2.33 -0.13
C ALA A 48 5.03 1.39 0.44
N ALA A 49 6.21 1.95 0.71
CA ALA A 49 7.31 1.16 1.28
C ALA A 49 6.92 0.60 2.64
N MET A 50 6.18 1.40 3.42
CA MET A 50 5.78 0.96 4.75
C MET A 50 4.94 -0.32 4.69
N ILE A 51 3.96 -0.35 3.80
CA ILE A 51 3.12 -1.53 3.66
C ILE A 51 3.91 -2.66 3.01
N PHE A 52 4.88 -2.29 2.17
CA PHE A 52 5.72 -3.28 1.51
C PHE A 52 6.44 -4.11 2.57
N ASP A 53 7.01 -3.43 3.55
CA ASP A 53 7.72 -4.09 4.63
C ASP A 53 6.78 -5.02 5.38
N ASP A 54 5.54 -4.55 5.59
CA ASP A 54 4.55 -5.36 6.30
C ASP A 54 4.29 -6.66 5.55
N TYR A 55 4.27 -6.59 4.22
CA TYR A 55 4.06 -7.78 3.41
C TYR A 55 5.15 -8.80 3.69
N LYS A 56 6.39 -8.31 3.74
CA LYS A 56 7.53 -9.18 4.01
C LYS A 56 7.36 -9.91 5.33
N LYS A 57 6.81 -9.22 6.32
CA LYS A 57 6.59 -9.82 7.63
C LYS A 57 5.66 -11.00 7.54
N TYR A 58 4.65 -10.89 6.69
CA TYR A 58 3.72 -11.99 6.52
C TYR A 58 4.49 -13.22 6.08
N LYS A 59 5.48 -13.01 5.21
CA LYS A 59 6.30 -14.12 4.72
C LYS A 59 7.28 -14.58 5.80
N GLN A 60 7.92 -13.61 6.45
CA GLN A 60 8.89 -13.92 7.50
C GLN A 60 8.22 -14.65 8.65
N GLY A 61 6.94 -14.35 8.85
CA GLY A 61 6.17 -14.96 9.94
C GLY A 61 6.11 -14.03 11.13
N GLU A 62 6.68 -12.83 10.98
CA GLU A 62 6.66 -11.85 12.05
C GLU A 62 5.22 -11.41 12.30
N LEU A 63 4.46 -11.27 11.22
CA LEU A 63 3.06 -10.86 11.30
C LEU A 63 2.16 -11.87 10.60
N THR A 64 0.93 -11.97 11.08
CA THR A 64 -0.04 -12.90 10.49
C THR A 64 -0.67 -12.25 9.26
N ALA A 65 -1.42 -13.03 8.50
CA ALA A 65 -2.05 -12.51 7.30
C ALA A 65 -3.01 -11.38 7.67
N GLU A 66 -3.77 -11.57 8.75
CA GLU A 66 -4.70 -10.55 9.20
C GLU A 66 -3.96 -9.42 9.91
N SER A 67 -2.88 -9.76 10.60
CA SER A 67 -2.11 -8.73 11.31
C SER A 67 -1.51 -7.77 10.31
N ALA A 68 -0.92 -8.31 9.24
CA ALA A 68 -0.33 -7.46 8.22
C ALA A 68 -1.39 -6.60 7.57
N LEU A 69 -2.54 -7.20 7.28
CA LEU A 69 -3.65 -6.48 6.67
C LEU A 69 -4.12 -5.37 7.61
N GLU A 70 -4.24 -5.73 8.89
CA GLU A 70 -4.69 -4.78 9.90
C GLU A 70 -3.72 -3.61 10.00
N SER A 71 -2.43 -3.89 9.96
CA SER A 71 -1.42 -2.84 10.04
C SER A 71 -1.53 -1.89 8.86
N MET A 72 -1.75 -2.44 7.67
CA MET A 72 -1.88 -1.64 6.45
C MET A 72 -3.10 -0.71 6.53
N ILE A 73 -4.19 -1.22 7.07
CA ILE A 73 -5.41 -0.44 7.18
C ILE A 73 -5.23 0.77 8.11
N LYS A 74 -4.63 0.55 9.27
CA LYS A 74 -4.45 1.63 10.25
C LYS A 74 -3.53 2.73 9.71
N ILE A 75 -2.44 2.34 9.06
CA ILE A 75 -1.51 3.34 8.52
C ILE A 75 -2.11 3.99 7.29
N ALA A 76 -2.94 3.23 6.57
CA ALA A 76 -3.59 3.76 5.38
C ALA A 76 -4.52 4.90 5.76
N LYS A 77 -5.24 4.72 6.86
CA LYS A 77 -6.16 5.76 7.33
C LYS A 77 -5.38 7.02 7.68
N LEU A 78 -4.24 6.85 8.34
CA LEU A 78 -3.42 8.00 8.71
C LEU A 78 -2.93 8.71 7.46
N SER A 79 -2.50 7.94 6.46
CA SER A 79 -2.03 8.53 5.21
C SER A 79 -3.16 9.27 4.53
N ASN A 80 -4.33 8.66 4.53
CA ASN A 80 -5.51 9.26 3.91
C ASN A 80 -5.87 10.57 4.63
N GLN A 81 -5.75 10.55 5.94
CA GLN A 81 -6.07 11.73 6.75
C GLN A 81 -5.18 12.90 6.35
N LEU A 82 -3.89 12.64 6.17
CA LEU A 82 -2.95 13.68 5.77
C LEU A 82 -3.31 14.18 4.36
N ASN A 83 -3.68 13.24 3.50
CA ASN A 83 -4.05 13.59 2.12
C ASN A 83 -5.25 14.52 2.11
N ARG A 84 -6.21 14.24 2.99
CA ARG A 84 -7.42 15.07 3.09
C ARG A 84 -7.05 16.50 3.44
N HIS A 85 -6.09 16.66 4.34
CA HIS A 85 -5.66 17.99 4.78
C HIS A 85 -5.19 18.82 3.59
N THR A 86 -4.85 20.08 3.86
CA THR A 86 -4.39 20.99 2.82
C THR A 86 -3.03 20.58 2.30
N PHE A 87 -2.60 21.24 1.21
CA PHE A 87 -1.32 20.95 0.57
C PHE A 87 -1.32 19.55 -0.01
N PHE A 88 -2.51 19.03 -0.29
CA PHE A 88 -2.65 17.69 -0.87
C PHE A 88 -2.19 17.69 -2.32
N ASN A 89 -2.09 18.88 -2.90
CA ASN A 89 -1.67 19.01 -4.29
C ASN A 89 -0.23 18.55 -4.47
N GLN A 90 0.55 18.59 -3.40
CA GLN A 90 1.94 18.17 -3.47
C GLN A 90 2.05 16.68 -3.81
N ARG A 91 1.12 15.89 -3.28
CA ARG A 91 1.11 14.46 -3.55
C ARG A 91 0.48 14.19 -4.91
N GLN A 92 0.97 13.16 -5.60
CA GLN A 92 0.44 12.81 -6.91
C GLN A 92 -0.97 12.22 -6.77
N PRO A 93 -1.83 12.43 -7.74
CA PRO A 93 -3.23 11.89 -7.69
C PRO A 93 -3.25 10.36 -7.74
N GLU A 94 -2.27 9.79 -8.42
CA GLU A 94 -2.19 8.33 -8.54
C GLU A 94 -1.95 7.71 -7.17
N THR A 95 -1.10 8.36 -6.38
CA THR A 95 -0.79 7.85 -5.05
C THR A 95 -2.02 7.96 -4.15
N GLY A 96 -2.76 9.06 -4.31
CA GLY A 96 -3.96 9.27 -3.51
C GLY A 96 -4.99 8.19 -3.78
N GLN A 97 -5.10 7.79 -5.04
CA GLN A 97 -6.06 6.76 -5.43
C GLN A 97 -5.73 5.44 -4.75
N PHE A 98 -4.43 5.11 -4.67
CA PHE A 98 -4.01 3.87 -4.03
C PHE A 98 -4.44 3.83 -2.57
N TYR A 99 -4.19 4.92 -1.85
CA TYR A 99 -4.55 4.99 -0.44
C TYR A 99 -6.06 4.82 -0.24
N LYS A 100 -6.84 5.41 -1.13
CA LYS A 100 -8.29 5.32 -1.03
C LYS A 100 -8.76 3.86 -1.10
N LYS A 101 -8.22 3.11 -2.05
CA LYS A 101 -8.61 1.70 -2.21
C LYS A 101 -8.23 0.88 -0.98
N VAL A 102 -7.04 1.14 -0.43
CA VAL A 102 -6.59 0.39 0.73
C VAL A 102 -7.53 0.64 1.92
N ALA A 103 -7.85 1.90 2.17
CA ALA A 103 -8.74 2.24 3.28
C ALA A 103 -10.13 1.64 3.06
N ALA A 104 -10.60 1.75 1.82
CA ALA A 104 -11.86 1.15 1.46
C ALA A 104 -11.39 -0.21 1.04
N ILE A 105 -11.31 -1.14 1.98
CA ILE A 105 -10.81 -2.48 1.67
C ILE A 105 -11.91 -3.37 1.11
N ASP A 106 -12.31 -3.10 -0.13
CA ASP A 106 -13.34 -3.89 -0.76
C ASP A 106 -12.83 -4.42 -2.09
N LEU A 107 -12.75 -5.74 -2.17
CA LEU A 107 -12.36 -6.40 -3.41
C LEU A 107 -13.39 -6.13 -4.49
N GLN A 108 -14.66 -6.24 -4.14
CA GLN A 108 -15.75 -6.01 -5.10
C GLN A 108 -15.47 -6.76 -6.40
N SER A 1 -14.69 -16.92 10.92
CA SER A 1 -14.56 -17.22 9.46
C SER A 1 -14.46 -15.91 8.68
N ASP A 2 -14.27 -16.04 7.37
CA ASP A 2 -14.15 -14.86 6.51
C ASP A 2 -15.53 -14.38 6.06
N GLU A 3 -15.98 -13.27 6.63
CA GLU A 3 -17.28 -12.72 6.28
C GLU A 3 -17.31 -12.31 4.81
N LYS A 4 -16.21 -11.74 4.33
CA LYS A 4 -16.12 -11.32 2.94
C LYS A 4 -16.04 -12.52 2.02
N ILE A 5 -16.66 -12.41 0.85
CA ILE A 5 -16.65 -13.49 -0.13
C ILE A 5 -15.23 -13.76 -0.57
N LYS A 6 -14.51 -12.68 -0.85
CA LYS A 6 -13.12 -12.80 -1.28
C LYS A 6 -12.22 -12.99 -0.06
N THR A 7 -11.16 -13.75 -0.26
CA THR A 7 -10.21 -14.03 0.82
C THR A 7 -9.32 -12.83 1.08
N ALA A 8 -8.71 -12.80 2.25
CA ALA A 8 -7.82 -11.71 2.63
C ALA A 8 -6.62 -11.64 1.69
N HIS A 9 -6.11 -12.80 1.32
CA HIS A 9 -4.95 -12.86 0.43
C HIS A 9 -5.25 -12.18 -0.91
N ASP A 10 -6.39 -12.50 -1.49
CA ASP A 10 -6.77 -11.91 -2.77
C ASP A 10 -6.89 -10.40 -2.66
N LEU A 11 -7.48 -9.94 -1.56
CA LEU A 11 -7.66 -8.50 -1.33
C LEU A 11 -6.29 -7.82 -1.24
N ILE A 12 -5.38 -8.47 -0.52
CA ILE A 12 -4.02 -7.97 -0.35
C ILE A 12 -3.34 -7.88 -1.71
N ASP A 13 -3.57 -8.89 -2.55
CA ASP A 13 -2.98 -8.91 -3.88
C ASP A 13 -3.45 -7.72 -4.69
N GLU A 14 -4.72 -7.34 -4.52
CA GLU A 14 -5.28 -6.21 -5.27
C GLU A 14 -4.51 -4.93 -5.01
N ILE A 15 -4.23 -4.63 -3.74
CA ILE A 15 -3.50 -3.41 -3.41
C ILE A 15 -2.04 -3.50 -3.85
N ILE A 16 -1.47 -4.71 -3.79
CA ILE A 16 -0.09 -4.90 -4.21
C ILE A 16 0.04 -4.62 -5.71
N GLN A 17 -0.93 -5.09 -6.49
CA GLN A 17 -0.91 -4.89 -7.93
C GLN A 17 -0.96 -3.41 -8.26
N ASP A 18 -1.76 -2.65 -7.53
CA ASP A 18 -1.87 -1.23 -7.78
C ASP A 18 -0.50 -0.57 -7.60
N VAL A 19 0.22 -1.00 -6.57
CA VAL A 19 1.54 -0.47 -6.29
C VAL A 19 2.50 -0.81 -7.44
N ILE A 20 2.44 -2.06 -7.89
CA ILE A 20 3.31 -2.51 -8.97
C ILE A 20 3.05 -1.72 -10.25
N GLN A 21 1.79 -1.50 -10.58
CA GLN A 21 1.44 -0.76 -11.79
C GLN A 21 1.97 0.67 -11.74
N LEU A 22 1.90 1.29 -10.56
CA LEU A 22 2.36 2.67 -10.41
C LEU A 22 3.88 2.74 -10.21
N ASP A 23 4.51 1.61 -9.98
CA ASP A 23 5.96 1.58 -9.77
C ASP A 23 6.71 2.02 -11.03
N GLY A 24 7.81 2.75 -10.83
CA GLY A 24 8.64 3.21 -11.94
C GLY A 24 8.23 4.58 -12.45
N LYS A 25 7.01 5.01 -12.11
CA LYS A 25 6.52 6.31 -12.55
C LYS A 25 7.35 7.43 -11.92
N LEU A 26 7.70 7.26 -10.64
CA LEU A 26 8.49 8.26 -9.92
C LEU A 26 9.97 7.90 -9.94
N GLY A 27 10.82 8.92 -9.92
CA GLY A 27 12.26 8.71 -9.93
C GLY A 27 12.76 8.43 -8.52
N LEU A 28 14.07 8.34 -8.36
CA LEU A 28 14.64 8.06 -7.05
C LEU A 28 14.26 9.16 -6.08
N LEU A 29 14.35 10.41 -6.53
CA LEU A 29 14.01 11.55 -5.69
C LEU A 29 12.49 11.65 -5.56
N GLY A 30 12.02 12.10 -4.40
CA GLY A 30 10.59 12.25 -4.16
C GLY A 30 10.00 10.97 -3.56
N GLY A 31 10.81 9.92 -3.48
CA GLY A 31 10.34 8.66 -2.93
C GLY A 31 11.51 7.72 -2.63
N ASN A 32 11.23 6.65 -1.88
CA ASN A 32 12.26 5.68 -1.52
C ASN A 32 12.26 4.52 -2.51
N THR A 33 13.41 3.84 -2.62
CA THR A 33 13.55 2.71 -3.54
C THR A 33 13.82 1.43 -2.74
N ARG A 34 13.03 0.39 -3.01
CA ARG A 34 13.20 -0.90 -2.34
C ARG A 34 13.35 -2.03 -3.33
N GLN A 35 13.47 -3.25 -2.80
CA GLN A 35 13.63 -4.44 -3.63
C GLN A 35 12.46 -5.38 -3.47
N LEU A 36 11.86 -5.78 -4.58
CA LEU A 36 10.73 -6.69 -4.58
C LEU A 36 11.22 -8.10 -4.28
N GLU A 37 10.36 -8.95 -3.76
CA GLU A 37 10.75 -10.31 -3.44
C GLU A 37 11.29 -11.01 -4.68
N ASP A 38 10.91 -10.49 -5.84
CA ASP A 38 11.37 -11.05 -7.12
C ASP A 38 12.77 -10.50 -7.45
N GLY A 39 13.26 -9.62 -6.59
CA GLY A 39 14.57 -9.01 -6.79
C GLY A 39 14.49 -7.85 -7.77
N ARG A 40 13.29 -7.31 -7.97
CA ARG A 40 13.08 -6.19 -8.89
C ARG A 40 13.11 -4.87 -8.12
N VAL A 41 13.93 -3.93 -8.59
CA VAL A 41 14.03 -2.63 -7.95
C VAL A 41 12.87 -1.73 -8.38
N ILE A 42 12.17 -1.16 -7.39
CA ILE A 42 11.02 -0.29 -7.67
C ILE A 42 11.07 0.96 -6.81
N ASN A 43 10.43 2.02 -7.29
CA ASN A 43 10.39 3.30 -6.55
C ASN A 43 8.96 3.67 -6.22
N ILE A 44 8.71 4.04 -4.97
CA ILE A 44 7.37 4.42 -4.52
C ILE A 44 7.46 5.37 -3.33
N PRO A 45 6.41 6.15 -3.03
CA PRO A 45 6.44 7.10 -1.88
C PRO A 45 6.82 6.39 -0.57
N ASN A 46 7.17 7.18 0.44
CA ASN A 46 7.56 6.62 1.73
C ASN A 46 6.41 5.80 2.33
N GLY A 47 5.19 6.30 2.19
CA GLY A 47 4.03 5.59 2.71
C GLY A 47 3.89 4.23 2.04
N ALA A 48 4.12 4.20 0.73
CA ALA A 48 4.04 2.97 -0.03
C ALA A 48 5.06 1.97 0.50
N ALA A 49 6.23 2.47 0.86
CA ALA A 49 7.30 1.63 1.39
C ALA A 49 6.86 0.99 2.71
N MET A 50 6.14 1.75 3.53
CA MET A 50 5.71 1.24 4.83
C MET A 50 4.81 0.01 4.68
N ILE A 51 3.83 0.07 3.78
CA ILE A 51 2.94 -1.07 3.58
C ILE A 51 3.70 -2.24 2.97
N PHE A 52 4.74 -1.95 2.21
CA PHE A 52 5.55 -3.00 1.60
C PHE A 52 6.15 -3.87 2.70
N ASP A 53 6.69 -3.22 3.73
CA ASP A 53 7.29 -3.93 4.85
C ASP A 53 6.26 -4.79 5.54
N ASP A 54 5.03 -4.28 5.65
CA ASP A 54 3.97 -5.03 6.30
C ASP A 54 3.72 -6.35 5.55
N TYR A 55 3.77 -6.27 4.23
CA TYR A 55 3.58 -7.46 3.40
C TYR A 55 4.64 -8.48 3.73
N LYS A 56 5.89 -8.03 3.82
CA LYS A 56 7.01 -8.91 4.13
C LYS A 56 6.76 -9.66 5.43
N LYS A 57 6.17 -8.98 6.40
CA LYS A 57 5.88 -9.60 7.69
C LYS A 57 4.92 -10.77 7.53
N TYR A 58 3.95 -10.61 6.65
CA TYR A 58 3.01 -11.69 6.41
C TYR A 58 3.77 -12.94 5.97
N LYS A 59 4.80 -12.73 5.16
CA LYS A 59 5.62 -13.84 4.67
C LYS A 59 6.53 -14.35 5.77
N GLN A 60 7.17 -13.41 6.48
CA GLN A 60 8.09 -13.76 7.56
C GLN A 60 7.36 -14.49 8.66
N GLY A 61 6.08 -14.17 8.82
CA GLY A 61 5.25 -14.79 9.86
C GLY A 61 5.16 -13.88 11.07
N GLU A 62 5.76 -12.70 10.96
CA GLU A 62 5.71 -11.73 12.06
C GLU A 62 4.28 -11.26 12.27
N LEU A 63 3.57 -11.09 11.16
CA LEU A 63 2.17 -10.64 11.19
C LEU A 63 1.28 -11.63 10.43
N THR A 64 0.03 -11.71 10.85
CA THR A 64 -0.93 -12.58 10.19
C THR A 64 -1.48 -11.92 8.94
N ALA A 65 -2.21 -12.67 8.13
CA ALA A 65 -2.78 -12.11 6.91
C ALA A 65 -3.72 -10.96 7.25
N GLU A 66 -4.53 -11.15 8.29
CA GLU A 66 -5.46 -10.11 8.69
C GLU A 66 -4.74 -9.01 9.45
N SER A 67 -3.70 -9.39 10.20
CA SER A 67 -2.95 -8.40 10.96
C SER A 67 -2.24 -7.43 10.01
N ALA A 68 -1.62 -7.99 8.97
CA ALA A 68 -0.92 -7.17 7.99
C ALA A 68 -1.92 -6.30 7.25
N LEU A 69 -3.05 -6.88 6.89
CA LEU A 69 -4.09 -6.15 6.18
C LEU A 69 -4.61 -5.02 7.06
N GLU A 70 -4.86 -5.36 8.32
CA GLU A 70 -5.37 -4.39 9.28
C GLU A 70 -4.36 -3.27 9.52
N SER A 71 -3.10 -3.64 9.66
CA SER A 71 -2.04 -2.66 9.91
C SER A 71 -1.86 -1.73 8.73
N MET A 72 -1.88 -2.27 7.52
CA MET A 72 -1.70 -1.47 6.32
C MET A 72 -2.82 -0.44 6.17
N ILE A 73 -4.04 -0.87 6.46
CA ILE A 73 -5.20 0.01 6.35
C ILE A 73 -5.15 1.16 7.38
N LYS A 74 -4.76 0.83 8.61
CA LYS A 74 -4.70 1.84 9.67
C LYS A 74 -3.72 2.95 9.33
N ILE A 75 -2.56 2.60 8.78
CA ILE A 75 -1.58 3.61 8.43
C ILE A 75 -2.04 4.38 7.19
N ALA A 76 -2.80 3.71 6.34
CA ALA A 76 -3.31 4.35 5.14
C ALA A 76 -4.22 5.50 5.51
N LYS A 77 -5.07 5.27 6.52
CA LYS A 77 -5.99 6.31 6.97
C LYS A 77 -5.21 7.49 7.53
N LEU A 78 -4.15 7.20 8.28
CA LEU A 78 -3.33 8.25 8.86
C LEU A 78 -2.66 9.06 7.75
N SER A 79 -2.19 8.37 6.72
CA SER A 79 -1.54 9.05 5.60
C SER A 79 -2.56 9.96 4.91
N ASN A 80 -3.77 9.44 4.72
CA ASN A 80 -4.84 10.20 4.08
C ASN A 80 -5.18 11.43 4.92
N GLN A 81 -5.22 11.23 6.24
CA GLN A 81 -5.54 12.31 7.16
C GLN A 81 -4.51 13.43 7.05
N LEU A 82 -3.24 13.05 6.96
CA LEU A 82 -2.17 14.03 6.86
C LEU A 82 -2.33 14.84 5.57
N ASN A 83 -2.72 14.16 4.50
CA ASN A 83 -2.91 14.82 3.21
C ASN A 83 -3.97 15.92 3.33
N ARG A 84 -5.04 15.61 4.04
CA ARG A 84 -6.13 16.56 4.23
C ARG A 84 -5.64 17.81 4.95
N HIS A 85 -4.82 17.61 5.98
CA HIS A 85 -4.29 18.73 6.76
C HIS A 85 -3.49 19.67 5.87
N THR A 86 -2.61 19.11 5.05
CA THR A 86 -1.78 19.92 4.14
C THR A 86 -2.46 20.06 2.79
N PHE A 87 -1.67 20.36 1.77
CA PHE A 87 -2.21 20.52 0.42
C PHE A 87 -2.29 19.17 -0.29
N PHE A 88 -3.46 18.88 -0.84
CA PHE A 88 -3.67 17.61 -1.55
C PHE A 88 -2.84 17.57 -2.83
N ASN A 89 -2.47 18.75 -3.32
CA ASN A 89 -1.67 18.85 -4.54
C ASN A 89 -0.24 18.37 -4.30
N GLN A 90 0.14 18.23 -3.04
CA GLN A 90 1.50 17.79 -2.72
C GLN A 90 1.75 16.38 -3.22
N ARG A 91 0.75 15.52 -3.13
CA ARG A 91 0.87 14.14 -3.59
C ARG A 91 0.40 14.02 -5.04
N GLN A 92 0.98 13.08 -5.78
CA GLN A 92 0.61 12.89 -7.17
C GLN A 92 -0.80 12.27 -7.27
N PRO A 93 -1.57 12.57 -8.29
CA PRO A 93 -2.95 11.99 -8.44
C PRO A 93 -2.96 10.46 -8.30
N GLU A 94 -1.95 9.82 -8.88
CA GLU A 94 -1.86 8.37 -8.84
C GLU A 94 -1.67 7.88 -7.40
N THR A 95 -0.85 8.59 -6.63
CA THR A 95 -0.61 8.20 -5.25
C THR A 95 -1.85 8.43 -4.39
N GLY A 96 -2.56 9.53 -4.66
CA GLY A 96 -3.77 9.84 -3.92
C GLY A 96 -4.82 8.76 -4.10
N GLN A 97 -4.96 8.28 -5.34
CA GLN A 97 -5.94 7.24 -5.64
C GLN A 97 -5.61 5.96 -4.88
N PHE A 98 -4.33 5.62 -4.82
CA PHE A 98 -3.91 4.41 -4.13
C PHE A 98 -4.31 4.46 -2.66
N TYR A 99 -4.01 5.57 -2.00
CA TYR A 99 -4.35 5.72 -0.58
C TYR A 99 -5.85 5.61 -0.37
N LYS A 100 -6.61 6.23 -1.26
CA LYS A 100 -8.07 6.19 -1.15
C LYS A 100 -8.57 4.76 -1.27
N LYS A 101 -8.05 4.03 -2.25
CA LYS A 101 -8.46 2.64 -2.46
C LYS A 101 -8.09 1.77 -1.27
N VAL A 102 -6.89 1.99 -0.71
CA VAL A 102 -6.44 1.21 0.43
C VAL A 102 -7.39 1.38 1.61
N ALA A 103 -7.77 2.63 1.88
CA ALA A 103 -8.68 2.91 2.99
C ALA A 103 -10.02 2.21 2.78
N ALA A 104 -10.51 2.23 1.54
CA ALA A 104 -11.79 1.59 1.20
C ALA A 104 -11.55 0.34 0.36
N ILE A 105 -10.40 -0.28 0.55
CA ILE A 105 -10.06 -1.48 -0.22
C ILE A 105 -11.23 -2.45 -0.25
N ASP A 106 -11.62 -2.85 -1.47
CA ASP A 106 -12.73 -3.78 -1.63
C ASP A 106 -12.69 -4.44 -3.01
N LEU A 107 -12.19 -5.67 -3.06
CA LEU A 107 -12.10 -6.40 -4.32
C LEU A 107 -13.50 -6.62 -4.90
N GLN A 108 -14.44 -7.01 -4.04
CA GLN A 108 -15.81 -7.25 -4.49
C GLN A 108 -15.82 -8.14 -5.73
N SER A 1 -16.34 -10.78 12.11
CA SER A 1 -15.96 -10.32 10.75
C SER A 1 -16.49 -11.32 9.72
N ASP A 2 -17.78 -11.24 9.43
CA ASP A 2 -18.40 -12.14 8.46
C ASP A 2 -18.27 -11.58 7.04
N GLU A 3 -17.40 -12.19 6.24
CA GLU A 3 -17.22 -11.76 4.86
C GLU A 3 -17.83 -12.84 3.96
N LYS A 4 -18.88 -12.52 3.21
CA LYS A 4 -19.53 -13.52 2.36
C LYS A 4 -18.71 -14.07 1.19
N ILE A 5 -18.04 -13.20 0.43
CA ILE A 5 -17.27 -13.67 -0.73
C ILE A 5 -15.76 -13.38 -0.82
N LYS A 6 -15.29 -12.29 -0.21
CA LYS A 6 -13.88 -11.94 -0.31
C LYS A 6 -12.92 -12.85 0.47
N THR A 7 -11.69 -12.97 -0.03
CA THR A 7 -10.65 -13.78 0.60
C THR A 7 -9.55 -12.82 1.01
N ALA A 8 -9.03 -12.96 2.22
CA ALA A 8 -8.00 -12.02 2.67
C ALA A 8 -6.81 -12.04 1.73
N HIS A 9 -6.41 -13.25 1.31
CA HIS A 9 -5.27 -13.39 0.42
C HIS A 9 -5.51 -12.64 -0.89
N ASP A 10 -6.68 -12.85 -1.49
CA ASP A 10 -7.01 -12.19 -2.73
C ASP A 10 -7.05 -10.67 -2.55
N LEU A 11 -7.59 -10.25 -1.41
CA LEU A 11 -7.69 -8.82 -1.12
C LEU A 11 -6.29 -8.20 -1.05
N ILE A 12 -5.39 -8.90 -0.37
CA ILE A 12 -4.01 -8.45 -0.25
C ILE A 12 -3.38 -8.35 -1.63
N ASP A 13 -3.65 -9.33 -2.46
CA ASP A 13 -3.10 -9.36 -3.81
C ASP A 13 -3.56 -8.14 -4.62
N GLU A 14 -4.81 -7.74 -4.42
CA GLU A 14 -5.36 -6.62 -5.17
C GLU A 14 -4.58 -5.33 -4.89
N ILE A 15 -4.30 -5.06 -3.61
CA ILE A 15 -3.56 -3.85 -3.26
C ILE A 15 -2.12 -3.93 -3.73
N ILE A 16 -1.55 -5.14 -3.70
CA ILE A 16 -0.16 -5.32 -4.15
C ILE A 16 -0.04 -4.99 -5.63
N GLN A 17 -1.02 -5.42 -6.42
CA GLN A 17 -1.01 -5.15 -7.84
C GLN A 17 -1.03 -3.65 -8.10
N ASP A 18 -1.83 -2.93 -7.32
CA ASP A 18 -1.90 -1.49 -7.48
C ASP A 18 -0.53 -0.87 -7.22
N VAL A 19 0.17 -1.39 -6.22
CA VAL A 19 1.50 -0.89 -5.88
C VAL A 19 2.46 -1.12 -7.04
N ILE A 20 2.39 -2.29 -7.65
CA ILE A 20 3.26 -2.61 -8.78
C ILE A 20 3.00 -1.62 -9.91
N GLN A 21 1.73 -1.37 -10.20
CA GLN A 21 1.37 -0.43 -11.24
C GLN A 21 1.86 0.97 -10.88
N LEU A 22 1.75 1.30 -9.60
CA LEU A 22 2.17 2.61 -9.10
C LEU A 22 3.66 2.85 -9.35
N ASP A 23 4.44 1.77 -9.39
CA ASP A 23 5.88 1.92 -9.61
C ASP A 23 6.16 2.78 -10.83
N GLY A 24 7.16 3.66 -10.72
CA GLY A 24 7.52 4.53 -11.82
C GLY A 24 8.61 5.51 -11.40
N LYS A 25 8.86 6.51 -12.25
CA LYS A 25 9.92 7.48 -12.04
C LYS A 25 9.76 8.27 -10.75
N LEU A 26 8.56 8.73 -10.40
CA LEU A 26 8.37 9.44 -9.14
C LEU A 26 9.39 10.57 -8.94
N GLY A 27 9.54 11.42 -9.95
CA GLY A 27 10.52 12.50 -9.93
C GLY A 27 10.47 13.66 -8.94
N LEU A 28 9.30 14.17 -8.59
CA LEU A 28 9.21 15.35 -7.72
C LEU A 28 9.81 15.28 -6.30
N LEU A 29 9.54 14.22 -5.55
CA LEU A 29 10.10 14.11 -4.20
C LEU A 29 11.05 12.92 -4.16
N GLY A 30 10.81 12.04 -5.12
CA GLY A 30 11.56 10.80 -5.33
C GLY A 30 11.08 9.57 -4.58
N GLY A 31 10.14 9.73 -3.66
CA GLY A 31 9.61 8.60 -2.90
C GLY A 31 10.73 7.82 -2.24
N ASN A 32 10.71 6.49 -2.35
CA ASN A 32 11.76 5.65 -1.77
C ASN A 32 12.03 4.47 -2.70
N THR A 33 13.26 3.95 -2.67
CA THR A 33 13.57 2.79 -3.51
C THR A 33 13.86 1.57 -2.63
N ARG A 34 13.19 0.47 -2.94
CA ARG A 34 13.37 -0.78 -2.19
C ARG A 34 13.48 -1.94 -3.16
N GLN A 35 14.24 -2.96 -2.78
CA GLN A 35 14.41 -4.13 -3.65
C GLN A 35 13.20 -5.05 -3.54
N LEU A 36 12.66 -5.46 -4.69
CA LEU A 36 11.51 -6.34 -4.70
C LEU A 36 11.93 -7.75 -4.30
N GLU A 37 11.00 -8.52 -3.74
CA GLU A 37 11.31 -9.88 -3.31
C GLU A 37 11.85 -10.70 -4.47
N ASP A 38 11.59 -10.23 -5.68
CA ASP A 38 12.06 -10.92 -6.88
C ASP A 38 13.44 -10.40 -7.28
N GLY A 39 13.95 -9.45 -6.49
CA GLY A 39 15.27 -8.88 -6.77
C GLY A 39 15.18 -7.75 -7.79
N ARG A 40 13.95 -7.27 -8.03
CA ARG A 40 13.74 -6.18 -8.99
C ARG A 40 13.67 -4.83 -8.26
N VAL A 41 14.46 -3.87 -8.71
CA VAL A 41 14.46 -2.55 -8.08
C VAL A 41 13.19 -1.78 -8.45
N ILE A 42 12.49 -1.29 -7.44
CA ILE A 42 11.26 -0.52 -7.64
C ILE A 42 11.30 0.77 -6.83
N ASN A 43 10.47 1.74 -7.21
CA ASN A 43 10.42 3.02 -6.50
C ASN A 43 8.98 3.38 -6.19
N ILE A 44 8.71 3.64 -4.91
CA ILE A 44 7.36 3.97 -4.45
C ILE A 44 7.42 4.93 -3.26
N PRO A 45 6.36 5.66 -2.94
CA PRO A 45 6.37 6.59 -1.78
C PRO A 45 6.82 5.88 -0.49
N ASN A 46 7.22 6.66 0.50
CA ASN A 46 7.70 6.09 1.76
C ASN A 46 6.61 5.22 2.38
N GLY A 47 5.37 5.69 2.35
CA GLY A 47 4.27 4.93 2.90
C GLY A 47 4.10 3.59 2.17
N ALA A 48 4.27 3.63 0.85
CA ALA A 48 4.15 2.42 0.06
C ALA A 48 5.18 1.40 0.51
N ALA A 49 6.38 1.89 0.84
CA ALA A 49 7.46 1.03 1.31
C ALA A 49 7.07 0.35 2.63
N MET A 50 6.39 1.08 3.49
CA MET A 50 5.99 0.56 4.79
C MET A 50 5.08 -0.67 4.65
N ILE A 51 4.07 -0.57 3.78
CA ILE A 51 3.15 -1.70 3.60
C ILE A 51 3.89 -2.87 2.94
N PHE A 52 4.92 -2.58 2.16
CA PHE A 52 5.68 -3.63 1.52
C PHE A 52 6.29 -4.54 2.59
N ASP A 53 6.88 -3.91 3.60
CA ASP A 53 7.49 -4.66 4.70
C ASP A 53 6.43 -5.50 5.40
N ASP A 54 5.23 -4.95 5.55
CA ASP A 54 4.15 -5.69 6.21
C ASP A 54 3.84 -6.97 5.44
N TYR A 55 3.89 -6.89 4.11
CA TYR A 55 3.64 -8.07 3.29
C TYR A 55 4.67 -9.16 3.62
N LYS A 56 5.93 -8.74 3.72
CA LYS A 56 7.01 -9.67 4.03
C LYS A 56 6.73 -10.40 5.34
N LYS A 57 6.18 -9.69 6.31
CA LYS A 57 5.86 -10.28 7.60
C LYS A 57 4.86 -11.41 7.46
N TYR A 58 3.90 -11.23 6.58
CA TYR A 58 2.92 -12.26 6.35
C TYR A 58 3.62 -13.54 5.91
N LYS A 59 4.66 -13.38 5.11
CA LYS A 59 5.43 -14.53 4.62
C LYS A 59 6.34 -15.06 5.73
N GLN A 60 7.01 -14.14 6.41
CA GLN A 60 7.92 -14.51 7.48
C GLN A 60 7.17 -15.21 8.61
N GLY A 61 5.91 -14.84 8.78
CA GLY A 61 5.07 -15.41 9.83
C GLY A 61 5.01 -14.48 11.03
N GLU A 62 5.65 -13.33 10.91
CA GLU A 62 5.64 -12.36 12.00
C GLU A 62 4.22 -11.82 12.21
N LEU A 63 3.52 -11.62 11.09
CA LEU A 63 2.15 -11.14 11.12
C LEU A 63 1.21 -12.08 10.38
N THR A 64 -0.04 -12.12 10.80
CA THR A 64 -1.03 -12.96 10.16
C THR A 64 -1.59 -12.27 8.93
N ALA A 65 -2.35 -13.00 8.12
CA ALA A 65 -2.92 -12.42 6.91
C ALA A 65 -3.82 -11.24 7.28
N GLU A 66 -4.61 -11.41 8.34
CA GLU A 66 -5.50 -10.35 8.77
C GLU A 66 -4.73 -9.27 9.52
N SER A 67 -3.69 -9.67 10.23
CA SER A 67 -2.89 -8.70 10.98
C SER A 67 -2.22 -7.73 10.02
N ALA A 68 -1.62 -8.27 8.97
CA ALA A 68 -0.96 -7.43 7.97
C ALA A 68 -1.97 -6.54 7.29
N LEU A 69 -3.12 -7.10 6.97
CA LEU A 69 -4.19 -6.36 6.32
C LEU A 69 -4.67 -5.24 7.23
N GLU A 70 -4.86 -5.58 8.50
CA GLU A 70 -5.32 -4.63 9.50
C GLU A 70 -4.30 -3.50 9.69
N SER A 71 -3.02 -3.88 9.71
CA SER A 71 -1.95 -2.91 9.92
C SER A 71 -1.91 -1.89 8.79
N MET A 72 -2.03 -2.37 7.55
CA MET A 72 -1.98 -1.50 6.39
C MET A 72 -3.11 -0.47 6.42
N ILE A 73 -4.29 -0.91 6.82
CA ILE A 73 -5.46 -0.03 6.88
C ILE A 73 -5.26 1.11 7.89
N LYS A 74 -4.77 0.76 9.08
CA LYS A 74 -4.58 1.77 10.13
C LYS A 74 -3.60 2.87 9.70
N ILE A 75 -2.49 2.48 9.07
CA ILE A 75 -1.51 3.47 8.65
C ILE A 75 -2.02 4.23 7.43
N ALA A 76 -2.81 3.56 6.61
CA ALA A 76 -3.36 4.20 5.43
C ALA A 76 -4.26 5.36 5.83
N LYS A 77 -5.05 5.15 6.88
CA LYS A 77 -5.94 6.20 7.36
C LYS A 77 -5.11 7.38 7.85
N LEU A 78 -4.03 7.08 8.57
CA LEU A 78 -3.15 8.12 9.07
C LEU A 78 -2.51 8.88 7.91
N SER A 79 -2.03 8.14 6.92
CA SER A 79 -1.41 8.74 5.76
C SER A 79 -2.41 9.61 5.01
N ASN A 80 -3.62 9.10 4.88
CA ASN A 80 -4.68 9.83 4.18
C ASN A 80 -4.99 11.13 4.92
N GLN A 81 -5.01 11.06 6.24
CA GLN A 81 -5.31 12.24 7.05
C GLN A 81 -4.28 13.34 6.79
N LEU A 82 -3.00 12.97 6.76
CA LEU A 82 -1.94 13.94 6.52
C LEU A 82 -1.95 14.34 5.04
N ASN A 83 -2.43 13.44 4.19
CA ASN A 83 -2.49 13.70 2.76
C ASN A 83 -3.35 14.91 2.45
N ARG A 84 -4.46 15.04 3.18
CA ARG A 84 -5.37 16.17 2.97
C ARG A 84 -4.62 17.48 3.20
N HIS A 85 -3.81 17.53 4.25
CA HIS A 85 -3.04 18.73 4.54
C HIS A 85 -2.10 19.04 3.39
N THR A 86 -1.42 18.02 2.90
CA THR A 86 -0.48 18.18 1.80
C THR A 86 -1.21 18.69 0.55
N PHE A 87 -0.58 19.62 -0.16
CA PHE A 87 -1.19 20.19 -1.35
C PHE A 87 -1.37 19.12 -2.43
N PHE A 88 -2.45 19.23 -3.18
CA PHE A 88 -2.75 18.26 -4.24
C PHE A 88 -1.67 18.28 -5.31
N ASN A 89 -1.21 19.48 -5.66
CA ASN A 89 -0.19 19.65 -6.68
C ASN A 89 1.13 18.99 -6.29
N GLN A 90 1.50 19.11 -5.01
CA GLN A 90 2.76 18.53 -4.54
C GLN A 90 2.75 17.02 -4.64
N ARG A 91 1.60 16.39 -4.34
CA ARG A 91 1.51 14.93 -4.39
C ARG A 91 0.98 14.48 -5.75
N GLN A 92 1.43 13.31 -6.20
CA GLN A 92 0.98 12.77 -7.47
C GLN A 92 -0.43 12.20 -7.32
N PRO A 93 -1.25 12.26 -8.35
CA PRO A 93 -2.64 11.73 -8.28
C PRO A 93 -2.67 10.21 -8.15
N GLU A 94 -1.68 9.55 -8.74
CA GLU A 94 -1.61 8.09 -8.67
C GLU A 94 -1.41 7.61 -7.23
N THR A 95 -0.54 8.30 -6.50
CA THR A 95 -0.27 7.95 -5.11
C THR A 95 -1.51 8.16 -4.25
N GLY A 96 -2.19 9.28 -4.46
CA GLY A 96 -3.39 9.60 -3.70
C GLY A 96 -4.46 8.55 -3.93
N GLN A 97 -4.58 8.09 -5.17
CA GLN A 97 -5.58 7.09 -5.51
C GLN A 97 -5.36 5.80 -4.72
N PHE A 98 -4.12 5.38 -4.63
CA PHE A 98 -3.79 4.15 -3.90
C PHE A 98 -4.23 4.25 -2.44
N TYR A 99 -3.93 5.36 -1.79
CA TYR A 99 -4.31 5.53 -0.39
C TYR A 99 -5.82 5.44 -0.21
N LYS A 100 -6.57 6.04 -1.13
CA LYS A 100 -8.02 6.02 -1.04
C LYS A 100 -8.56 4.59 -1.08
N LYS A 101 -8.05 3.80 -2.03
CA LYS A 101 -8.48 2.42 -2.18
C LYS A 101 -8.13 1.58 -0.96
N VAL A 102 -6.94 1.81 -0.40
CA VAL A 102 -6.50 1.03 0.75
C VAL A 102 -7.43 1.25 1.95
N ALA A 103 -7.78 2.50 2.21
CA ALA A 103 -8.66 2.83 3.34
C ALA A 103 -10.04 2.18 3.19
N ALA A 104 -10.57 2.19 1.98
CA ALA A 104 -11.90 1.61 1.71
C ALA A 104 -11.79 0.42 0.76
N ILE A 105 -10.64 -0.25 0.79
CA ILE A 105 -10.43 -1.39 -0.09
C ILE A 105 -11.60 -2.37 -0.02
N ASP A 106 -11.91 -2.99 -1.15
CA ASP A 106 -13.00 -3.95 -1.22
C ASP A 106 -12.97 -4.70 -2.54
N LEU A 107 -12.65 -5.98 -2.47
CA LEU A 107 -12.58 -6.82 -3.67
C LEU A 107 -13.94 -6.88 -4.34
N GLN A 108 -14.99 -7.07 -3.54
CA GLN A 108 -16.34 -7.17 -4.07
C GLN A 108 -17.37 -6.96 -2.97
N SER A 1 -23.54 -4.38 4.82
CA SER A 1 -22.26 -3.95 5.47
C SER A 1 -21.16 -4.95 5.13
N ASP A 2 -21.12 -6.06 5.86
CA ASP A 2 -20.11 -7.08 5.62
C ASP A 2 -20.25 -7.65 4.20
N GLU A 3 -19.13 -7.85 3.52
CA GLU A 3 -19.14 -8.38 2.17
C GLU A 3 -19.37 -9.89 2.12
N LYS A 4 -18.66 -10.63 2.98
CA LYS A 4 -18.79 -12.08 3.03
C LYS A 4 -18.59 -12.71 1.66
N ILE A 5 -17.70 -12.15 0.85
CA ILE A 5 -17.42 -12.68 -0.48
C ILE A 5 -15.99 -12.33 -0.92
N LYS A 6 -15.07 -12.33 0.04
CA LYS A 6 -13.67 -12.00 -0.24
C LYS A 6 -12.74 -12.73 0.71
N THR A 7 -11.45 -12.79 0.36
CA THR A 7 -10.44 -13.45 1.19
C THR A 7 -9.28 -12.52 1.46
N ALA A 8 -8.53 -12.79 2.53
CA ALA A 8 -7.40 -11.96 2.88
C ALA A 8 -6.36 -11.98 1.77
N HIS A 9 -6.12 -13.16 1.22
CA HIS A 9 -5.14 -13.31 0.14
C HIS A 9 -5.54 -12.51 -1.09
N ASP A 10 -6.82 -12.57 -1.46
CA ASP A 10 -7.30 -11.87 -2.63
C ASP A 10 -7.17 -10.35 -2.46
N LEU A 11 -7.59 -9.86 -1.30
CA LEU A 11 -7.53 -8.42 -1.02
C LEU A 11 -6.08 -7.93 -1.05
N ILE A 12 -5.20 -8.69 -0.42
CA ILE A 12 -3.78 -8.34 -0.37
C ILE A 12 -3.20 -8.28 -1.79
N ASP A 13 -3.56 -9.26 -2.61
CA ASP A 13 -3.05 -9.33 -3.97
C ASP A 13 -3.47 -8.12 -4.80
N GLU A 14 -4.71 -7.68 -4.62
CA GLU A 14 -5.22 -6.55 -5.38
C GLU A 14 -4.44 -5.26 -5.10
N ILE A 15 -4.13 -5.01 -3.83
CA ILE A 15 -3.39 -3.80 -3.48
C ILE A 15 -1.94 -3.86 -3.94
N ILE A 16 -1.35 -5.06 -3.91
CA ILE A 16 0.03 -5.22 -4.35
C ILE A 16 0.17 -4.88 -5.83
N GLN A 17 -0.79 -5.35 -6.62
CA GLN A 17 -0.77 -5.08 -8.06
C GLN A 17 -0.88 -3.59 -8.33
N ASP A 18 -1.73 -2.92 -7.56
CA ASP A 18 -1.91 -1.47 -7.75
C ASP A 18 -0.60 -0.75 -7.48
N VAL A 19 0.13 -1.20 -6.47
CA VAL A 19 1.41 -0.60 -6.12
C VAL A 19 2.38 -0.74 -7.29
N ILE A 20 2.42 -1.93 -7.88
CA ILE A 20 3.30 -2.19 -9.00
C ILE A 20 2.96 -1.26 -10.17
N GLN A 21 1.67 -1.10 -10.43
CA GLN A 21 1.22 -0.22 -11.52
C GLN A 21 1.65 1.21 -11.27
N LEU A 22 1.55 1.66 -10.02
CA LEU A 22 1.94 3.02 -9.65
C LEU A 22 3.44 3.22 -9.79
N ASP A 23 4.20 2.12 -9.71
CA ASP A 23 5.65 2.21 -9.82
C ASP A 23 6.06 2.95 -11.08
N GLY A 24 7.05 3.83 -10.96
CA GLY A 24 7.53 4.60 -12.10
C GLY A 24 8.99 4.97 -11.95
N LYS A 25 9.50 5.75 -12.89
CA LYS A 25 10.90 6.18 -12.88
C LYS A 25 11.06 7.49 -12.10
N LEU A 26 10.00 7.91 -11.41
CA LEU A 26 10.05 9.15 -10.65
C LEU A 26 11.27 9.18 -9.74
N GLY A 27 12.06 10.24 -9.88
CA GLY A 27 13.26 10.43 -9.08
C GLY A 27 13.00 11.42 -7.94
N LEU A 28 11.73 11.73 -7.74
CA LEU A 28 11.33 12.68 -6.71
C LEU A 28 11.82 12.22 -5.34
N LEU A 29 12.16 13.18 -4.48
CA LEU A 29 12.64 12.89 -3.14
C LEU A 29 11.57 12.17 -2.33
N GLY A 30 10.32 12.56 -2.52
CA GLY A 30 9.22 11.94 -1.79
C GLY A 30 9.17 10.45 -2.08
N GLY A 31 9.45 10.10 -3.33
CA GLY A 31 9.44 8.70 -3.73
C GLY A 31 10.61 7.95 -3.11
N ASN A 32 10.38 6.68 -2.77
CA ASN A 32 11.41 5.84 -2.16
C ASN A 32 11.66 4.60 -3.02
N THR A 33 12.89 4.11 -3.00
CA THR A 33 13.26 2.93 -3.78
C THR A 33 13.57 1.75 -2.86
N ARG A 34 12.91 0.62 -3.11
CA ARG A 34 13.11 -0.58 -2.31
C ARG A 34 13.27 -1.79 -3.22
N GLN A 35 14.05 -2.76 -2.79
CA GLN A 35 14.28 -3.95 -3.59
C GLN A 35 13.12 -4.94 -3.45
N LEU A 36 12.58 -5.37 -4.58
CA LEU A 36 11.47 -6.31 -4.57
C LEU A 36 11.96 -7.69 -4.14
N GLU A 37 11.07 -8.49 -3.59
CA GLU A 37 11.44 -9.83 -3.14
C GLU A 37 12.03 -10.63 -4.30
N ASP A 38 11.74 -10.19 -5.52
CA ASP A 38 12.26 -10.85 -6.71
C ASP A 38 13.62 -10.27 -7.08
N GLY A 39 14.08 -9.30 -6.29
CA GLY A 39 15.37 -8.66 -6.54
C GLY A 39 15.24 -7.55 -7.59
N ARG A 40 14.01 -7.13 -7.87
CA ARG A 40 13.76 -6.08 -8.85
C ARG A 40 13.62 -4.72 -8.15
N VAL A 41 14.38 -3.74 -8.62
CA VAL A 41 14.32 -2.39 -8.03
C VAL A 41 13.03 -1.69 -8.44
N ILE A 42 12.31 -1.18 -7.45
CA ILE A 42 11.05 -0.46 -7.71
C ILE A 42 11.04 0.86 -6.97
N ASN A 43 10.25 1.82 -7.46
CA ASN A 43 10.15 3.14 -6.84
C ASN A 43 8.70 3.47 -6.56
N ILE A 44 8.39 3.75 -5.29
CA ILE A 44 7.01 4.07 -4.89
C ILE A 44 7.02 5.03 -3.68
N PRO A 45 5.94 5.74 -3.40
CA PRO A 45 5.90 6.67 -2.23
C PRO A 45 6.26 5.98 -0.92
N ASN A 46 6.82 6.73 0.01
CA ASN A 46 7.22 6.16 1.29
C ASN A 46 6.08 5.35 1.90
N GLY A 47 4.85 5.83 1.73
CA GLY A 47 3.69 5.12 2.27
C GLY A 47 3.57 3.74 1.64
N ALA A 48 3.79 3.67 0.34
CA ALA A 48 3.72 2.41 -0.38
C ALA A 48 4.78 1.46 0.16
N ALA A 49 5.95 2.02 0.47
CA ALA A 49 7.06 1.25 1.01
C ALA A 49 6.71 0.66 2.37
N MET A 50 6.00 1.43 3.19
CA MET A 50 5.63 0.98 4.52
C MET A 50 4.77 -0.28 4.46
N ILE A 51 3.75 -0.29 3.60
CA ILE A 51 2.90 -1.46 3.49
C ILE A 51 3.67 -2.62 2.87
N PHE A 52 4.66 -2.30 2.04
CA PHE A 52 5.47 -3.34 1.42
C PHE A 52 6.17 -4.14 2.50
N ASP A 53 6.72 -3.44 3.49
CA ASP A 53 7.41 -4.11 4.58
C ASP A 53 6.44 -5.01 5.34
N ASP A 54 5.21 -4.54 5.51
CA ASP A 54 4.20 -5.32 6.20
C ASP A 54 3.95 -6.64 5.46
N TYR A 55 3.92 -6.55 4.14
CA TYR A 55 3.72 -7.74 3.32
C TYR A 55 4.83 -8.75 3.59
N LYS A 56 6.07 -8.26 3.61
CA LYS A 56 7.23 -9.10 3.85
C LYS A 56 7.08 -9.87 5.16
N LYS A 57 6.52 -9.21 6.16
CA LYS A 57 6.33 -9.84 7.46
C LYS A 57 5.39 -11.03 7.35
N TYR A 58 4.36 -10.90 6.52
CA TYR A 58 3.44 -12.00 6.34
C TYR A 58 4.20 -13.22 5.84
N LYS A 59 5.18 -12.97 4.97
CA LYS A 59 6.00 -14.07 4.42
C LYS A 59 6.99 -14.56 5.47
N GLN A 60 7.64 -13.61 6.14
CA GLN A 60 8.62 -13.95 7.17
C GLN A 60 7.96 -14.70 8.32
N GLY A 61 6.69 -14.41 8.54
CA GLY A 61 5.94 -15.06 9.62
C GLY A 61 5.90 -14.15 10.85
N GLU A 62 6.46 -12.96 10.72
CA GLU A 62 6.46 -12.01 11.81
C GLU A 62 5.03 -11.57 12.11
N LEU A 63 4.25 -11.39 11.04
CA LEU A 63 2.85 -10.98 11.16
C LEU A 63 1.94 -11.97 10.44
N THR A 64 0.71 -12.08 10.93
CA THR A 64 -0.27 -12.96 10.32
C THR A 64 -0.91 -12.27 9.12
N ALA A 65 -1.68 -13.02 8.34
CA ALA A 65 -2.33 -12.44 7.17
C ALA A 65 -3.26 -11.31 7.59
N GLU A 66 -4.01 -11.52 8.67
CA GLU A 66 -4.92 -10.51 9.15
C GLU A 66 -4.16 -9.42 9.92
N SER A 67 -3.08 -9.81 10.58
CA SER A 67 -2.30 -8.82 11.33
C SER A 67 -1.68 -7.82 10.37
N ALA A 68 -1.11 -8.34 9.28
CA ALA A 68 -0.51 -7.47 8.28
C ALA A 68 -1.56 -6.57 7.67
N LEU A 69 -2.72 -7.15 7.36
CA LEU A 69 -3.81 -6.38 6.77
C LEU A 69 -4.25 -5.31 7.76
N GLU A 70 -4.38 -5.70 9.01
CA GLU A 70 -4.80 -4.78 10.06
C GLU A 70 -3.82 -3.62 10.19
N SER A 71 -2.53 -3.93 10.14
CA SER A 71 -1.50 -2.91 10.26
C SER A 71 -1.55 -1.92 9.09
N MET A 72 -1.76 -2.45 7.88
CA MET A 72 -1.83 -1.61 6.69
C MET A 72 -2.99 -0.61 6.79
N ILE A 73 -4.11 -1.08 7.30
CA ILE A 73 -5.30 -0.24 7.43
C ILE A 73 -5.05 0.94 8.38
N LYS A 74 -4.46 0.66 9.53
CA LYS A 74 -4.21 1.72 10.52
C LYS A 74 -3.31 2.82 9.97
N ILE A 75 -2.24 2.44 9.28
CA ILE A 75 -1.34 3.45 8.72
C ILE A 75 -1.98 4.12 7.53
N ALA A 76 -2.87 3.40 6.85
CA ALA A 76 -3.56 3.96 5.70
C ALA A 76 -4.42 5.14 6.15
N LYS A 77 -5.08 4.99 7.29
CA LYS A 77 -5.93 6.04 7.82
C LYS A 77 -5.10 7.28 8.16
N LEU A 78 -3.94 7.07 8.77
CA LEU A 78 -3.07 8.20 9.11
C LEU A 78 -2.48 8.82 7.85
N SER A 79 -2.05 7.97 6.91
CA SER A 79 -1.49 8.46 5.65
C SER A 79 -2.53 9.24 4.86
N ASN A 80 -3.75 8.72 4.85
CA ASN A 80 -4.84 9.36 4.15
C ASN A 80 -5.12 10.74 4.74
N GLN A 81 -5.04 10.82 6.07
CA GLN A 81 -5.28 12.07 6.77
C GLN A 81 -4.27 13.12 6.32
N LEU A 82 -3.00 12.72 6.23
CA LEU A 82 -1.96 13.63 5.80
C LEU A 82 -2.18 14.08 4.36
N ASN A 83 -2.56 13.12 3.51
CA ASN A 83 -2.80 13.36 2.10
C ASN A 83 -4.08 14.16 1.84
N ARG A 84 -4.92 14.31 2.87
CA ARG A 84 -6.16 15.05 2.74
C ARG A 84 -6.12 16.31 3.59
N HIS A 85 -4.91 16.82 3.84
CA HIS A 85 -4.75 18.02 4.64
C HIS A 85 -3.63 18.92 4.10
N THR A 86 -2.42 18.38 4.01
CA THR A 86 -1.28 19.16 3.52
C THR A 86 -1.28 19.69 2.10
N PHE A 87 -0.74 18.88 1.19
CA PHE A 87 -0.53 19.27 -0.21
C PHE A 87 -1.08 18.25 -1.19
N PHE A 88 -2.12 18.66 -1.91
CA PHE A 88 -2.71 17.78 -2.93
C PHE A 88 -1.84 17.79 -4.18
N ASN A 89 -1.34 18.98 -4.54
CA ASN A 89 -0.50 19.12 -5.72
C ASN A 89 0.79 18.33 -5.59
N GLN A 90 1.36 18.32 -4.40
CA GLN A 90 2.62 17.60 -4.16
C GLN A 90 2.44 16.10 -4.35
N ARG A 91 1.28 15.58 -3.95
CA ARG A 91 1.00 14.15 -4.08
C ARG A 91 0.29 13.89 -5.40
N GLN A 92 0.70 12.81 -6.08
CA GLN A 92 0.09 12.47 -7.36
C GLN A 92 -1.32 11.92 -7.13
N PRO A 93 -2.23 12.13 -8.06
CA PRO A 93 -3.63 11.64 -7.92
C PRO A 93 -3.69 10.11 -7.91
N GLU A 94 -2.75 9.48 -8.60
CA GLU A 94 -2.70 8.03 -8.65
C GLU A 94 -2.45 7.45 -7.27
N THR A 95 -1.56 8.09 -6.52
CA THR A 95 -1.25 7.63 -5.17
C THR A 95 -2.43 7.85 -4.25
N GLY A 96 -3.15 8.96 -4.48
CA GLY A 96 -4.31 9.27 -3.66
C GLY A 96 -5.37 8.18 -3.77
N GLN A 97 -5.58 7.68 -4.99
CA GLN A 97 -6.56 6.64 -5.21
C GLN A 97 -6.14 5.36 -4.47
N PHE A 98 -4.85 5.07 -4.49
CA PHE A 98 -4.34 3.88 -3.82
C PHE A 98 -4.63 3.93 -2.32
N TYR A 99 -4.34 5.08 -1.70
CA TYR A 99 -4.56 5.23 -0.28
C TYR A 99 -6.04 5.01 0.06
N LYS A 100 -6.92 5.50 -0.80
CA LYS A 100 -8.35 5.35 -0.57
C LYS A 100 -8.78 3.88 -0.59
N LYS A 101 -8.27 3.12 -1.55
CA LYS A 101 -8.64 1.71 -1.67
C LYS A 101 -8.22 0.91 -0.44
N VAL A 102 -6.98 1.09 0.01
CA VAL A 102 -6.51 0.36 1.18
C VAL A 102 -7.24 0.83 2.44
N ALA A 103 -7.54 2.11 2.49
CA ALA A 103 -8.25 2.67 3.64
C ALA A 103 -9.67 2.10 3.71
N ALA A 104 -10.30 1.95 2.54
CA ALA A 104 -11.68 1.44 2.45
C ALA A 104 -11.74 0.06 1.79
N ILE A 105 -10.83 -0.84 2.14
CA ILE A 105 -10.68 -2.07 1.38
C ILE A 105 -12.01 -2.70 1.02
N ASP A 106 -12.14 -3.00 -0.27
CA ASP A 106 -13.40 -3.56 -0.76
C ASP A 106 -13.16 -4.31 -2.08
N LEU A 107 -13.06 -5.63 -1.99
CA LEU A 107 -12.84 -6.44 -3.18
C LEU A 107 -14.01 -6.26 -4.16
N GLN A 108 -15.23 -6.31 -3.63
CA GLN A 108 -16.41 -6.15 -4.48
C GLN A 108 -17.63 -5.83 -3.62
N SER A 1 -23.16 -11.42 4.77
CA SER A 1 -22.14 -10.67 3.98
C SER A 1 -21.18 -9.95 4.94
N ASP A 2 -20.77 -10.65 5.98
CA ASP A 2 -19.87 -10.07 6.97
C ASP A 2 -18.55 -9.68 6.32
N GLU A 3 -18.02 -10.57 5.48
CA GLU A 3 -16.76 -10.30 4.79
C GLU A 3 -17.01 -9.49 3.53
N LYS A 4 -16.18 -8.47 3.30
CA LYS A 4 -16.31 -7.63 2.13
C LYS A 4 -15.51 -8.19 0.96
N ILE A 5 -14.69 -9.20 1.24
CA ILE A 5 -13.87 -9.84 0.20
C ILE A 5 -13.91 -11.36 0.32
N LYS A 6 -13.61 -12.05 -0.78
CA LYS A 6 -13.63 -13.50 -0.77
C LYS A 6 -12.60 -14.05 0.20
N THR A 7 -11.40 -13.47 0.18
CA THR A 7 -10.33 -13.90 1.08
C THR A 7 -9.43 -12.72 1.42
N ALA A 8 -8.78 -12.79 2.58
CA ALA A 8 -7.87 -11.73 2.98
C ALA A 8 -6.70 -11.66 2.00
N HIS A 9 -6.24 -12.83 1.56
CA HIS A 9 -5.13 -12.92 0.63
C HIS A 9 -5.44 -12.21 -0.69
N ASP A 10 -6.64 -12.45 -1.23
CA ASP A 10 -7.02 -11.84 -2.49
C ASP A 10 -6.98 -10.32 -2.38
N LEU A 11 -7.47 -9.79 -1.27
CA LEU A 11 -7.48 -8.35 -1.05
C LEU A 11 -6.05 -7.82 -1.01
N ILE A 12 -5.18 -8.53 -0.30
CA ILE A 12 -3.79 -8.14 -0.19
C ILE A 12 -3.13 -8.09 -1.57
N ASP A 13 -3.41 -9.12 -2.37
CA ASP A 13 -2.83 -9.20 -3.71
C ASP A 13 -3.27 -8.02 -4.58
N GLU A 14 -4.53 -7.61 -4.44
CA GLU A 14 -5.06 -6.51 -5.24
C GLU A 14 -4.31 -5.20 -4.98
N ILE A 15 -4.06 -4.90 -3.72
CA ILE A 15 -3.36 -3.66 -3.38
C ILE A 15 -1.89 -3.72 -3.78
N ILE A 16 -1.29 -4.89 -3.70
CA ILE A 16 0.12 -5.04 -4.09
C ILE A 16 0.27 -4.72 -5.57
N GLN A 17 -0.65 -5.22 -6.38
CA GLN A 17 -0.61 -4.98 -7.81
C GLN A 17 -0.72 -3.48 -8.08
N ASP A 18 -1.57 -2.81 -7.32
CA ASP A 18 -1.76 -1.38 -7.47
C ASP A 18 -0.46 -0.64 -7.20
N VAL A 19 0.28 -1.11 -6.19
CA VAL A 19 1.55 -0.51 -5.84
C VAL A 19 2.53 -0.61 -7.01
N ILE A 20 2.57 -1.78 -7.64
CA ILE A 20 3.46 -2.01 -8.77
C ILE A 20 3.10 -1.04 -9.90
N GLN A 21 1.80 -0.93 -10.18
CA GLN A 21 1.33 -0.04 -11.23
C GLN A 21 1.67 1.40 -10.88
N LEU A 22 1.55 1.74 -9.60
CA LEU A 22 1.84 3.09 -9.12
C LEU A 22 3.29 3.45 -9.40
N ASP A 23 4.16 2.45 -9.42
CA ASP A 23 5.57 2.68 -9.68
C ASP A 23 5.77 3.45 -10.98
N GLY A 24 6.69 4.41 -10.97
CA GLY A 24 6.96 5.23 -12.16
C GLY A 24 8.41 5.68 -12.21
N LYS A 25 8.66 6.76 -12.95
CA LYS A 25 10.01 7.29 -13.11
C LYS A 25 10.29 8.36 -12.06
N LEU A 26 9.46 8.41 -11.03
CA LEU A 26 9.65 9.39 -9.96
C LEU A 26 11.00 9.20 -9.28
N GLY A 27 11.38 7.93 -9.10
CA GLY A 27 12.66 7.63 -8.47
C GLY A 27 12.74 8.17 -7.05
N LEU A 28 13.91 8.69 -6.69
CA LEU A 28 14.12 9.24 -5.35
C LEU A 28 13.19 10.42 -5.10
N LEU A 29 13.00 11.26 -6.12
CA LEU A 29 12.13 12.42 -5.98
C LEU A 29 10.67 11.99 -6.16
N GLY A 30 9.83 12.40 -5.22
CA GLY A 30 8.40 12.07 -5.29
C GLY A 30 8.13 10.66 -4.75
N GLY A 31 9.17 9.98 -4.26
CA GLY A 31 9.00 8.64 -3.72
C GLY A 31 10.33 8.05 -3.27
N ASN A 32 10.28 6.81 -2.75
CA ASN A 32 11.48 6.12 -2.29
C ASN A 32 11.74 4.88 -3.16
N THR A 33 13.01 4.47 -3.21
CA THR A 33 13.40 3.31 -4.01
C THR A 33 13.77 2.13 -3.10
N ARG A 34 13.13 0.99 -3.34
CA ARG A 34 13.37 -0.21 -2.56
C ARG A 34 13.51 -1.41 -3.50
N GLN A 35 14.34 -2.38 -3.10
CA GLN A 35 14.55 -3.56 -3.91
C GLN A 35 13.40 -4.56 -3.74
N LEU A 36 12.87 -5.03 -4.85
CA LEU A 36 11.78 -5.99 -4.82
C LEU A 36 12.29 -7.35 -4.35
N GLU A 37 11.40 -8.16 -3.81
CA GLU A 37 11.80 -9.48 -3.33
C GLU A 37 12.48 -10.24 -4.46
N ASP A 38 11.97 -10.06 -5.67
CA ASP A 38 12.54 -10.73 -6.84
C ASP A 38 13.93 -10.16 -7.14
N GLY A 39 14.27 -9.05 -6.48
CA GLY A 39 15.58 -8.42 -6.69
C GLY A 39 15.50 -7.30 -7.72
N ARG A 40 14.27 -6.90 -8.05
CA ARG A 40 14.05 -5.83 -9.04
C ARG A 40 13.86 -4.49 -8.34
N VAL A 41 14.66 -3.49 -8.75
CA VAL A 41 14.55 -2.17 -8.15
C VAL A 41 13.26 -1.49 -8.60
N ILE A 42 12.48 -1.02 -7.62
CA ILE A 42 11.22 -0.33 -7.91
C ILE A 42 11.15 0.98 -7.14
N ASN A 43 10.29 1.89 -7.58
CA ASN A 43 10.13 3.18 -6.91
C ASN A 43 8.68 3.43 -6.56
N ILE A 44 8.41 3.66 -5.28
CA ILE A 44 7.05 3.90 -4.81
C ILE A 44 7.06 4.86 -3.61
N PRO A 45 5.96 5.52 -3.29
CA PRO A 45 5.91 6.45 -2.12
C PRO A 45 6.39 5.78 -0.84
N ASN A 46 6.98 6.56 0.06
CA ASN A 46 7.48 6.00 1.31
C ASN A 46 6.41 5.13 1.98
N GLY A 47 5.16 5.56 1.89
CA GLY A 47 4.06 4.79 2.47
C GLY A 47 3.94 3.43 1.80
N ALA A 48 4.09 3.41 0.49
CA ALA A 48 4.00 2.17 -0.27
C ALA A 48 5.11 1.22 0.20
N ALA A 49 6.28 1.77 0.48
CA ALA A 49 7.39 0.97 0.95
C ALA A 49 7.03 0.28 2.26
N MET A 50 6.30 0.99 3.11
CA MET A 50 5.90 0.46 4.41
C MET A 50 5.02 -0.79 4.24
N ILE A 51 4.06 -0.74 3.32
CA ILE A 51 3.18 -1.89 3.12
C ILE A 51 3.97 -3.09 2.60
N PHE A 52 5.03 -2.82 1.84
CA PHE A 52 5.87 -3.90 1.31
C PHE A 52 6.46 -4.70 2.45
N ASP A 53 6.99 -4.00 3.45
CA ASP A 53 7.59 -4.66 4.61
C ASP A 53 6.55 -5.52 5.31
N ASP A 54 5.33 -4.99 5.42
CA ASP A 54 4.25 -5.73 6.07
C ASP A 54 3.99 -7.03 5.34
N TYR A 55 4.04 -6.99 4.01
CA TYR A 55 3.81 -8.18 3.21
C TYR A 55 4.84 -9.24 3.56
N LYS A 56 6.10 -8.83 3.64
CA LYS A 56 7.19 -9.74 3.96
C LYS A 56 6.94 -10.43 5.29
N LYS A 57 6.39 -9.69 6.24
CA LYS A 57 6.09 -10.24 7.56
C LYS A 57 5.09 -11.37 7.46
N TYR A 58 4.12 -11.22 6.60
CA TYR A 58 3.12 -12.26 6.42
C TYR A 58 3.83 -13.56 6.02
N LYS A 59 4.85 -13.41 5.18
CA LYS A 59 5.62 -14.58 4.72
C LYS A 59 6.54 -15.09 5.84
N GLN A 60 7.23 -14.14 6.49
CA GLN A 60 8.15 -14.48 7.56
C GLN A 60 7.40 -15.14 8.72
N GLY A 61 6.14 -14.76 8.88
CA GLY A 61 5.31 -15.30 9.96
C GLY A 61 5.29 -14.33 11.14
N GLU A 62 5.92 -13.18 10.97
CA GLU A 62 5.94 -12.18 12.01
C GLU A 62 4.54 -11.65 12.23
N LEU A 63 3.81 -11.48 11.13
CA LEU A 63 2.43 -10.99 11.17
C LEU A 63 1.49 -11.96 10.47
N THR A 64 0.24 -11.96 10.92
CA THR A 64 -0.78 -12.82 10.33
C THR A 64 -1.36 -12.15 9.09
N ALA A 65 -2.11 -12.90 8.30
CA ALA A 65 -2.71 -12.33 7.09
C ALA A 65 -3.59 -11.15 7.44
N GLU A 66 -4.39 -11.29 8.50
CA GLU A 66 -5.26 -10.21 8.92
C GLU A 66 -4.47 -9.12 9.63
N SER A 67 -3.41 -9.51 10.33
CA SER A 67 -2.60 -8.54 11.05
C SER A 67 -1.93 -7.59 10.06
N ALA A 68 -1.35 -8.16 9.01
CA ALA A 68 -0.70 -7.36 7.98
C ALA A 68 -1.71 -6.46 7.30
N LEU A 69 -2.88 -7.00 7.00
CA LEU A 69 -3.94 -6.25 6.35
C LEU A 69 -4.39 -5.11 7.25
N GLU A 70 -4.55 -5.44 8.53
CA GLU A 70 -4.98 -4.45 9.52
C GLU A 70 -3.96 -3.34 9.66
N SER A 71 -2.69 -3.71 9.65
CA SER A 71 -1.60 -2.74 9.79
C SER A 71 -1.62 -1.73 8.63
N MET A 72 -1.81 -2.24 7.42
CA MET A 72 -1.83 -1.40 6.23
C MET A 72 -2.95 -0.37 6.31
N ILE A 73 -4.11 -0.81 6.79
CA ILE A 73 -5.28 0.07 6.90
C ILE A 73 -5.04 1.21 7.88
N LYS A 74 -4.47 0.91 9.04
CA LYS A 74 -4.23 1.92 10.06
C LYS A 74 -3.28 3.02 9.56
N ILE A 75 -2.23 2.63 8.86
CA ILE A 75 -1.28 3.62 8.35
C ILE A 75 -1.88 4.37 7.17
N ALA A 76 -2.72 3.69 6.42
CA ALA A 76 -3.37 4.32 5.27
C ALA A 76 -4.25 5.47 5.73
N LYS A 77 -4.98 5.25 6.83
CA LYS A 77 -5.85 6.27 7.37
C LYS A 77 -5.04 7.48 7.83
N LEU A 78 -3.91 7.21 8.48
CA LEU A 78 -3.05 8.29 8.96
C LEU A 78 -2.52 9.10 7.78
N SER A 79 -2.09 8.39 6.73
CA SER A 79 -1.57 9.06 5.55
C SER A 79 -2.65 9.89 4.89
N ASN A 80 -3.85 9.33 4.80
CA ASN A 80 -4.98 10.02 4.19
C ASN A 80 -5.33 11.27 5.00
N GLN A 81 -5.28 11.14 6.32
CA GLN A 81 -5.61 12.25 7.20
C GLN A 81 -4.63 13.41 6.97
N LEU A 82 -3.36 13.10 6.86
CA LEU A 82 -2.33 14.12 6.63
C LEU A 82 -2.51 14.70 5.22
N ASN A 83 -2.86 13.86 4.26
CA ASN A 83 -3.05 14.31 2.89
C ASN A 83 -4.15 15.36 2.81
N ARG A 84 -5.24 15.13 3.54
CA ARG A 84 -6.35 16.08 3.55
C ARG A 84 -5.91 17.42 4.12
N HIS A 85 -5.09 17.35 5.17
CA HIS A 85 -4.54 18.57 5.77
C HIS A 85 -3.63 19.22 4.72
N THR A 86 -2.89 18.36 4.00
CA THR A 86 -1.96 18.80 2.97
C THR A 86 -2.63 18.69 1.58
N PHE A 87 -2.30 19.62 0.68
CA PHE A 87 -2.89 19.63 -0.66
C PHE A 87 -2.56 18.40 -1.50
N PHE A 88 -3.56 17.95 -2.25
CA PHE A 88 -3.42 16.79 -3.12
C PHE A 88 -2.57 17.14 -4.35
N ASN A 89 -2.45 18.43 -4.62
CA ASN A 89 -1.68 18.88 -5.78
C ASN A 89 -0.21 18.46 -5.65
N GLN A 90 0.33 18.56 -4.43
CA GLN A 90 1.71 18.18 -4.21
C GLN A 90 1.92 16.69 -4.45
N ARG A 91 0.93 15.90 -4.07
CA ARG A 91 1.00 14.45 -4.25
C ARG A 91 0.36 14.05 -5.59
N GLN A 92 0.85 12.98 -6.19
CA GLN A 92 0.30 12.52 -7.46
C GLN A 92 -1.11 11.97 -7.24
N PRO A 93 -2.00 12.10 -8.21
CA PRO A 93 -3.39 11.61 -8.08
C PRO A 93 -3.46 10.08 -8.00
N GLU A 94 -2.52 9.41 -8.65
CA GLU A 94 -2.49 7.95 -8.64
C GLU A 94 -2.20 7.44 -7.23
N THR A 95 -1.27 8.11 -6.54
CA THR A 95 -0.92 7.72 -5.19
C THR A 95 -2.10 7.94 -4.25
N GLY A 96 -2.79 9.06 -4.42
CA GLY A 96 -3.94 9.37 -3.59
C GLY A 96 -5.01 8.30 -3.74
N GLN A 97 -5.19 7.82 -4.97
CA GLN A 97 -6.18 6.79 -5.24
C GLN A 97 -5.86 5.53 -4.46
N PHE A 98 -4.57 5.18 -4.39
CA PHE A 98 -4.14 3.99 -3.66
C PHE A 98 -4.58 4.08 -2.21
N TYR A 99 -4.31 5.21 -1.57
CA TYR A 99 -4.69 5.40 -0.16
C TYR A 99 -6.20 5.31 0.01
N LYS A 100 -6.95 5.90 -0.91
CA LYS A 100 -8.40 5.87 -0.82
C LYS A 100 -8.91 4.43 -0.88
N LYS A 101 -8.39 3.66 -1.83
CA LYS A 101 -8.79 2.27 -1.98
C LYS A 101 -8.45 1.46 -0.74
N VAL A 102 -7.25 1.67 -0.22
CA VAL A 102 -6.80 0.95 0.97
C VAL A 102 -7.71 1.27 2.16
N ALA A 103 -8.01 2.56 2.34
CA ALA A 103 -8.87 2.97 3.44
C ALA A 103 -10.28 2.39 3.28
N ALA A 104 -10.76 2.35 2.04
CA ALA A 104 -12.09 1.84 1.72
C ALA A 104 -12.04 0.45 1.09
N ILE A 105 -11.15 -0.40 1.57
CA ILE A 105 -10.85 -1.62 0.84
C ILE A 105 -12.09 -2.41 0.37
N ASP A 106 -12.15 -2.67 -0.94
CA ASP A 106 -13.23 -3.42 -1.53
C ASP A 106 -12.69 -4.26 -2.70
N LEU A 107 -12.70 -5.57 -2.52
CA LEU A 107 -12.28 -6.50 -3.56
C LEU A 107 -13.22 -6.42 -4.76
N GLN A 108 -14.52 -6.39 -4.48
CA GLN A 108 -15.51 -6.32 -5.54
C GLN A 108 -15.23 -7.36 -6.60
N SER A 1 -10.83 -7.78 11.64
CA SER A 1 -11.95 -8.75 11.60
C SER A 1 -13.22 -8.04 11.15
N ASP A 2 -13.59 -8.24 9.89
CA ASP A 2 -14.78 -7.61 9.32
C ASP A 2 -15.34 -8.44 8.17
N GLU A 3 -16.43 -7.98 7.58
CA GLU A 3 -17.05 -8.68 6.46
C GLU A 3 -16.08 -8.74 5.29
N LYS A 4 -15.92 -9.94 4.72
CA LYS A 4 -15.02 -10.13 3.58
C LYS A 4 -15.72 -10.94 2.48
N ILE A 5 -16.17 -10.22 1.46
CA ILE A 5 -16.80 -10.83 0.29
C ILE A 5 -15.75 -11.65 -0.44
N LYS A 6 -14.53 -11.14 -0.46
CA LYS A 6 -13.41 -11.77 -1.15
C LYS A 6 -12.30 -12.15 -0.17
N THR A 7 -11.48 -13.12 -0.57
CA THR A 7 -10.39 -13.62 0.26
C THR A 7 -9.29 -12.59 0.55
N ALA A 8 -8.65 -12.76 1.70
CA ALA A 8 -7.59 -11.86 2.12
C ALA A 8 -6.49 -11.77 1.08
N HIS A 9 -6.17 -12.91 0.47
CA HIS A 9 -5.13 -12.97 -0.53
C HIS A 9 -5.48 -12.11 -1.75
N ASP A 10 -6.74 -12.18 -2.18
CA ASP A 10 -7.17 -11.40 -3.34
C ASP A 10 -7.04 -9.91 -3.10
N LEU A 11 -7.44 -9.46 -1.91
CA LEU A 11 -7.37 -8.05 -1.57
C LEU A 11 -5.91 -7.59 -1.50
N ILE A 12 -5.08 -8.39 -0.87
CA ILE A 12 -3.66 -8.07 -0.74
C ILE A 12 -3.01 -7.98 -2.11
N ASP A 13 -3.33 -8.93 -2.98
CA ASP A 13 -2.77 -8.96 -4.33
C ASP A 13 -3.19 -7.71 -5.12
N GLU A 14 -4.43 -7.29 -4.94
CA GLU A 14 -4.95 -6.14 -5.66
C GLU A 14 -4.14 -4.88 -5.36
N ILE A 15 -3.84 -4.64 -4.09
CA ILE A 15 -3.08 -3.46 -3.71
C ILE A 15 -1.61 -3.57 -4.13
N ILE A 16 -1.06 -4.77 -4.07
CA ILE A 16 0.34 -4.97 -4.48
C ILE A 16 0.50 -4.64 -5.95
N GLN A 17 -0.44 -5.10 -6.77
CA GLN A 17 -0.38 -4.85 -8.21
C GLN A 17 -0.46 -3.36 -8.50
N ASP A 18 -1.33 -2.66 -7.77
CA ASP A 18 -1.48 -1.22 -7.98
C ASP A 18 -0.17 -0.51 -7.69
N VAL A 19 0.52 -0.94 -6.64
CA VAL A 19 1.79 -0.33 -6.27
C VAL A 19 2.82 -0.53 -7.39
N ILE A 20 2.86 -1.75 -7.94
CA ILE A 20 3.80 -2.07 -9.01
C ILE A 20 3.53 -1.18 -10.23
N GLN A 21 2.26 -1.00 -10.58
CA GLN A 21 1.92 -0.17 -11.73
C GLN A 21 2.40 1.26 -11.50
N LEU A 22 2.25 1.74 -10.27
CA LEU A 22 2.68 3.09 -9.93
C LEU A 22 4.21 3.19 -10.03
N ASP A 23 4.89 2.08 -9.81
CA ASP A 23 6.35 2.06 -9.87
C ASP A 23 6.84 2.47 -11.26
N GLY A 24 7.87 3.31 -11.29
CA GLY A 24 8.45 3.78 -12.55
C GLY A 24 7.80 5.08 -13.01
N LYS A 25 6.68 5.44 -12.37
CA LYS A 25 5.97 6.68 -12.71
C LYS A 25 6.34 7.77 -11.73
N LEU A 26 7.20 7.43 -10.77
CA LEU A 26 7.64 8.38 -9.75
C LEU A 26 8.40 9.54 -10.40
N GLY A 27 9.22 9.21 -11.40
CA GLY A 27 10.01 10.23 -12.07
C GLY A 27 10.95 10.92 -11.10
N LEU A 28 10.86 12.24 -11.01
CA LEU A 28 11.72 12.99 -10.11
C LEU A 28 11.65 12.39 -8.70
N LEU A 29 12.68 12.57 -7.89
CA LEU A 29 12.74 11.85 -6.61
C LEU A 29 11.94 12.37 -5.40
N GLY A 30 10.76 11.77 -5.16
CA GLY A 30 9.95 12.09 -4.01
C GLY A 30 9.57 10.88 -3.15
N GLY A 31 10.23 9.74 -3.36
CA GLY A 31 9.91 8.51 -2.64
C GLY A 31 11.10 7.63 -2.29
N ASN A 32 10.88 6.62 -1.44
CA ASN A 32 11.96 5.72 -1.06
C ASN A 32 12.02 4.50 -1.97
N THR A 33 13.22 4.01 -2.22
CA THR A 33 13.42 2.84 -3.08
C THR A 33 13.61 1.58 -2.23
N ARG A 34 12.79 0.57 -2.48
CA ARG A 34 12.86 -0.70 -1.74
C ARG A 34 13.05 -1.87 -2.71
N GLN A 35 13.98 -2.75 -2.37
CA GLN A 35 14.25 -3.91 -3.22
C GLN A 35 13.19 -4.98 -3.01
N LEU A 36 12.63 -5.48 -4.11
CA LEU A 36 11.61 -6.51 -4.04
C LEU A 36 12.24 -7.82 -3.60
N GLU A 37 11.41 -8.73 -3.07
CA GLU A 37 11.93 -10.01 -2.62
C GLU A 37 12.61 -10.73 -3.77
N ASP A 38 12.06 -10.55 -4.97
CA ASP A 38 12.62 -11.16 -6.16
C ASP A 38 13.97 -10.51 -6.50
N GLY A 39 14.27 -9.40 -5.83
CA GLY A 39 15.54 -8.68 -6.06
C GLY A 39 15.36 -7.57 -7.09
N ARG A 40 14.11 -7.22 -7.37
CA ARG A 40 13.82 -6.16 -8.34
C ARG A 40 13.67 -4.81 -7.63
N VAL A 41 14.45 -3.83 -8.05
CA VAL A 41 14.40 -2.51 -7.45
C VAL A 41 13.17 -1.75 -7.91
N ILE A 42 12.39 -1.25 -6.94
CA ILE A 42 11.18 -0.48 -7.25
C ILE A 42 11.17 0.81 -6.43
N ASN A 43 10.54 1.85 -6.97
CA ASN A 43 10.46 3.13 -6.27
C ASN A 43 9.01 3.49 -6.00
N ILE A 44 8.67 3.61 -4.72
CA ILE A 44 7.30 3.93 -4.31
C ILE A 44 7.31 4.89 -3.11
N PRO A 45 6.24 5.62 -2.84
CA PRO A 45 6.19 6.56 -1.67
C PRO A 45 6.52 5.85 -0.36
N ASN A 46 7.06 6.60 0.59
CA ASN A 46 7.42 6.01 1.88
C ASN A 46 6.24 5.23 2.45
N GLY A 47 5.03 5.74 2.26
CA GLY A 47 3.83 5.06 2.74
C GLY A 47 3.68 3.70 2.07
N ALA A 48 3.95 3.67 0.77
CA ALA A 48 3.86 2.42 0.02
C ALA A 48 4.87 1.42 0.58
N ALA A 49 6.03 1.94 0.93
CA ALA A 49 7.09 1.11 1.51
C ALA A 49 6.64 0.50 2.83
N MET A 50 5.90 1.28 3.61
CA MET A 50 5.43 0.82 4.92
C MET A 50 4.55 -0.43 4.78
N ILE A 51 3.59 -0.40 3.86
CA ILE A 51 2.73 -1.56 3.67
C ILE A 51 3.51 -2.72 3.08
N PHE A 52 4.55 -2.39 2.30
CA PHE A 52 5.38 -3.43 1.70
C PHE A 52 6.03 -4.26 2.79
N ASP A 53 6.56 -3.58 3.81
CA ASP A 53 7.21 -4.27 4.93
C ASP A 53 6.20 -5.18 5.61
N ASP A 54 4.98 -4.71 5.77
CA ASP A 54 3.93 -5.51 6.40
C ASP A 54 3.68 -6.79 5.59
N TYR A 55 3.71 -6.65 4.28
CA TYR A 55 3.51 -7.81 3.41
C TYR A 55 4.58 -8.85 3.68
N LYS A 56 5.83 -8.39 3.79
CA LYS A 56 6.95 -9.28 4.05
C LYS A 56 6.71 -10.08 5.33
N LYS A 57 6.13 -9.44 6.33
CA LYS A 57 5.85 -10.10 7.60
C LYS A 57 4.91 -11.27 7.40
N TYR A 58 3.93 -11.09 6.53
CA TYR A 58 2.99 -12.17 6.26
C TYR A 58 3.76 -13.38 5.78
N LYS A 59 4.79 -13.15 4.97
CA LYS A 59 5.62 -14.24 4.45
C LYS A 59 6.55 -14.77 5.54
N GLN A 60 7.18 -13.85 6.26
CA GLN A 60 8.10 -14.22 7.32
C GLN A 60 7.37 -15.01 8.41
N GLY A 61 6.09 -14.71 8.58
CA GLY A 61 5.27 -15.37 9.60
C GLY A 61 5.16 -14.51 10.84
N GLU A 62 5.75 -13.31 10.78
CA GLU A 62 5.68 -12.40 11.91
C GLU A 62 4.23 -11.94 12.12
N LEU A 63 3.53 -11.73 11.01
CA LEU A 63 2.13 -11.30 11.06
C LEU A 63 1.26 -12.24 10.25
N THR A 64 -0.01 -12.35 10.66
CA THR A 64 -0.96 -13.21 9.97
C THR A 64 -1.51 -12.48 8.75
N ALA A 65 -2.23 -13.19 7.90
CA ALA A 65 -2.80 -12.57 6.70
C ALA A 65 -3.74 -11.44 7.10
N GLU A 66 -4.56 -11.68 8.11
CA GLU A 66 -5.50 -10.67 8.57
C GLU A 66 -4.79 -9.62 9.41
N SER A 67 -3.75 -10.02 10.14
CA SER A 67 -3.02 -9.08 10.96
C SER A 67 -2.32 -8.05 10.07
N ALA A 68 -1.69 -8.54 9.01
CA ALA A 68 -1.01 -7.65 8.09
C ALA A 68 -2.02 -6.72 7.42
N LEU A 69 -3.15 -7.29 7.01
CA LEU A 69 -4.18 -6.50 6.38
C LEU A 69 -4.70 -5.45 7.34
N GLU A 70 -4.91 -5.86 8.59
CA GLU A 70 -5.40 -4.97 9.62
C GLU A 70 -4.42 -3.81 9.84
N SER A 71 -3.14 -4.13 9.89
CA SER A 71 -2.10 -3.12 10.10
C SER A 71 -2.08 -2.12 8.95
N MET A 72 -2.21 -2.62 7.72
CA MET A 72 -2.18 -1.76 6.54
C MET A 72 -3.33 -0.75 6.57
N ILE A 73 -4.50 -1.22 6.99
CA ILE A 73 -5.69 -0.38 7.05
C ILE A 73 -5.51 0.79 8.02
N LYS A 74 -4.98 0.50 9.20
CA LYS A 74 -4.81 1.55 10.21
C LYS A 74 -3.87 2.65 9.73
N ILE A 75 -2.76 2.28 9.12
CA ILE A 75 -1.81 3.29 8.63
C ILE A 75 -2.37 3.96 7.38
N ALA A 76 -3.18 3.22 6.62
CA ALA A 76 -3.78 3.77 5.43
C ALA A 76 -4.71 4.93 5.78
N LYS A 77 -5.48 4.75 6.85
CA LYS A 77 -6.40 5.79 7.30
C LYS A 77 -5.63 7.04 7.71
N LEU A 78 -4.53 6.86 8.42
CA LEU A 78 -3.73 7.99 8.86
C LEU A 78 -2.98 8.63 7.68
N SER A 79 -2.50 7.80 6.76
CA SER A 79 -1.74 8.30 5.61
C SER A 79 -2.58 9.23 4.74
N ASN A 80 -3.81 8.84 4.43
CA ASN A 80 -4.66 9.69 3.60
C ASN A 80 -5.16 10.88 4.42
N GLN A 81 -5.30 10.68 5.72
CA GLN A 81 -5.75 11.75 6.60
C GLN A 81 -4.74 12.88 6.58
N LEU A 82 -3.46 12.52 6.66
CA LEU A 82 -2.39 13.50 6.63
C LEU A 82 -2.36 14.19 5.27
N ASN A 83 -2.60 13.40 4.22
CA ASN A 83 -2.60 13.92 2.86
C ASN A 83 -3.65 15.02 2.71
N ARG A 84 -4.83 14.80 3.31
CA ARG A 84 -5.90 15.78 3.22
C ARG A 84 -5.45 17.11 3.82
N HIS A 85 -4.78 17.04 4.97
CA HIS A 85 -4.30 18.24 5.63
C HIS A 85 -3.31 18.97 4.73
N THR A 86 -2.38 18.21 4.16
CA THR A 86 -1.37 18.78 3.27
C THR A 86 -1.95 19.00 1.89
N PHE A 87 -1.24 19.76 1.06
CA PHE A 87 -1.70 20.05 -0.29
C PHE A 87 -1.56 18.82 -1.18
N PHE A 88 -2.56 18.59 -2.02
CA PHE A 88 -2.54 17.46 -2.94
C PHE A 88 -1.51 17.66 -4.05
N ASN A 89 -1.20 18.92 -4.33
CA ASN A 89 -0.24 19.24 -5.39
C ASN A 89 1.13 18.64 -5.07
N GLN A 90 1.53 18.67 -3.81
CA GLN A 90 2.82 18.13 -3.42
C GLN A 90 2.86 16.62 -3.65
N ARG A 91 1.74 15.96 -3.40
CA ARG A 91 1.65 14.51 -3.60
C ARG A 91 1.11 14.20 -5.00
N GLN A 92 1.55 13.09 -5.56
CA GLN A 92 1.10 12.69 -6.89
C GLN A 92 -0.36 12.20 -6.83
N PRO A 93 -1.26 12.68 -7.67
CA PRO A 93 -2.68 12.21 -7.66
C PRO A 93 -2.80 10.69 -7.69
N GLU A 94 -1.91 10.04 -8.42
CA GLU A 94 -1.94 8.58 -8.54
C GLU A 94 -1.73 7.92 -7.18
N THR A 95 -0.82 8.47 -6.38
CA THR A 95 -0.56 7.90 -5.06
C THR A 95 -1.77 8.09 -4.15
N GLY A 96 -2.43 9.24 -4.27
CA GLY A 96 -3.60 9.52 -3.44
C GLY A 96 -4.70 8.49 -3.72
N GLN A 97 -4.84 8.15 -5.00
CA GLN A 97 -5.85 7.18 -5.41
C GLN A 97 -5.60 5.82 -4.78
N PHE A 98 -4.32 5.42 -4.72
CA PHE A 98 -3.96 4.13 -4.13
C PHE A 98 -4.40 4.06 -2.67
N TYR A 99 -4.10 5.10 -1.92
CA TYR A 99 -4.45 5.13 -0.50
C TYR A 99 -5.95 5.04 -0.29
N LYS A 100 -6.72 5.70 -1.17
CA LYS A 100 -8.17 5.69 -1.04
C LYS A 100 -8.73 4.27 -1.14
N LYS A 101 -8.24 3.51 -2.11
CA LYS A 101 -8.70 2.14 -2.29
C LYS A 101 -8.37 1.27 -1.08
N VAL A 102 -7.18 1.47 -0.52
CA VAL A 102 -6.77 0.67 0.63
C VAL A 102 -7.73 0.88 1.79
N ALA A 103 -8.05 2.13 2.08
CA ALA A 103 -8.97 2.44 3.17
C ALA A 103 -10.35 1.86 2.90
N ALA A 104 -10.78 1.94 1.64
CA ALA A 104 -12.07 1.40 1.24
C ALA A 104 -12.06 -0.11 1.44
N ILE A 105 -10.92 -0.72 1.06
CA ILE A 105 -10.65 -2.15 1.19
C ILE A 105 -11.71 -3.07 0.57
N ASP A 106 -12.24 -2.67 -0.58
CA ASP A 106 -13.25 -3.49 -1.26
C ASP A 106 -12.77 -3.92 -2.64
N LEU A 107 -12.73 -5.23 -2.86
CA LEU A 107 -12.30 -5.74 -4.16
C LEU A 107 -13.34 -5.43 -5.23
N GLN A 108 -14.61 -5.63 -4.90
CA GLN A 108 -15.69 -5.36 -5.83
C GLN A 108 -15.54 -3.97 -6.43
N SER A 1 -21.76 -8.56 5.93
CA SER A 1 -21.54 -7.87 7.24
C SER A 1 -20.14 -8.20 7.76
N ASP A 2 -19.74 -9.45 7.59
CA ASP A 2 -18.42 -9.89 8.05
C ASP A 2 -17.32 -9.13 7.30
N GLU A 3 -16.24 -8.82 8.01
CA GLU A 3 -15.13 -8.12 7.40
C GLU A 3 -14.50 -8.94 6.29
N LYS A 4 -14.39 -10.25 6.50
CA LYS A 4 -13.78 -11.12 5.50
C LYS A 4 -14.80 -11.58 4.47
N ILE A 5 -14.98 -10.79 3.41
CA ILE A 5 -15.94 -11.14 2.37
C ILE A 5 -15.58 -12.43 1.64
N LYS A 6 -14.30 -12.57 1.26
CA LYS A 6 -13.85 -13.78 0.55
C LYS A 6 -12.52 -14.36 1.04
N THR A 7 -11.42 -13.67 0.76
CA THR A 7 -10.08 -14.12 1.15
C THR A 7 -9.10 -12.97 1.39
N ALA A 8 -8.13 -13.22 2.27
CA ALA A 8 -7.09 -12.23 2.55
C ALA A 8 -6.17 -12.07 1.35
N HIS A 9 -5.87 -13.18 0.69
CA HIS A 9 -4.97 -13.16 -0.46
C HIS A 9 -5.52 -12.31 -1.60
N ASP A 10 -6.82 -12.42 -1.87
CA ASP A 10 -7.43 -11.65 -2.95
C ASP A 10 -7.30 -10.14 -2.69
N LEU A 11 -7.54 -9.74 -1.44
CA LEU A 11 -7.46 -8.33 -1.08
C LEU A 11 -6.01 -7.85 -1.20
N ILE A 12 -5.10 -8.64 -0.65
CA ILE A 12 -3.68 -8.30 -0.69
C ILE A 12 -3.18 -8.19 -2.12
N ASP A 13 -3.59 -9.14 -2.95
CA ASP A 13 -3.16 -9.16 -4.35
C ASP A 13 -3.64 -7.92 -5.11
N GLU A 14 -4.87 -7.49 -4.82
CA GLU A 14 -5.43 -6.33 -5.50
C GLU A 14 -4.61 -5.06 -5.24
N ILE A 15 -4.23 -4.84 -3.99
CA ILE A 15 -3.46 -3.65 -3.65
C ILE A 15 -2.03 -3.73 -4.19
N ILE A 16 -1.45 -4.93 -4.20
CA ILE A 16 -0.09 -5.10 -4.71
C ILE A 16 -0.05 -4.75 -6.20
N GLN A 17 -1.07 -5.20 -6.93
CA GLN A 17 -1.13 -4.92 -8.36
C GLN A 17 -1.19 -3.43 -8.61
N ASP A 18 -1.98 -2.72 -7.81
CA ASP A 18 -2.09 -1.28 -7.96
C ASP A 18 -0.74 -0.62 -7.72
N VAL A 19 -0.01 -1.14 -6.73
CA VAL A 19 1.30 -0.61 -6.39
C VAL A 19 2.26 -0.79 -7.57
N ILE A 20 2.22 -1.96 -8.19
CA ILE A 20 3.09 -2.24 -9.32
C ILE A 20 2.84 -1.26 -10.47
N GLN A 21 1.57 -1.05 -10.79
CA GLN A 21 1.23 -0.10 -11.87
C GLN A 21 1.70 1.31 -11.51
N LEU A 22 1.53 1.69 -10.24
CA LEU A 22 1.95 3.02 -9.80
C LEU A 22 3.48 3.15 -9.85
N ASP A 23 4.17 2.02 -9.70
CA ASP A 23 5.63 2.02 -9.73
C ASP A 23 6.14 2.61 -11.04
N GLY A 24 7.13 3.49 -10.95
CA GLY A 24 7.70 4.13 -12.13
C GLY A 24 9.19 4.41 -11.95
N LYS A 25 9.72 5.28 -12.80
CA LYS A 25 11.14 5.64 -12.76
C LYS A 25 11.37 6.89 -11.91
N LEU A 26 10.42 7.18 -11.02
CA LEU A 26 10.53 8.35 -10.17
C LEU A 26 11.82 8.31 -9.37
N GLY A 27 12.46 9.47 -9.21
CA GLY A 27 13.71 9.56 -8.46
C GLY A 27 13.46 9.59 -6.96
N LEU A 28 14.54 9.67 -6.19
CA LEU A 28 14.44 9.71 -4.73
C LEU A 28 14.15 11.14 -4.25
N LEU A 29 13.55 11.94 -5.13
CA LEU A 29 13.22 13.32 -4.79
C LEU A 29 12.23 13.36 -3.62
N GLY A 30 11.26 12.45 -3.64
CA GLY A 30 10.25 12.40 -2.59
C GLY A 30 9.71 10.99 -2.42
N GLY A 31 10.00 10.12 -3.40
CA GLY A 31 9.54 8.72 -3.36
C GLY A 31 10.69 7.80 -2.99
N ASN A 32 10.41 6.83 -2.13
CA ASN A 32 11.43 5.86 -1.70
C ASN A 32 11.39 4.63 -2.59
N THR A 33 12.52 3.93 -2.67
CA THR A 33 12.63 2.72 -3.49
C THR A 33 13.21 1.58 -2.66
N ARG A 34 12.66 0.38 -2.87
CA ARG A 34 13.12 -0.81 -2.14
C ARG A 34 13.25 -1.99 -3.10
N GLN A 35 14.16 -2.91 -2.79
CA GLN A 35 14.37 -4.07 -3.63
C GLN A 35 13.23 -5.07 -3.44
N LEU A 36 12.64 -5.51 -4.55
CA LEU A 36 11.54 -6.46 -4.51
C LEU A 36 12.07 -7.84 -4.12
N GLU A 37 11.20 -8.67 -3.53
CA GLU A 37 11.60 -10.00 -3.12
C GLU A 37 12.15 -10.78 -4.30
N ASP A 38 11.84 -10.31 -5.50
CA ASP A 38 12.29 -10.96 -6.73
C ASP A 38 13.64 -10.37 -7.15
N GLY A 39 14.12 -9.40 -6.37
CA GLY A 39 15.40 -8.76 -6.66
C GLY A 39 15.22 -7.60 -7.65
N ARG A 40 13.97 -7.21 -7.90
CA ARG A 40 13.68 -6.13 -8.83
C ARG A 40 13.51 -4.81 -8.07
N VAL A 41 14.29 -3.80 -8.45
CA VAL A 41 14.19 -2.50 -7.79
C VAL A 41 12.95 -1.76 -8.25
N ILE A 42 12.14 -1.29 -7.30
CA ILE A 42 10.92 -0.55 -7.60
C ILE A 42 10.90 0.77 -6.83
N ASN A 43 10.26 1.79 -7.41
CA ASN A 43 10.17 3.10 -6.77
C ASN A 43 8.72 3.46 -6.52
N ILE A 44 8.38 3.68 -5.24
CA ILE A 44 7.02 4.01 -4.85
C ILE A 44 7.04 4.99 -3.66
N PRO A 45 5.98 5.73 -3.40
CA PRO A 45 5.95 6.69 -2.25
C PRO A 45 6.31 6.02 -0.93
N ASN A 46 6.90 6.79 -0.02
CA ASN A 46 7.30 6.24 1.27
C ASN A 46 6.16 5.45 1.91
N GLY A 47 4.93 5.95 1.75
CA GLY A 47 3.77 5.27 2.31
C GLY A 47 3.61 3.89 1.69
N ALA A 48 3.82 3.81 0.38
CA ALA A 48 3.71 2.54 -0.33
C ALA A 48 4.74 1.57 0.23
N ALA A 49 5.92 2.10 0.54
CA ALA A 49 7.00 1.29 1.09
C ALA A 49 6.60 0.72 2.44
N MET A 50 5.87 1.50 3.23
CA MET A 50 5.45 1.06 4.56
C MET A 50 4.59 -0.20 4.47
N ILE A 51 3.60 -0.20 3.58
CA ILE A 51 2.75 -1.38 3.43
C ILE A 51 3.54 -2.53 2.80
N PHE A 52 4.53 -2.18 1.98
CA PHE A 52 5.36 -3.19 1.35
C PHE A 52 6.07 -4.01 2.42
N ASP A 53 6.62 -3.31 3.41
CA ASP A 53 7.31 -3.97 4.50
C ASP A 53 6.35 -4.91 5.23
N ASP A 54 5.12 -4.46 5.42
CA ASP A 54 4.11 -5.26 6.09
C ASP A 54 3.86 -6.56 5.31
N TYR A 55 3.84 -6.44 3.98
CA TYR A 55 3.64 -7.61 3.13
C TYR A 55 4.74 -8.64 3.39
N LYS A 56 5.98 -8.15 3.45
CA LYS A 56 7.13 -9.01 3.69
C LYS A 56 6.94 -9.81 4.99
N LYS A 57 6.38 -9.16 6.00
CA LYS A 57 6.16 -9.81 7.28
C LYS A 57 5.22 -10.99 7.14
N TYR A 58 4.22 -10.84 6.30
CA TYR A 58 3.28 -11.93 6.09
C TYR A 58 4.05 -13.15 5.58
N LYS A 59 5.04 -12.89 4.73
CA LYS A 59 5.86 -13.98 4.18
C LYS A 59 6.83 -14.50 5.24
N GLN A 60 7.48 -13.56 5.93
CA GLN A 60 8.45 -13.91 6.95
C GLN A 60 7.78 -14.68 8.09
N GLY A 61 6.49 -14.40 8.31
CA GLY A 61 5.73 -15.05 9.36
C GLY A 61 5.69 -14.16 10.60
N GLU A 62 6.27 -12.98 10.49
CA GLU A 62 6.26 -12.04 11.60
C GLU A 62 4.83 -11.60 11.89
N LEU A 63 4.05 -11.41 10.82
CA LEU A 63 2.66 -11.00 10.94
C LEU A 63 1.75 -11.99 10.20
N THR A 64 0.54 -12.13 10.68
CA THR A 64 -0.43 -13.02 10.06
C THR A 64 -1.08 -12.33 8.87
N ALA A 65 -1.83 -13.08 8.08
CA ALA A 65 -2.48 -12.52 6.91
C ALA A 65 -3.44 -11.40 7.34
N GLU A 66 -4.18 -11.65 8.42
CA GLU A 66 -5.11 -10.65 8.92
C GLU A 66 -4.38 -9.55 9.67
N SER A 67 -3.28 -9.91 10.33
CA SER A 67 -2.51 -8.91 11.07
C SER A 67 -1.91 -7.90 10.11
N ALA A 68 -1.33 -8.40 9.03
CA ALA A 68 -0.74 -7.51 8.03
C ALA A 68 -1.84 -6.65 7.40
N LEU A 69 -2.97 -7.27 7.11
CA LEU A 69 -4.09 -6.56 6.52
C LEU A 69 -4.58 -5.47 7.47
N GLU A 70 -4.70 -5.85 8.73
CA GLU A 70 -5.16 -4.93 9.76
C GLU A 70 -4.18 -3.75 9.92
N SER A 71 -2.90 -4.06 9.90
CA SER A 71 -1.87 -3.03 10.06
C SER A 71 -1.89 -2.02 8.91
N MET A 72 -2.04 -2.53 7.68
CA MET A 72 -2.06 -1.66 6.51
C MET A 72 -3.22 -0.66 6.58
N ILE A 73 -4.37 -1.15 7.01
CA ILE A 73 -5.56 -0.32 7.11
C ILE A 73 -5.38 0.84 8.09
N LYS A 74 -4.83 0.54 9.26
CA LYS A 74 -4.65 1.58 10.28
C LYS A 74 -3.73 2.70 9.80
N ILE A 75 -2.63 2.35 9.13
CA ILE A 75 -1.72 3.37 8.64
C ILE A 75 -2.29 4.08 7.42
N ALA A 76 -3.11 3.36 6.66
CA ALA A 76 -3.73 3.94 5.48
C ALA A 76 -4.63 5.08 5.89
N LYS A 77 -5.37 4.87 6.97
CA LYS A 77 -6.26 5.90 7.49
C LYS A 77 -5.45 7.12 7.95
N LEU A 78 -4.31 6.84 8.58
CA LEU A 78 -3.44 7.90 9.07
C LEU A 78 -2.88 8.69 7.88
N SER A 79 -2.36 7.96 6.89
CA SER A 79 -1.80 8.59 5.70
C SER A 79 -2.87 9.39 4.95
N ASN A 80 -4.06 8.80 4.81
CA ASN A 80 -5.16 9.45 4.13
C ASN A 80 -5.54 10.74 4.85
N GLN A 81 -5.56 10.68 6.17
CA GLN A 81 -5.91 11.84 6.98
C GLN A 81 -4.93 12.98 6.73
N LEU A 82 -3.64 12.63 6.68
CA LEU A 82 -2.60 13.62 6.43
C LEU A 82 -2.75 14.21 5.04
N ASN A 83 -3.11 13.37 4.09
CA ASN A 83 -3.30 13.82 2.71
C ASN A 83 -4.37 14.89 2.62
N ARG A 84 -5.47 14.69 3.34
CA ARG A 84 -6.56 15.67 3.32
C ARG A 84 -6.07 17.00 3.88
N HIS A 85 -5.30 16.94 4.95
CA HIS A 85 -4.75 18.16 5.56
C HIS A 85 -3.88 18.89 4.55
N THR A 86 -2.98 18.14 3.92
CA THR A 86 -2.08 18.71 2.92
C THR A 86 -2.78 18.84 1.57
N PHE A 87 -2.16 19.57 0.65
CA PHE A 87 -2.75 19.76 -0.67
C PHE A 87 -2.41 18.58 -1.58
N PHE A 88 -3.43 18.09 -2.29
CA PHE A 88 -3.24 16.95 -3.19
C PHE A 88 -2.39 17.34 -4.39
N ASN A 89 -2.27 18.65 -4.63
CA ASN A 89 -1.49 19.13 -5.76
C ASN A 89 -0.03 18.71 -5.64
N GLN A 90 0.51 18.76 -4.43
CA GLN A 90 1.90 18.39 -4.21
C GLN A 90 2.11 16.90 -4.49
N ARG A 91 1.12 16.09 -4.14
CA ARG A 91 1.20 14.64 -4.36
C ARG A 91 0.58 14.27 -5.71
N GLN A 92 1.05 13.17 -6.29
CA GLN A 92 0.54 12.72 -7.57
C GLN A 92 -0.90 12.20 -7.39
N PRO A 93 -1.86 12.63 -8.19
CA PRO A 93 -3.27 12.13 -8.07
C PRO A 93 -3.34 10.60 -8.01
N GLU A 94 -2.49 9.93 -8.79
CA GLU A 94 -2.49 8.48 -8.84
C GLU A 94 -2.16 7.88 -7.47
N THR A 95 -1.20 8.48 -6.77
CA THR A 95 -0.82 7.98 -5.46
C THR A 95 -1.94 8.18 -4.46
N GLY A 96 -2.63 9.32 -4.57
CA GLY A 96 -3.75 9.61 -3.67
C GLY A 96 -4.85 8.58 -3.85
N GLN A 97 -5.08 8.19 -5.09
CA GLN A 97 -6.10 7.19 -5.40
C GLN A 97 -5.82 5.87 -4.71
N PHE A 98 -4.55 5.46 -4.72
CA PHE A 98 -4.16 4.20 -4.08
C PHE A 98 -4.49 4.23 -2.59
N TYR A 99 -4.12 5.31 -1.92
CA TYR A 99 -4.36 5.43 -0.49
C TYR A 99 -5.85 5.42 -0.16
N LYS A 100 -6.65 6.08 -0.98
CA LYS A 100 -8.09 6.15 -0.73
C LYS A 100 -8.73 4.76 -0.74
N LYS A 101 -8.44 3.97 -1.78
CA LYS A 101 -9.02 2.63 -1.89
C LYS A 101 -8.51 1.70 -0.79
N VAL A 102 -7.24 1.81 -0.46
CA VAL A 102 -6.65 0.95 0.57
C VAL A 102 -7.35 1.16 1.91
N ALA A 103 -7.57 2.41 2.28
CA ALA A 103 -8.22 2.72 3.55
C ALA A 103 -9.64 2.15 3.58
N ALA A 104 -10.35 2.28 2.46
CA ALA A 104 -11.73 1.77 2.36
C ALA A 104 -11.79 0.55 1.45
N ILE A 105 -10.69 -0.18 1.36
CA ILE A 105 -10.63 -1.36 0.51
C ILE A 105 -11.87 -2.23 0.68
N ASP A 106 -12.45 -2.63 -0.45
CA ASP A 106 -13.64 -3.47 -0.45
C ASP A 106 -13.70 -4.29 -1.73
N LEU A 107 -13.22 -5.53 -1.67
CA LEU A 107 -13.22 -6.40 -2.84
C LEU A 107 -14.65 -6.66 -3.29
N GLN A 108 -15.54 -6.92 -2.34
CA GLN A 108 -16.94 -7.20 -2.66
C GLN A 108 -17.82 -6.90 -1.45
N SER A 1 -20.71 -8.62 10.69
CA SER A 1 -22.10 -9.13 10.49
C SER A 1 -22.26 -9.62 9.06
N ASP A 2 -21.83 -8.80 8.10
CA ASP A 2 -21.94 -9.16 6.70
C ASP A 2 -21.09 -10.39 6.40
N GLU A 3 -21.58 -11.24 5.50
CA GLU A 3 -20.86 -12.46 5.14
C GLU A 3 -19.62 -12.12 4.32
N LYS A 4 -18.56 -12.88 4.52
CA LYS A 4 -17.31 -12.66 3.79
C LYS A 4 -17.33 -13.39 2.45
N ILE A 5 -17.15 -12.65 1.36
CA ILE A 5 -17.16 -13.24 0.01
C ILE A 5 -15.78 -13.09 -0.63
N LYS A 6 -14.76 -12.87 0.19
CA LYS A 6 -13.39 -12.71 -0.30
C LYS A 6 -12.39 -13.26 0.70
N THR A 7 -11.13 -13.35 0.29
CA THR A 7 -10.06 -13.87 1.15
C THR A 7 -8.98 -12.81 1.34
N ALA A 8 -8.23 -12.93 2.44
CA ALA A 8 -7.17 -11.99 2.74
C ALA A 8 -6.09 -12.00 1.67
N HIS A 9 -5.77 -13.18 1.16
CA HIS A 9 -4.74 -13.29 0.13
C HIS A 9 -5.09 -12.48 -1.11
N ASP A 10 -6.31 -12.64 -1.60
CA ASP A 10 -6.75 -11.92 -2.80
C ASP A 10 -6.79 -10.41 -2.53
N LEU A 11 -7.31 -10.03 -1.38
CA LEU A 11 -7.42 -8.63 -1.02
C LEU A 11 -6.03 -7.98 -0.98
N ILE A 12 -5.10 -8.68 -0.34
CA ILE A 12 -3.72 -8.19 -0.25
C ILE A 12 -3.12 -8.06 -1.64
N ASP A 13 -3.40 -9.05 -2.47
CA ASP A 13 -2.90 -9.06 -3.84
C ASP A 13 -3.39 -7.85 -4.63
N GLU A 14 -4.65 -7.48 -4.41
CA GLU A 14 -5.24 -6.35 -5.13
C GLU A 14 -4.49 -5.06 -4.85
N ILE A 15 -4.19 -4.79 -3.59
CA ILE A 15 -3.49 -3.56 -3.24
C ILE A 15 -2.03 -3.59 -3.72
N ILE A 16 -1.43 -4.77 -3.71
CA ILE A 16 -0.04 -4.91 -4.17
C ILE A 16 0.04 -4.57 -5.66
N GLN A 17 -0.93 -5.05 -6.43
CA GLN A 17 -0.95 -4.80 -7.86
C GLN A 17 -1.05 -3.31 -8.14
N ASP A 18 -1.89 -2.62 -7.37
CA ASP A 18 -2.05 -1.19 -7.56
C ASP A 18 -0.73 -0.48 -7.31
N VAL A 19 0.00 -0.94 -6.31
CA VAL A 19 1.30 -0.34 -5.98
C VAL A 19 2.26 -0.49 -7.16
N ILE A 20 2.26 -1.68 -7.76
CA ILE A 20 3.13 -1.95 -8.90
C ILE A 20 2.80 -1.01 -10.05
N GLN A 21 1.50 -0.82 -10.30
CA GLN A 21 1.08 0.06 -11.38
C GLN A 21 1.55 1.49 -11.12
N LEU A 22 1.48 1.92 -9.86
CA LEU A 22 1.91 3.27 -9.50
C LEU A 22 3.42 3.44 -9.74
N ASP A 23 4.16 2.34 -9.65
CA ASP A 23 5.60 2.41 -9.86
C ASP A 23 5.91 3.00 -11.23
N GLY A 24 6.86 3.95 -11.26
CA GLY A 24 7.23 4.61 -12.52
C GLY A 24 8.72 4.91 -12.56
N LYS A 25 9.11 5.78 -13.49
CA LYS A 25 10.51 6.16 -13.67
C LYS A 25 11.06 6.82 -12.42
N LEU A 26 10.25 7.64 -11.77
CA LEU A 26 10.70 8.35 -10.56
C LEU A 26 11.41 7.38 -9.61
N GLY A 27 12.53 7.83 -9.04
CA GLY A 27 13.32 7.01 -8.12
C GLY A 27 13.37 7.64 -6.73
N LEU A 28 14.54 8.10 -6.34
CA LEU A 28 14.72 8.70 -5.02
C LEU A 28 13.82 9.92 -4.88
N LEU A 29 13.77 10.75 -5.93
CA LEU A 29 12.94 11.95 -5.90
C LEU A 29 11.50 11.61 -6.30
N GLY A 30 10.54 12.17 -5.58
CA GLY A 30 9.13 11.93 -5.88
C GLY A 30 8.65 10.62 -5.27
N GLY A 31 9.55 9.93 -4.56
CA GLY A 31 9.19 8.66 -3.94
C GLY A 31 10.41 7.96 -3.38
N ASN A 32 10.21 6.77 -2.81
CA ASN A 32 11.30 5.98 -2.24
C ASN A 32 11.55 4.73 -3.08
N THR A 33 12.80 4.27 -3.08
CA THR A 33 13.18 3.08 -3.85
C THR A 33 13.38 1.90 -2.91
N ARG A 34 12.80 0.76 -3.27
CA ARG A 34 12.92 -0.46 -2.47
C ARG A 34 13.14 -1.65 -3.39
N GLN A 35 13.86 -2.66 -2.89
CA GLN A 35 14.13 -3.85 -3.69
C GLN A 35 12.98 -4.84 -3.56
N LEU A 36 12.49 -5.30 -4.71
CA LEU A 36 11.39 -6.26 -4.74
C LEU A 36 11.90 -7.62 -4.27
N GLU A 37 11.00 -8.44 -3.75
CA GLU A 37 11.39 -9.76 -3.27
C GLU A 37 12.07 -10.55 -4.38
N ASP A 38 11.85 -10.12 -5.61
CA ASP A 38 12.45 -10.78 -6.78
C ASP A 38 13.82 -10.17 -7.07
N GLY A 39 14.21 -9.18 -6.27
CA GLY A 39 15.49 -8.51 -6.46
C GLY A 39 15.38 -7.42 -7.51
N ARG A 40 14.15 -7.05 -7.87
CA ARG A 40 13.93 -6.01 -8.87
C ARG A 40 13.68 -4.66 -8.19
N VAL A 41 14.45 -3.65 -8.59
CA VAL A 41 14.29 -2.32 -7.99
C VAL A 41 13.00 -1.68 -8.44
N ILE A 42 12.21 -1.21 -7.46
CA ILE A 42 10.95 -0.53 -7.72
C ILE A 42 10.90 0.79 -6.98
N ASN A 43 10.04 1.71 -7.44
CA ASN A 43 9.91 3.02 -6.80
C ASN A 43 8.46 3.31 -6.47
N ILE A 44 8.20 3.62 -5.20
CA ILE A 44 6.84 3.91 -4.74
C ILE A 44 6.89 4.93 -3.60
N PRO A 45 5.80 5.64 -3.31
CA PRO A 45 5.78 6.64 -2.21
C PRO A 45 6.28 6.04 -0.89
N ASN A 46 6.67 6.91 0.05
CA ASN A 46 7.17 6.44 1.33
C ASN A 46 6.13 5.57 2.04
N GLY A 47 4.88 6.01 2.00
CA GLY A 47 3.80 5.24 2.63
C GLY A 47 3.67 3.87 1.97
N ALA A 48 3.80 3.85 0.65
CA ALA A 48 3.71 2.60 -0.10
C ALA A 48 4.81 1.64 0.38
N ALA A 49 5.98 2.21 0.65
CA ALA A 49 7.11 1.42 1.12
C ALA A 49 6.80 0.77 2.47
N MET A 50 6.11 1.51 3.33
CA MET A 50 5.77 1.00 4.66
C MET A 50 4.93 -0.28 4.57
N ILE A 51 3.89 -0.26 3.74
CA ILE A 51 3.04 -1.44 3.60
C ILE A 51 3.81 -2.56 2.91
N PHE A 52 4.77 -2.21 2.08
CA PHE A 52 5.58 -3.21 1.40
C PHE A 52 6.30 -4.07 2.43
N ASP A 53 6.88 -3.41 3.41
CA ASP A 53 7.59 -4.09 4.48
C ASP A 53 6.65 -5.02 5.23
N ASP A 54 5.43 -4.56 5.44
CA ASP A 54 4.43 -5.37 6.15
C ASP A 54 4.16 -6.65 5.37
N TYR A 55 4.13 -6.56 4.04
CA TYR A 55 3.91 -7.74 3.22
C TYR A 55 5.00 -8.77 3.48
N LYS A 56 6.24 -8.30 3.53
CA LYS A 56 7.38 -9.17 3.78
C LYS A 56 7.20 -9.94 5.08
N LYS A 57 6.65 -9.27 6.08
CA LYS A 57 6.43 -9.90 7.38
C LYS A 57 5.47 -11.07 7.26
N TYR A 58 4.46 -10.92 6.41
CA TYR A 58 3.52 -12.01 6.22
C TYR A 58 4.28 -13.24 5.74
N LYS A 59 5.27 -13.02 4.89
CA LYS A 59 6.07 -14.12 4.35
C LYS A 59 7.06 -14.62 5.42
N GLN A 60 7.71 -13.68 6.09
CA GLN A 60 8.67 -14.01 7.12
C GLN A 60 8.00 -14.76 8.26
N GLY A 61 6.73 -14.46 8.48
CA GLY A 61 5.96 -15.09 9.55
C GLY A 61 5.90 -14.19 10.77
N GLU A 62 6.48 -13.00 10.65
CA GLU A 62 6.46 -12.04 11.75
C GLU A 62 5.03 -11.59 12.01
N LEU A 63 4.27 -11.41 10.93
CA LEU A 63 2.87 -10.99 11.01
C LEU A 63 1.96 -11.97 10.29
N THR A 64 0.72 -12.04 10.75
CA THR A 64 -0.27 -12.91 10.14
C THR A 64 -0.90 -12.22 8.95
N ALA A 65 -1.65 -12.96 8.14
CA ALA A 65 -2.28 -12.38 6.95
C ALA A 65 -3.22 -11.26 7.37
N GLU A 66 -3.99 -11.48 8.44
CA GLU A 66 -4.90 -10.45 8.92
C GLU A 66 -4.15 -9.36 9.66
N SER A 67 -3.06 -9.73 10.33
CA SER A 67 -2.27 -8.75 11.06
C SER A 67 -1.67 -7.74 10.10
N ALA A 68 -1.10 -8.23 9.02
CA ALA A 68 -0.50 -7.35 8.01
C ALA A 68 -1.58 -6.46 7.40
N LEU A 69 -2.73 -7.07 7.11
CA LEU A 69 -3.85 -6.34 6.53
C LEU A 69 -4.33 -5.26 7.50
N GLU A 70 -4.42 -5.64 8.77
CA GLU A 70 -4.86 -4.72 9.81
C GLU A 70 -3.89 -3.54 9.91
N SER A 71 -2.60 -3.85 9.85
CA SER A 71 -1.58 -2.82 9.94
C SER A 71 -1.71 -1.82 8.79
N MET A 72 -1.92 -2.34 7.59
CA MET A 72 -2.06 -1.49 6.40
C MET A 72 -3.27 -0.57 6.52
N ILE A 73 -4.37 -1.10 7.04
CA ILE A 73 -5.59 -0.32 7.18
C ILE A 73 -5.40 0.81 8.21
N LYS A 74 -4.83 0.48 9.36
CA LYS A 74 -4.62 1.48 10.42
C LYS A 74 -3.69 2.60 9.99
N ILE A 75 -2.59 2.25 9.33
CA ILE A 75 -1.63 3.26 8.90
C ILE A 75 -2.15 4.00 7.67
N ALA A 76 -2.90 3.28 6.84
CA ALA A 76 -3.47 3.88 5.64
C ALA A 76 -4.45 4.99 6.03
N LYS A 77 -5.24 4.72 7.06
CA LYS A 77 -6.21 5.70 7.52
C LYS A 77 -5.49 6.93 8.06
N LEU A 78 -4.40 6.71 8.80
CA LEU A 78 -3.63 7.82 9.34
C LEU A 78 -3.03 8.64 8.20
N SER A 79 -2.46 7.94 7.22
CA SER A 79 -1.85 8.62 6.07
C SER A 79 -2.91 9.38 5.28
N ASN A 80 -4.06 8.76 5.11
CA ASN A 80 -5.16 9.39 4.37
C ASN A 80 -5.59 10.66 5.09
N GLN A 81 -5.63 10.60 6.42
CA GLN A 81 -6.01 11.76 7.21
C GLN A 81 -5.04 12.90 6.95
N LEU A 82 -3.75 12.58 6.91
CA LEU A 82 -2.72 13.56 6.65
C LEU A 82 -2.89 14.11 5.23
N ASN A 83 -3.26 13.22 4.32
CA ASN A 83 -3.46 13.59 2.92
C ASN A 83 -4.53 14.67 2.78
N ARG A 84 -5.55 14.60 3.62
CA ARG A 84 -6.66 15.55 3.55
C ARG A 84 -6.30 17.01 3.81
N HIS A 85 -5.48 17.28 4.81
CA HIS A 85 -5.11 18.65 5.16
C HIS A 85 -4.33 19.41 4.09
N THR A 86 -3.35 18.76 3.48
CA THR A 86 -2.52 19.38 2.45
C THR A 86 -3.20 19.53 1.09
N PHE A 87 -2.72 20.48 0.30
CA PHE A 87 -3.26 20.70 -1.05
C PHE A 87 -2.95 19.43 -1.84
N PHE A 88 -3.90 18.97 -2.65
CA PHE A 88 -3.66 17.70 -3.33
C PHE A 88 -2.75 17.91 -4.55
N ASN A 89 -2.61 19.16 -4.94
CA ASN A 89 -1.80 19.51 -6.11
C ASN A 89 -0.33 19.11 -5.93
N GLN A 90 0.18 19.26 -4.72
CA GLN A 90 1.58 18.92 -4.47
C GLN A 90 1.85 17.43 -4.67
N ARG A 91 0.89 16.59 -4.28
CA ARG A 91 1.04 15.15 -4.45
C ARG A 91 0.44 14.69 -5.77
N GLN A 92 0.90 13.55 -6.27
CA GLN A 92 0.41 13.02 -7.53
C GLN A 92 -1.03 12.49 -7.35
N PRO A 93 -1.87 12.58 -8.35
CA PRO A 93 -3.27 12.09 -8.25
C PRO A 93 -3.35 10.56 -8.14
N GLU A 94 -2.38 9.90 -8.77
CA GLU A 94 -2.35 8.44 -8.73
C GLU A 94 -2.10 7.96 -7.30
N THR A 95 -1.21 8.65 -6.59
CA THR A 95 -0.89 8.29 -5.22
C THR A 95 -2.09 8.57 -4.32
N GLY A 96 -2.82 9.62 -4.60
CA GLY A 96 -3.99 9.96 -3.79
C GLY A 96 -5.04 8.86 -3.86
N GLN A 97 -5.25 8.31 -5.05
CA GLN A 97 -6.23 7.25 -5.23
C GLN A 97 -5.85 5.98 -4.46
N PHE A 98 -4.58 5.60 -4.53
CA PHE A 98 -4.11 4.40 -3.84
C PHE A 98 -4.33 4.51 -2.33
N TYR A 99 -3.93 5.65 -1.77
CA TYR A 99 -4.06 5.86 -0.32
C TYR A 99 -5.52 5.81 0.11
N LYS A 100 -6.40 6.41 -0.70
CA LYS A 100 -7.82 6.41 -0.37
C LYS A 100 -8.43 5.02 -0.52
N LYS A 101 -8.07 4.33 -1.60
CA LYS A 101 -8.62 2.99 -1.85
C LYS A 101 -8.07 1.94 -0.89
N VAL A 102 -6.76 1.98 -0.66
CA VAL A 102 -6.13 1.00 0.22
C VAL A 102 -6.69 1.10 1.63
N ALA A 103 -6.94 2.32 2.09
CA ALA A 103 -7.49 2.53 3.43
C ALA A 103 -8.87 1.87 3.54
N ALA A 104 -9.67 1.99 2.48
CA ALA A 104 -11.01 1.43 2.46
C ALA A 104 -11.11 0.32 1.42
N ILE A 105 -9.98 -0.32 1.15
CA ILE A 105 -9.92 -1.40 0.16
C ILE A 105 -11.17 -2.27 0.21
N ASP A 106 -11.64 -2.68 -0.97
CA ASP A 106 -12.82 -3.52 -1.06
C ASP A 106 -12.83 -4.31 -2.38
N LEU A 107 -12.46 -5.59 -2.30
CA LEU A 107 -12.44 -6.43 -3.49
C LEU A 107 -13.84 -6.54 -4.08
N GLN A 108 -14.82 -6.79 -3.22
CA GLN A 108 -16.20 -6.91 -3.68
C GLN A 108 -17.17 -6.83 -2.50
N SER A 1 -20.21 -17.20 10.50
CA SER A 1 -19.60 -16.09 9.71
C SER A 1 -20.13 -16.13 8.29
N ASP A 2 -20.94 -15.14 7.93
CA ASP A 2 -21.51 -15.07 6.60
C ASP A 2 -20.40 -14.92 5.55
N GLU A 3 -20.60 -15.57 4.41
CA GLU A 3 -19.61 -15.52 3.33
C GLU A 3 -19.63 -14.15 2.66
N LYS A 4 -18.45 -13.68 2.25
CA LYS A 4 -18.33 -12.38 1.58
C LYS A 4 -17.56 -12.52 0.27
N ILE A 5 -17.91 -11.71 -0.71
CA ILE A 5 -17.25 -11.75 -2.01
C ILE A 5 -15.79 -11.37 -1.83
N LYS A 6 -15.55 -10.32 -1.05
CA LYS A 6 -14.20 -9.86 -0.78
C LYS A 6 -13.51 -10.74 0.24
N THR A 7 -12.24 -11.03 0.00
CA THR A 7 -11.44 -11.85 0.90
C THR A 7 -10.15 -11.13 1.26
N ALA A 8 -9.55 -11.48 2.39
CA ALA A 8 -8.32 -10.84 2.82
C ALA A 8 -7.21 -11.11 1.80
N HIS A 9 -7.13 -12.34 1.33
CA HIS A 9 -6.11 -12.71 0.36
C HIS A 9 -6.27 -11.93 -0.95
N ASP A 10 -7.50 -11.84 -1.44
CA ASP A 10 -7.75 -11.11 -2.69
C ASP A 10 -7.49 -9.62 -2.52
N LEU A 11 -7.91 -9.10 -1.37
CA LEU A 11 -7.74 -7.67 -1.08
C LEU A 11 -6.26 -7.30 -1.06
N ILE A 12 -5.46 -8.12 -0.38
CA ILE A 12 -4.03 -7.88 -0.28
C ILE A 12 -3.38 -7.90 -1.67
N ASP A 13 -3.78 -8.88 -2.47
CA ASP A 13 -3.24 -9.02 -3.82
C ASP A 13 -3.57 -7.82 -4.69
N GLU A 14 -4.79 -7.29 -4.56
CA GLU A 14 -5.23 -6.16 -5.36
C GLU A 14 -4.37 -4.92 -5.10
N ILE A 15 -4.08 -4.64 -3.84
CA ILE A 15 -3.28 -3.47 -3.49
C ILE A 15 -1.82 -3.65 -3.88
N ILE A 16 -1.30 -4.87 -3.77
CA ILE A 16 0.08 -5.13 -4.15
C ILE A 16 0.29 -4.83 -5.63
N GLN A 17 -0.67 -5.26 -6.44
CA GLN A 17 -0.59 -5.04 -7.88
C GLN A 17 -0.59 -3.54 -8.17
N ASP A 18 -1.44 -2.81 -7.45
CA ASP A 18 -1.52 -1.36 -7.65
C ASP A 18 -0.18 -0.71 -7.33
N VAL A 19 0.48 -1.22 -6.29
CA VAL A 19 1.78 -0.68 -5.89
C VAL A 19 2.79 -0.87 -7.03
N ILE A 20 2.79 -2.04 -7.65
CA ILE A 20 3.71 -2.31 -8.74
C ILE A 20 3.47 -1.34 -9.89
N GLN A 21 2.20 -1.16 -10.27
CA GLN A 21 1.87 -0.24 -11.35
C GLN A 21 2.25 1.19 -10.95
N LEU A 22 2.03 1.54 -9.69
CA LEU A 22 2.33 2.86 -9.19
C LEU A 22 3.84 3.15 -9.32
N ASP A 23 4.65 2.11 -9.22
CA ASP A 23 6.10 2.25 -9.32
C ASP A 23 6.53 2.67 -10.72
N GLY A 24 7.47 3.61 -10.80
CA GLY A 24 7.99 4.08 -12.08
C GLY A 24 7.18 5.25 -12.64
N LYS A 25 6.06 5.56 -12.00
CA LYS A 25 5.22 6.66 -12.45
C LYS A 25 5.97 7.98 -12.37
N LEU A 26 6.74 8.16 -11.29
CA LEU A 26 7.50 9.39 -11.08
C LEU A 26 8.96 9.21 -11.50
N GLY A 27 9.40 9.99 -12.48
CA GLY A 27 10.76 9.91 -12.96
C GLY A 27 11.75 10.27 -11.85
N LEU A 28 11.39 11.27 -11.06
CA LEU A 28 12.25 11.70 -9.96
C LEU A 28 12.43 10.59 -8.93
N LEU A 29 13.62 10.52 -8.35
CA LEU A 29 13.93 9.50 -7.34
C LEU A 29 13.65 10.04 -5.95
N GLY A 30 12.69 10.95 -5.85
CA GLY A 30 12.34 11.54 -4.56
C GLY A 30 11.87 10.47 -3.58
N GLY A 31 11.10 9.51 -4.08
CA GLY A 31 10.61 8.44 -3.22
C GLY A 31 11.73 7.46 -2.91
N ASN A 32 11.46 6.54 -1.97
CA ASN A 32 12.47 5.56 -1.57
C ASN A 32 12.33 4.29 -2.40
N THR A 33 13.43 3.55 -2.54
CA THR A 33 13.46 2.32 -3.31
C THR A 33 13.80 1.15 -2.39
N ARG A 34 13.25 -0.01 -2.71
CA ARG A 34 13.48 -1.22 -1.93
C ARG A 34 13.69 -2.41 -2.88
N GLN A 35 14.48 -3.38 -2.44
CA GLN A 35 14.75 -4.56 -3.27
C GLN A 35 13.65 -5.59 -3.08
N LEU A 36 13.05 -6.01 -4.19
CA LEU A 36 12.00 -7.01 -4.15
C LEU A 36 12.61 -8.36 -3.79
N GLU A 37 11.80 -9.27 -3.25
CA GLU A 37 12.30 -10.58 -2.88
C GLU A 37 12.91 -11.25 -4.10
N ASP A 38 12.38 -10.90 -5.27
CA ASP A 38 12.89 -11.46 -6.52
C ASP A 38 14.18 -10.77 -6.93
N GLY A 39 14.59 -9.77 -6.14
CA GLY A 39 15.82 -9.03 -6.42
C GLY A 39 15.57 -7.91 -7.43
N ARG A 40 14.30 -7.52 -7.57
CA ARG A 40 13.93 -6.45 -8.51
C ARG A 40 13.83 -5.13 -7.77
N VAL A 41 14.52 -4.11 -8.29
CA VAL A 41 14.50 -2.79 -7.67
C VAL A 41 13.21 -2.06 -8.04
N ILE A 42 12.51 -1.54 -7.02
CA ILE A 42 11.27 -0.81 -7.24
C ILE A 42 11.33 0.55 -6.54
N ASN A 43 10.54 1.50 -7.03
CA ASN A 43 10.51 2.84 -6.45
C ASN A 43 9.08 3.28 -6.21
N ILE A 44 8.78 3.64 -4.96
CA ILE A 44 7.42 4.06 -4.60
C ILE A 44 7.48 5.09 -3.46
N PRO A 45 6.45 5.90 -3.25
CA PRO A 45 6.45 6.91 -2.14
C PRO A 45 6.87 6.31 -0.81
N ASN A 46 7.24 7.17 0.14
CA ASN A 46 7.67 6.70 1.45
C ASN A 46 6.59 5.87 2.12
N GLY A 47 5.35 6.35 2.06
CA GLY A 47 4.24 5.62 2.68
C GLY A 47 4.09 4.25 2.01
N ALA A 48 4.24 4.24 0.69
CA ALA A 48 4.15 3.00 -0.07
C ALA A 48 5.23 2.04 0.42
N ALA A 49 6.39 2.59 0.75
CA ALA A 49 7.49 1.79 1.24
C ALA A 49 7.10 1.10 2.54
N MET A 50 6.34 1.79 3.38
CA MET A 50 5.94 1.25 4.67
C MET A 50 5.11 -0.03 4.50
N ILE A 51 4.10 0.01 3.64
CA ILE A 51 3.27 -1.18 3.42
C ILE A 51 4.10 -2.32 2.83
N PHE A 52 5.12 -1.98 2.05
CA PHE A 52 5.97 -3.00 1.45
C PHE A 52 6.62 -3.83 2.55
N ASP A 53 7.15 -3.15 3.56
CA ASP A 53 7.79 -3.84 4.68
C ASP A 53 6.77 -4.75 5.36
N ASP A 54 5.55 -4.26 5.52
CA ASP A 54 4.50 -5.05 6.16
C ASP A 54 4.23 -6.32 5.36
N TYR A 55 4.26 -6.20 4.04
CA TYR A 55 4.03 -7.36 3.18
C TYR A 55 5.09 -8.41 3.47
N LYS A 56 6.34 -7.98 3.56
CA LYS A 56 7.46 -8.88 3.83
C LYS A 56 7.22 -9.66 5.13
N LYS A 57 6.65 -8.99 6.12
CA LYS A 57 6.37 -9.62 7.40
C LYS A 57 5.39 -10.77 7.23
N TYR A 58 4.41 -10.58 6.36
CA TYR A 58 3.44 -11.63 6.13
C TYR A 58 4.18 -12.88 5.64
N LYS A 59 5.20 -12.68 4.83
CA LYS A 59 5.99 -13.80 4.30
C LYS A 59 6.92 -14.34 5.39
N GLN A 60 7.58 -13.43 6.09
CA GLN A 60 8.51 -13.81 7.14
C GLN A 60 7.79 -14.55 8.25
N GLY A 61 6.51 -14.21 8.45
CA GLY A 61 5.70 -14.84 9.49
C GLY A 61 5.64 -13.95 10.72
N GLU A 62 6.26 -12.78 10.63
CA GLU A 62 6.24 -11.84 11.74
C GLU A 62 4.82 -11.35 11.97
N LEU A 63 4.09 -11.13 10.88
CA LEU A 63 2.71 -10.67 10.94
C LEU A 63 1.79 -11.61 10.18
N THR A 64 0.55 -11.69 10.63
CA THR A 64 -0.44 -12.53 9.97
C THR A 64 -1.03 -11.80 8.77
N ALA A 65 -1.78 -12.52 7.95
CA ALA A 65 -2.38 -11.88 6.77
C ALA A 65 -3.30 -10.74 7.19
N GLU A 66 -4.08 -10.97 8.24
CA GLU A 66 -4.98 -9.94 8.74
C GLU A 66 -4.22 -8.88 9.52
N SER A 67 -3.15 -9.30 10.22
CA SER A 67 -2.37 -8.34 10.99
C SER A 67 -1.72 -7.33 10.07
N ALA A 68 -1.13 -7.82 8.98
CA ALA A 68 -0.48 -6.94 8.02
C ALA A 68 -1.52 -6.02 7.39
N LEU A 69 -2.67 -6.59 7.05
CA LEU A 69 -3.75 -5.82 6.45
C LEU A 69 -4.24 -4.74 7.43
N GLU A 70 -4.38 -5.14 8.69
CA GLU A 70 -4.84 -4.23 9.72
C GLU A 70 -3.89 -3.04 9.85
N SER A 71 -2.59 -3.33 9.83
CA SER A 71 -1.58 -2.29 9.95
C SER A 71 -1.68 -1.30 8.78
N MET A 72 -1.83 -1.84 7.57
CA MET A 72 -1.92 -1.03 6.37
C MET A 72 -3.11 -0.07 6.44
N ILE A 73 -4.23 -0.57 6.94
CA ILE A 73 -5.44 0.23 7.03
C ILE A 73 -5.26 1.44 7.95
N LYS A 74 -4.66 1.22 9.12
CA LYS A 74 -4.48 2.30 10.07
C LYS A 74 -3.61 3.43 9.50
N ILE A 75 -2.53 3.07 8.81
CA ILE A 75 -1.67 4.08 8.23
C ILE A 75 -2.31 4.67 6.98
N ALA A 76 -3.10 3.85 6.29
CA ALA A 76 -3.78 4.31 5.09
C ALA A 76 -4.76 5.41 5.45
N LYS A 77 -5.47 5.22 6.57
CA LYS A 77 -6.43 6.22 7.02
C LYS A 77 -5.74 7.53 7.34
N LEU A 78 -4.58 7.43 7.99
CA LEU A 78 -3.81 8.62 8.35
C LEU A 78 -3.21 9.30 7.13
N SER A 79 -2.71 8.50 6.19
CA SER A 79 -2.07 9.04 4.98
C SER A 79 -3.05 9.85 4.12
N ASN A 80 -4.24 9.32 3.89
CA ASN A 80 -5.21 10.04 3.07
C ASN A 80 -5.78 11.23 3.83
N GLN A 81 -5.87 11.09 5.14
CA GLN A 81 -6.39 12.17 5.98
C GLN A 81 -5.49 13.40 5.83
N LEU A 82 -4.19 13.17 5.86
CA LEU A 82 -3.22 14.25 5.71
C LEU A 82 -3.32 14.85 4.31
N ASN A 83 -3.50 13.98 3.32
CA ASN A 83 -3.61 14.43 1.94
C ASN A 83 -4.80 15.36 1.76
N ARG A 84 -5.96 15.03 2.33
CA ARG A 84 -7.12 15.88 2.12
C ARG A 84 -7.05 17.33 2.65
N HIS A 85 -6.62 17.51 3.90
CA HIS A 85 -6.57 18.87 4.48
C HIS A 85 -5.55 19.87 3.94
N THR A 86 -4.31 19.41 3.80
CA THR A 86 -3.15 20.22 3.35
C THR A 86 -2.00 19.29 3.01
N PHE A 87 -0.86 19.82 2.58
CA PHE A 87 0.22 18.87 2.32
C PHE A 87 -0.13 17.97 1.14
N PHE A 88 -1.09 18.40 0.33
CA PHE A 88 -1.49 17.61 -0.83
C PHE A 88 -0.40 17.62 -1.90
N ASN A 89 0.41 18.68 -1.90
CA ASN A 89 1.48 18.81 -2.86
C ASN A 89 2.50 17.68 -2.71
N GLN A 90 2.80 17.31 -1.47
CA GLN A 90 3.77 16.26 -1.21
C GLN A 90 3.28 14.93 -1.75
N ARG A 91 1.98 14.67 -1.66
CA ARG A 91 1.40 13.42 -2.15
C ARG A 91 0.92 13.58 -3.59
N GLN A 92 1.37 12.70 -4.46
CA GLN A 92 0.98 12.76 -5.87
C GLN A 92 -0.46 12.26 -6.03
N PRO A 93 -1.21 12.75 -7.00
CA PRO A 93 -2.62 12.28 -7.21
C PRO A 93 -2.73 10.76 -7.25
N GLU A 94 -1.76 10.13 -7.91
CA GLU A 94 -1.74 8.67 -8.02
C GLU A 94 -1.56 8.02 -6.65
N THR A 95 -0.71 8.61 -5.83
CA THR A 95 -0.45 8.08 -4.50
C THR A 95 -1.73 8.11 -3.65
N GLY A 96 -2.43 9.22 -3.72
CA GLY A 96 -3.67 9.38 -2.97
C GLY A 96 -4.70 8.34 -3.38
N GLN A 97 -4.77 8.07 -4.69
CA GLN A 97 -5.70 7.10 -5.22
C GLN A 97 -5.46 5.71 -4.61
N PHE A 98 -4.20 5.32 -4.52
CA PHE A 98 -3.86 4.03 -3.95
C PHE A 98 -4.37 3.92 -2.51
N TYR A 99 -4.10 4.94 -1.72
CA TYR A 99 -4.53 4.94 -0.33
C TYR A 99 -6.05 4.97 -0.20
N LYS A 100 -6.71 5.68 -1.11
CA LYS A 100 -8.17 5.75 -1.07
C LYS A 100 -8.79 4.37 -1.15
N LYS A 101 -8.31 3.56 -2.10
CA LYS A 101 -8.83 2.21 -2.26
C LYS A 101 -8.52 1.36 -1.03
N VAL A 102 -7.32 1.54 -0.48
CA VAL A 102 -6.91 0.78 0.69
C VAL A 102 -7.84 1.06 1.87
N ALA A 103 -8.15 2.33 2.09
CA ALA A 103 -9.03 2.72 3.19
C ALA A 103 -10.42 2.10 3.02
N ALA A 104 -10.93 2.11 1.80
CA ALA A 104 -12.23 1.52 1.51
C ALA A 104 -12.19 0.01 1.78
N ILE A 105 -11.09 -0.60 1.34
CA ILE A 105 -10.80 -2.03 1.51
C ILE A 105 -11.90 -2.96 0.98
N ASP A 106 -12.51 -2.59 -0.14
CA ASP A 106 -13.56 -3.41 -0.71
C ASP A 106 -13.17 -3.92 -2.11
N LEU A 107 -13.14 -5.23 -2.24
CA LEU A 107 -12.80 -5.83 -3.54
C LEU A 107 -13.91 -5.56 -4.55
N GLN A 108 -15.15 -5.75 -4.12
CA GLN A 108 -16.30 -5.52 -5.00
C GLN A 108 -16.24 -6.48 -6.20
N SER A 1 -20.44 -15.14 13.33
CA SER A 1 -21.86 -14.78 13.11
C SER A 1 -22.00 -14.03 11.79
N ASP A 2 -21.00 -14.19 10.92
CA ASP A 2 -21.02 -13.53 9.62
C ASP A 2 -20.19 -14.32 8.60
N GLU A 3 -20.14 -13.82 7.38
CA GLU A 3 -19.38 -14.48 6.32
C GLU A 3 -18.95 -13.47 5.26
N LYS A 4 -17.91 -13.82 4.49
CA LYS A 4 -17.41 -12.93 3.45
C LYS A 4 -16.77 -13.73 2.32
N ILE A 5 -16.97 -13.26 1.08
CA ILE A 5 -16.42 -13.93 -0.08
C ILE A 5 -14.98 -13.49 -0.33
N LYS A 6 -14.71 -12.23 -0.03
CA LYS A 6 -13.37 -11.68 -0.22
C LYS A 6 -12.35 -12.48 0.58
N THR A 7 -11.10 -12.47 0.11
CA THR A 7 -10.01 -13.19 0.76
C THR A 7 -8.84 -12.25 1.01
N ALA A 8 -8.02 -12.59 2.01
CA ALA A 8 -6.87 -11.76 2.33
C ALA A 8 -5.89 -11.72 1.16
N HIS A 9 -5.69 -12.87 0.52
CA HIS A 9 -4.77 -12.95 -0.61
C HIS A 9 -5.23 -12.08 -1.77
N ASP A 10 -6.53 -12.10 -2.07
CA ASP A 10 -7.05 -11.29 -3.17
C ASP A 10 -6.93 -9.81 -2.86
N LEU A 11 -7.27 -9.45 -1.63
CA LEU A 11 -7.21 -8.05 -1.20
C LEU A 11 -5.76 -7.56 -1.23
N ILE A 12 -4.88 -8.34 -0.63
CA ILE A 12 -3.46 -8.00 -0.59
C ILE A 12 -2.90 -7.92 -2.02
N ASP A 13 -3.28 -8.88 -2.85
CA ASP A 13 -2.81 -8.92 -4.22
C ASP A 13 -3.26 -7.68 -5.01
N GLU A 14 -4.49 -7.23 -4.77
CA GLU A 14 -5.02 -6.08 -5.47
C GLU A 14 -4.18 -4.83 -5.22
N ILE A 15 -3.83 -4.58 -3.96
CA ILE A 15 -3.04 -3.39 -3.64
C ILE A 15 -1.61 -3.52 -4.14
N ILE A 16 -1.08 -4.73 -4.16
CA ILE A 16 0.27 -4.96 -4.64
C ILE A 16 0.36 -4.61 -6.12
N GLN A 17 -0.65 -5.03 -6.89
CA GLN A 17 -0.67 -4.76 -8.32
C GLN A 17 -0.69 -3.26 -8.57
N ASP A 18 -1.46 -2.53 -7.78
CA ASP A 18 -1.52 -1.09 -7.95
C ASP A 18 -0.14 -0.48 -7.71
N VAL A 19 0.55 -0.99 -6.70
CA VAL A 19 1.88 -0.52 -6.36
C VAL A 19 2.85 -0.79 -7.51
N ILE A 20 2.77 -2.00 -8.06
CA ILE A 20 3.65 -2.39 -9.16
C ILE A 20 3.44 -1.46 -10.35
N GLN A 21 2.19 -1.17 -10.67
CA GLN A 21 1.89 -0.29 -11.80
C GLN A 21 2.47 1.11 -11.55
N LEU A 22 2.38 1.55 -10.31
CA LEU A 22 2.89 2.89 -9.94
C LEU A 22 4.41 2.93 -9.89
N ASP A 23 5.07 1.77 -9.88
CA ASP A 23 6.52 1.76 -9.80
C ASP A 23 7.15 2.61 -10.90
N GLY A 24 8.23 3.29 -10.57
CA GLY A 24 8.94 4.14 -11.53
C GLY A 24 8.28 5.51 -11.65
N LYS A 25 7.16 5.69 -10.96
CA LYS A 25 6.45 6.98 -11.01
C LYS A 25 7.33 8.09 -10.45
N LEU A 26 7.97 7.81 -9.30
CA LEU A 26 8.84 8.79 -8.65
C LEU A 26 10.31 8.37 -8.73
N GLY A 27 11.12 9.24 -9.32
CA GLY A 27 12.56 9.00 -9.45
C GLY A 27 13.33 9.95 -8.54
N LEU A 28 12.58 10.65 -7.69
CA LEU A 28 13.19 11.62 -6.78
C LEU A 28 14.01 10.93 -5.69
N LEU A 29 15.06 11.60 -5.26
CA LEU A 29 15.95 11.07 -4.23
C LEU A 29 15.19 10.88 -2.92
N GLY A 30 14.29 11.81 -2.63
CA GLY A 30 13.52 11.75 -1.39
C GLY A 30 12.73 10.46 -1.28
N GLY A 31 12.16 10.01 -2.39
CA GLY A 31 11.38 8.78 -2.38
C GLY A 31 12.26 7.59 -2.01
N ASN A 32 11.67 6.62 -1.31
CA ASN A 32 12.42 5.44 -0.89
C ASN A 32 12.28 4.33 -1.93
N THR A 33 13.24 3.41 -1.95
CA THR A 33 13.23 2.31 -2.91
C THR A 33 13.39 0.99 -2.17
N ARG A 34 12.77 -0.06 -2.73
CA ARG A 34 12.84 -1.39 -2.14
C ARG A 34 12.99 -2.43 -3.25
N GLN A 35 13.65 -3.54 -2.92
CA GLN A 35 13.85 -4.60 -3.90
C GLN A 35 12.66 -5.56 -3.89
N LEU A 36 12.09 -5.79 -5.06
CA LEU A 36 10.95 -6.68 -5.18
C LEU A 36 11.40 -8.11 -4.88
N GLU A 37 10.47 -8.95 -4.46
CA GLU A 37 10.79 -10.34 -4.15
C GLU A 37 11.46 -10.96 -5.37
N ASP A 38 10.96 -10.59 -6.55
CA ASP A 38 11.51 -11.09 -7.80
C ASP A 38 12.96 -10.64 -7.94
N GLY A 39 13.35 -9.64 -7.15
CA GLY A 39 14.71 -9.12 -7.20
C GLY A 39 14.78 -7.88 -8.10
N ARG A 40 13.61 -7.33 -8.41
CA ARG A 40 13.52 -6.15 -9.27
C ARG A 40 13.52 -4.87 -8.43
N VAL A 41 14.40 -3.94 -8.76
CA VAL A 41 14.49 -2.68 -8.03
C VAL A 41 13.37 -1.73 -8.46
N ILE A 42 12.62 -1.22 -7.49
CA ILE A 42 11.51 -0.31 -7.78
C ILE A 42 11.52 0.87 -6.81
N ASN A 43 10.84 1.96 -7.20
CA ASN A 43 10.75 3.14 -6.35
C ASN A 43 9.29 3.49 -6.11
N ILE A 44 8.97 3.87 -4.87
CA ILE A 44 7.60 4.22 -4.49
C ILE A 44 7.61 5.21 -3.32
N PRO A 45 6.56 5.96 -3.09
CA PRO A 45 6.51 6.92 -1.94
C PRO A 45 6.92 6.24 -0.63
N ASN A 46 7.27 7.05 0.36
CA ASN A 46 7.69 6.51 1.65
C ASN A 46 6.58 5.66 2.26
N GLY A 47 5.34 6.11 2.14
CA GLY A 47 4.21 5.37 2.69
C GLY A 47 4.09 4.00 2.02
N ALA A 48 4.31 3.99 0.70
CA ALA A 48 4.24 2.75 -0.06
C ALA A 48 5.27 1.76 0.47
N ALA A 49 6.44 2.28 0.83
CA ALA A 49 7.51 1.44 1.35
C ALA A 49 7.09 0.78 2.67
N MET A 50 6.36 1.52 3.49
CA MET A 50 5.92 1.00 4.79
C MET A 50 5.04 -0.24 4.63
N ILE A 51 4.05 -0.18 3.73
CA ILE A 51 3.17 -1.32 3.53
C ILE A 51 3.94 -2.47 2.87
N PHE A 52 4.97 -2.14 2.11
CA PHE A 52 5.77 -3.17 1.45
C PHE A 52 6.38 -4.07 2.51
N ASP A 53 6.95 -3.46 3.55
CA ASP A 53 7.57 -4.21 4.63
C ASP A 53 6.53 -5.09 5.31
N ASP A 54 5.32 -4.56 5.46
CA ASP A 54 4.24 -5.31 6.10
C ASP A 54 3.96 -6.59 5.31
N TYR A 55 4.00 -6.47 3.99
CA TYR A 55 3.77 -7.63 3.12
C TYR A 55 4.82 -8.70 3.42
N LYS A 56 6.08 -8.26 3.49
CA LYS A 56 7.20 -9.15 3.77
C LYS A 56 6.96 -9.91 5.07
N LYS A 57 6.40 -9.22 6.06
CA LYS A 57 6.13 -9.83 7.36
C LYS A 57 5.16 -10.98 7.22
N TYR A 58 4.17 -10.82 6.36
CA TYR A 58 3.21 -11.88 6.14
C TYR A 58 3.94 -13.13 5.69
N LYS A 59 4.96 -12.94 4.86
CA LYS A 59 5.75 -14.07 4.35
C LYS A 59 6.70 -14.58 5.43
N GLN A 60 7.36 -13.65 6.11
CA GLN A 60 8.31 -13.99 7.17
C GLN A 60 7.60 -14.72 8.30
N GLY A 61 6.33 -14.40 8.50
CA GLY A 61 5.52 -15.00 9.56
C GLY A 61 5.46 -14.09 10.77
N GLU A 62 6.07 -12.91 10.65
CA GLU A 62 6.05 -11.96 11.74
C GLU A 62 4.63 -11.47 11.98
N LEU A 63 3.90 -11.28 10.88
CA LEU A 63 2.50 -10.82 10.95
C LEU A 63 1.58 -11.78 10.21
N THR A 64 0.35 -11.86 10.66
CA THR A 64 -0.64 -12.72 10.03
C THR A 64 -1.25 -12.02 8.81
N ALA A 65 -2.01 -12.75 8.01
CA ALA A 65 -2.61 -12.15 6.83
C ALA A 65 -3.53 -11.00 7.23
N GLU A 66 -4.30 -11.21 8.30
CA GLU A 66 -5.20 -10.16 8.78
C GLU A 66 -4.44 -9.09 9.54
N SER A 67 -3.37 -9.49 10.23
CA SER A 67 -2.58 -8.52 10.98
C SER A 67 -1.94 -7.51 10.04
N ALA A 68 -1.36 -8.01 8.95
CA ALA A 68 -0.73 -7.14 7.97
C ALA A 68 -1.79 -6.23 7.34
N LEU A 69 -2.94 -6.81 7.03
CA LEU A 69 -4.03 -6.05 6.44
C LEU A 69 -4.49 -4.98 7.40
N GLU A 70 -4.64 -5.36 8.66
CA GLU A 70 -5.08 -4.44 9.69
C GLU A 70 -4.10 -3.28 9.84
N SER A 71 -2.81 -3.61 9.83
CA SER A 71 -1.77 -2.60 9.98
C SER A 71 -1.80 -1.60 8.82
N MET A 72 -1.93 -2.11 7.60
CA MET A 72 -1.96 -1.25 6.43
C MET A 72 -3.12 -0.26 6.48
N ILE A 73 -4.28 -0.76 6.92
CA ILE A 73 -5.48 0.08 7.00
C ILE A 73 -5.29 1.24 7.97
N LYS A 74 -4.72 0.97 9.14
CA LYS A 74 -4.55 2.00 10.15
C LYS A 74 -3.64 3.12 9.66
N ILE A 75 -2.55 2.77 8.99
CA ILE A 75 -1.65 3.80 8.48
C ILE A 75 -2.24 4.46 7.25
N ALA A 76 -3.06 3.70 6.52
CA ALA A 76 -3.70 4.24 5.34
C ALA A 76 -4.62 5.39 5.73
N LYS A 77 -5.34 5.21 6.83
CA LYS A 77 -6.24 6.25 7.31
C LYS A 77 -5.42 7.49 7.69
N LEU A 78 -4.29 7.26 8.35
CA LEU A 78 -3.41 8.36 8.74
C LEU A 78 -2.89 9.08 7.51
N SER A 79 -2.43 8.30 6.53
CA SER A 79 -1.90 8.86 5.29
C SER A 79 -2.98 9.62 4.54
N ASN A 80 -4.18 9.05 4.50
CA ASN A 80 -5.30 9.70 3.82
C ASN A 80 -5.60 11.05 4.47
N GLN A 81 -5.55 11.07 5.79
CA GLN A 81 -5.80 12.31 6.53
C GLN A 81 -4.75 13.34 6.16
N LEU A 82 -3.50 12.88 6.08
CA LEU A 82 -2.40 13.75 5.72
C LEU A 82 -2.57 14.29 4.30
N ASN A 83 -3.03 13.41 3.40
CA ASN A 83 -3.24 13.79 2.02
C ASN A 83 -4.24 14.93 1.90
N ARG A 84 -5.31 14.86 2.70
CA ARG A 84 -6.33 15.90 2.66
C ARG A 84 -5.70 17.25 3.00
N HIS A 85 -4.98 17.29 4.13
CA HIS A 85 -4.46 18.55 4.66
C HIS A 85 -3.46 19.35 3.82
N THR A 86 -2.47 18.69 3.24
CA THR A 86 -1.48 19.43 2.47
C THR A 86 -1.78 19.57 0.97
N PHE A 87 -2.93 20.17 0.61
CA PHE A 87 -3.29 20.39 -0.80
C PHE A 87 -3.12 19.11 -1.62
N PHE A 88 -3.89 18.07 -1.33
CA PHE A 88 -3.56 16.82 -2.00
C PHE A 88 -3.16 17.07 -3.45
N ASN A 89 -3.44 18.27 -3.93
CA ASN A 89 -3.11 18.65 -5.30
C ASN A 89 -1.61 18.55 -5.56
N GLN A 90 -0.81 18.91 -4.56
CA GLN A 90 0.63 18.85 -4.71
C GLN A 90 1.09 17.41 -4.91
N ARG A 91 0.44 16.48 -4.23
CA ARG A 91 0.79 15.07 -4.37
C ARG A 91 0.22 14.51 -5.66
N GLN A 92 0.88 13.48 -6.20
CA GLN A 92 0.41 12.89 -7.46
C GLN A 92 -0.94 12.20 -7.23
N PRO A 93 -1.80 12.18 -8.22
CA PRO A 93 -3.15 11.55 -8.09
C PRO A 93 -3.07 10.03 -7.99
N GLU A 94 -2.04 9.44 -8.59
CA GLU A 94 -1.88 8.00 -8.54
C GLU A 94 -1.64 7.52 -7.11
N THR A 95 -0.85 8.26 -6.37
CA THR A 95 -0.58 7.89 -4.98
C THR A 95 -1.80 8.18 -4.10
N GLY A 96 -2.47 9.29 -4.37
CA GLY A 96 -3.64 9.69 -3.59
C GLY A 96 -4.77 8.67 -3.67
N GLN A 97 -5.05 8.17 -4.86
CA GLN A 97 -6.13 7.19 -5.01
C GLN A 97 -5.73 5.84 -4.42
N PHE A 98 -4.43 5.52 -4.52
CA PHE A 98 -3.93 4.27 -3.96
C PHE A 98 -4.19 4.20 -2.47
N TYR A 99 -3.81 5.26 -1.76
CA TYR A 99 -4.01 5.29 -0.32
C TYR A 99 -5.50 5.34 0.02
N LYS A 100 -6.26 6.09 -0.77
CA LYS A 100 -7.69 6.22 -0.52
C LYS A 100 -8.38 4.86 -0.63
N LYS A 101 -8.07 4.12 -1.69
CA LYS A 101 -8.68 2.81 -1.90
C LYS A 101 -8.26 1.83 -0.79
N VAL A 102 -7.00 1.89 -0.39
CA VAL A 102 -6.52 0.99 0.65
C VAL A 102 -7.27 1.25 1.97
N ALA A 103 -7.43 2.53 2.31
CA ALA A 103 -8.12 2.89 3.54
C ALA A 103 -9.57 2.42 3.50
N ALA A 104 -10.22 2.57 2.34
CA ALA A 104 -11.61 2.17 2.16
C ALA A 104 -11.70 0.94 1.26
N ILE A 105 -10.64 0.14 1.25
CA ILE A 105 -10.60 -1.06 0.42
C ILE A 105 -11.88 -1.89 0.60
N ASP A 106 -12.51 -2.23 -0.51
CA ASP A 106 -13.74 -3.02 -0.50
C ASP A 106 -13.76 -4.01 -1.67
N LEU A 107 -13.01 -5.10 -1.53
CA LEU A 107 -12.96 -6.11 -2.57
C LEU A 107 -14.36 -6.67 -2.85
N GLN A 108 -15.08 -6.98 -1.78
CA GLN A 108 -16.43 -7.51 -1.90
C GLN A 108 -16.43 -8.80 -2.72
N SER A 1 -19.63 -18.12 12.02
CA SER A 1 -21.05 -18.16 11.53
C SER A 1 -21.20 -17.21 10.36
N ASP A 2 -20.63 -16.01 10.49
CA ASP A 2 -20.71 -15.00 9.44
C ASP A 2 -19.56 -15.17 8.44
N GLU A 3 -19.88 -15.73 7.28
CA GLU A 3 -18.86 -15.94 6.25
C GLU A 3 -18.54 -14.63 5.53
N LYS A 4 -17.34 -14.55 4.95
CA LYS A 4 -16.92 -13.34 4.22
C LYS A 4 -16.78 -13.64 2.74
N ILE A 5 -17.36 -12.79 1.91
CA ILE A 5 -17.28 -12.95 0.47
C ILE A 5 -15.86 -12.68 0.01
N LYS A 6 -15.28 -11.62 0.55
CA LYS A 6 -13.92 -11.24 0.22
C LYS A 6 -12.92 -12.15 0.91
N THR A 7 -11.72 -12.21 0.34
CA THR A 7 -10.64 -13.04 0.90
C THR A 7 -9.41 -12.18 1.15
N ALA A 8 -8.68 -12.49 2.22
CA ALA A 8 -7.49 -11.73 2.56
C ALA A 8 -6.46 -11.80 1.44
N HIS A 9 -6.30 -12.98 0.86
CA HIS A 9 -5.33 -13.17 -0.22
C HIS A 9 -5.66 -12.30 -1.42
N ASP A 10 -6.93 -12.29 -1.81
CA ASP A 10 -7.34 -11.49 -2.96
C ASP A 10 -7.16 -9.99 -2.70
N LEU A 11 -7.47 -9.58 -1.48
CA LEU A 11 -7.33 -8.17 -1.10
C LEU A 11 -5.88 -7.74 -1.20
N ILE A 12 -4.99 -8.58 -0.68
CA ILE A 12 -3.56 -8.29 -0.70
C ILE A 12 -3.07 -8.17 -2.14
N ASP A 13 -3.51 -9.08 -2.99
CA ASP A 13 -3.10 -9.08 -4.40
C ASP A 13 -3.55 -7.80 -5.11
N GLU A 14 -4.76 -7.34 -4.80
CA GLU A 14 -5.29 -6.15 -5.44
C GLU A 14 -4.43 -4.92 -5.16
N ILE A 15 -4.03 -4.74 -3.91
CA ILE A 15 -3.22 -3.58 -3.56
C ILE A 15 -1.81 -3.68 -4.11
N ILE A 16 -1.27 -4.90 -4.19
CA ILE A 16 0.07 -5.09 -4.73
C ILE A 16 0.11 -4.67 -6.19
N GLN A 17 -0.92 -5.04 -6.94
CA GLN A 17 -0.98 -4.70 -8.36
C GLN A 17 -1.02 -3.19 -8.53
N ASP A 18 -1.80 -2.52 -7.69
CA ASP A 18 -1.90 -1.06 -7.77
C ASP A 18 -0.53 -0.44 -7.50
N VAL A 19 0.19 -1.00 -6.53
CA VAL A 19 1.51 -0.49 -6.20
C VAL A 19 2.45 -0.62 -7.40
N ILE A 20 2.38 -1.76 -8.08
CA ILE A 20 3.22 -1.99 -9.24
C ILE A 20 2.92 -0.95 -10.32
N GLN A 21 1.65 -0.69 -10.54
CA GLN A 21 1.26 0.29 -11.56
C GLN A 21 1.81 1.67 -11.19
N LEU A 22 1.76 2.01 -9.91
CA LEU A 22 2.25 3.30 -9.43
C LEU A 22 3.77 3.38 -9.57
N ASP A 23 4.44 2.23 -9.54
CA ASP A 23 5.89 2.21 -9.64
C ASP A 23 6.36 2.90 -10.92
N GLY A 24 7.31 3.80 -10.78
CA GLY A 24 7.85 4.53 -11.93
C GLY A 24 9.18 5.18 -11.57
N LYS A 25 9.77 5.90 -12.52
CA LYS A 25 11.06 6.55 -12.27
C LYS A 25 10.91 7.57 -11.14
N LEU A 26 9.82 8.33 -11.16
CA LEU A 26 9.56 9.34 -10.13
C LEU A 26 10.84 10.06 -9.74
N GLY A 27 11.83 10.03 -10.62
CA GLY A 27 13.11 10.67 -10.34
C GLY A 27 13.92 9.83 -9.36
N LEU A 28 15.04 10.39 -8.88
CA LEU A 28 15.89 9.67 -7.93
C LEU A 28 15.58 10.09 -6.51
N LEU A 29 15.74 11.39 -6.22
CA LEU A 29 15.46 11.91 -4.90
C LEU A 29 13.97 11.79 -4.56
N GLY A 30 13.13 12.04 -5.56
CA GLY A 30 11.68 11.98 -5.34
C GLY A 30 11.25 10.59 -4.89
N GLY A 31 10.83 10.50 -3.63
CA GLY A 31 10.36 9.23 -3.07
C GLY A 31 11.52 8.32 -2.69
N ASN A 32 11.18 7.11 -2.23
CA ASN A 32 12.17 6.12 -1.81
C ASN A 32 12.03 4.86 -2.65
N THR A 33 13.10 4.06 -2.69
CA THR A 33 13.10 2.81 -3.45
C THR A 33 13.58 1.66 -2.58
N ARG A 34 12.96 0.50 -2.77
CA ARG A 34 13.31 -0.70 -2.00
C ARG A 34 13.43 -1.90 -2.94
N GLN A 35 14.30 -2.84 -2.59
CA GLN A 35 14.50 -4.02 -3.42
C GLN A 35 13.34 -4.99 -3.25
N LEU A 36 12.80 -5.44 -4.38
CA LEU A 36 11.68 -6.37 -4.36
C LEU A 36 12.19 -7.78 -4.05
N GLU A 37 11.30 -8.63 -3.58
CA GLU A 37 11.68 -10.00 -3.24
C GLU A 37 12.35 -10.67 -4.43
N ASP A 38 11.90 -10.33 -5.64
CA ASP A 38 12.49 -10.92 -6.84
C ASP A 38 13.82 -10.24 -7.17
N GLY A 39 14.23 -9.29 -6.33
CA GLY A 39 15.50 -8.59 -6.53
C GLY A 39 15.34 -7.41 -7.50
N ARG A 40 14.10 -7.01 -7.75
CA ARG A 40 13.83 -5.89 -8.65
C ARG A 40 13.66 -4.59 -7.88
N VAL A 41 14.42 -3.57 -8.26
CA VAL A 41 14.33 -2.27 -7.59
C VAL A 41 13.08 -1.52 -8.04
N ILE A 42 12.28 -1.06 -7.09
CA ILE A 42 11.06 -0.33 -7.38
C ILE A 42 11.04 0.99 -6.61
N ASN A 43 10.29 1.97 -7.13
CA ASN A 43 10.18 3.28 -6.48
C ASN A 43 8.72 3.61 -6.21
N ILE A 44 8.39 3.80 -4.93
CA ILE A 44 7.01 4.10 -4.54
C ILE A 44 6.99 5.11 -3.37
N PRO A 45 5.89 5.80 -3.14
CA PRO A 45 5.80 6.79 -2.01
C PRO A 45 6.27 6.20 -0.69
N ASN A 46 6.58 7.06 0.27
CA ASN A 46 7.05 6.60 1.58
C ASN A 46 6.01 5.71 2.24
N GLY A 47 4.75 6.12 2.18
CA GLY A 47 3.68 5.33 2.76
C GLY A 47 3.57 3.98 2.06
N ALA A 48 3.73 4.00 0.75
CA ALA A 48 3.67 2.78 -0.04
C ALA A 48 4.74 1.81 0.44
N ALA A 49 5.91 2.36 0.77
CA ALA A 49 7.02 1.55 1.26
C ALA A 49 6.65 0.87 2.57
N MET A 50 5.91 1.58 3.42
CA MET A 50 5.53 1.04 4.72
C MET A 50 4.68 -0.23 4.56
N ILE A 51 3.68 -0.20 3.69
CA ILE A 51 2.83 -1.38 3.50
C ILE A 51 3.61 -2.50 2.81
N PHE A 52 4.63 -2.13 2.04
CA PHE A 52 5.45 -3.13 1.35
C PHE A 52 6.11 -4.02 2.40
N ASP A 53 6.68 -3.39 3.42
CA ASP A 53 7.34 -4.13 4.49
C ASP A 53 6.34 -5.04 5.19
N ASP A 54 5.13 -4.54 5.38
CA ASP A 54 4.08 -5.33 6.04
C ASP A 54 3.80 -6.61 5.25
N TYR A 55 3.81 -6.50 3.92
CA TYR A 55 3.58 -7.65 3.07
C TYR A 55 4.64 -8.72 3.35
N LYS A 56 5.89 -8.28 3.42
CA LYS A 56 7.01 -9.18 3.67
C LYS A 56 6.79 -9.94 4.98
N LYS A 57 6.25 -9.25 5.97
CA LYS A 57 6.00 -9.86 7.27
C LYS A 57 5.02 -11.01 7.15
N TYR A 58 4.03 -10.85 6.31
CA TYR A 58 3.06 -11.91 6.11
C TYR A 58 3.80 -13.17 5.65
N LYS A 59 4.80 -12.97 4.79
CA LYS A 59 5.59 -14.10 4.28
C LYS A 59 6.54 -14.61 5.36
N GLN A 60 7.21 -13.68 6.03
CA GLN A 60 8.15 -14.02 7.07
C GLN A 60 7.45 -14.76 8.21
N GLY A 61 6.18 -14.43 8.41
CA GLY A 61 5.39 -15.03 9.46
C GLY A 61 5.34 -14.12 10.68
N GLU A 62 5.95 -12.95 10.56
CA GLU A 62 5.95 -11.99 11.65
C GLU A 62 4.53 -11.50 11.90
N LEU A 63 3.79 -11.31 10.82
CA LEU A 63 2.40 -10.85 10.90
C LEU A 63 1.46 -11.80 10.17
N THR A 64 0.23 -11.86 10.63
CA THR A 64 -0.78 -12.72 10.02
C THR A 64 -1.40 -12.01 8.82
N ALA A 65 -2.18 -12.73 8.03
CA ALA A 65 -2.82 -12.13 6.87
C ALA A 65 -3.71 -10.97 7.29
N GLU A 66 -4.46 -11.17 8.37
CA GLU A 66 -5.34 -10.13 8.87
C GLU A 66 -4.55 -9.05 9.60
N SER A 67 -3.46 -9.45 10.26
CA SER A 67 -2.64 -8.50 10.98
C SER A 67 -2.03 -7.50 10.01
N ALA A 68 -1.49 -8.02 8.90
CA ALA A 68 -0.88 -7.16 7.89
C ALA A 68 -1.95 -6.25 7.30
N LEU A 69 -3.12 -6.82 7.04
CA LEU A 69 -4.23 -6.05 6.49
C LEU A 69 -4.63 -4.96 7.47
N GLU A 70 -4.71 -5.33 8.74
CA GLU A 70 -5.09 -4.39 9.77
C GLU A 70 -4.07 -3.26 9.86
N SER A 71 -2.80 -3.62 9.76
CA SER A 71 -1.73 -2.64 9.82
C SER A 71 -1.83 -1.64 8.68
N MET A 72 -2.10 -2.15 7.47
CA MET A 72 -2.23 -1.30 6.29
C MET A 72 -3.38 -0.31 6.44
N ILE A 73 -4.48 -0.77 7.01
CA ILE A 73 -5.65 0.08 7.18
C ILE A 73 -5.35 1.24 8.15
N LYS A 74 -4.73 0.91 9.28
CA LYS A 74 -4.43 1.93 10.29
C LYS A 74 -3.45 2.99 9.77
N ILE A 75 -2.42 2.57 9.06
CA ILE A 75 -1.44 3.52 8.53
C ILE A 75 -2.00 4.26 7.33
N ALA A 76 -2.80 3.56 6.53
CA ALA A 76 -3.41 4.17 5.35
C ALA A 76 -4.32 5.32 5.77
N LYS A 77 -5.09 5.10 6.83
CA LYS A 77 -5.99 6.13 7.32
C LYS A 77 -5.19 7.34 7.79
N LEU A 78 -4.08 7.07 8.47
CA LEU A 78 -3.22 8.15 8.96
C LEU A 78 -2.62 8.90 7.76
N SER A 79 -2.22 8.14 6.74
CA SER A 79 -1.65 8.73 5.54
C SER A 79 -2.68 9.61 4.85
N ASN A 80 -3.91 9.10 4.78
CA ASN A 80 -5.00 9.83 4.15
C ASN A 80 -5.26 11.13 4.90
N GLN A 81 -5.26 11.04 6.23
CA GLN A 81 -5.48 12.20 7.07
C GLN A 81 -4.36 13.21 6.87
N LEU A 82 -3.14 12.70 6.81
CA LEU A 82 -1.97 13.53 6.61
C LEU A 82 -2.04 14.23 5.25
N ASN A 83 -2.46 13.48 4.24
CA ASN A 83 -2.56 14.02 2.89
C ASN A 83 -3.53 15.19 2.85
N ARG A 84 -4.65 15.07 3.55
CA ARG A 84 -5.64 16.13 3.58
C ARG A 84 -5.04 17.40 4.17
N HIS A 85 -4.25 17.25 5.22
CA HIS A 85 -3.61 18.40 5.86
C HIS A 85 -2.70 19.09 4.85
N THR A 86 -1.87 18.30 4.17
CA THR A 86 -0.95 18.82 3.17
C THR A 86 -1.66 18.97 1.83
N PHE A 87 -1.02 19.68 0.90
CA PHE A 87 -1.63 19.88 -0.42
C PHE A 87 -1.50 18.61 -1.25
N PHE A 88 -2.56 18.25 -1.96
CA PHE A 88 -2.56 17.05 -2.79
C PHE A 88 -2.00 17.36 -4.18
N ASN A 89 -1.90 18.64 -4.50
CA ASN A 89 -1.40 19.04 -5.82
C ASN A 89 0.03 18.57 -6.02
N GLN A 90 0.85 18.65 -4.98
CA GLN A 90 2.24 18.22 -5.09
C GLN A 90 2.33 16.70 -5.25
N ARG A 91 1.30 16.00 -4.78
CA ARG A 91 1.26 14.54 -4.88
C ARG A 91 0.56 14.11 -6.15
N GLN A 92 0.97 12.97 -6.71
CA GLN A 92 0.35 12.48 -7.93
C GLN A 92 -1.08 12.00 -7.64
N PRO A 93 -1.98 12.14 -8.59
CA PRO A 93 -3.40 11.70 -8.39
C PRO A 93 -3.52 10.19 -8.21
N GLU A 94 -2.62 9.45 -8.86
CA GLU A 94 -2.64 8.00 -8.76
C GLU A 94 -2.32 7.56 -7.33
N THR A 95 -1.35 8.23 -6.71
CA THR A 95 -0.96 7.91 -5.35
C THR A 95 -2.12 8.14 -4.38
N GLY A 96 -2.77 9.30 -4.52
CA GLY A 96 -3.90 9.62 -3.66
C GLY A 96 -5.03 8.62 -3.82
N GLN A 97 -5.25 8.20 -5.07
CA GLN A 97 -6.31 7.25 -5.37
C GLN A 97 -6.05 5.91 -4.68
N PHE A 98 -4.78 5.51 -4.66
CA PHE A 98 -4.39 4.25 -4.03
C PHE A 98 -4.77 4.24 -2.54
N TYR A 99 -4.42 5.31 -1.85
CA TYR A 99 -4.71 5.42 -0.42
C TYR A 99 -6.21 5.37 -0.15
N LYS A 100 -6.99 6.02 -1.02
CA LYS A 100 -8.44 6.03 -0.83
C LYS A 100 -9.02 4.62 -0.84
N LYS A 101 -8.61 3.81 -1.82
CA LYS A 101 -9.10 2.44 -1.92
C LYS A 101 -8.66 1.62 -0.71
N VAL A 102 -7.43 1.82 -0.28
CA VAL A 102 -6.90 1.05 0.85
C VAL A 102 -7.72 1.33 2.11
N ALA A 103 -8.00 2.60 2.38
CA ALA A 103 -8.78 2.98 3.55
C ALA A 103 -10.18 2.38 3.50
N ALA A 104 -10.78 2.40 2.31
CA ALA A 104 -12.13 1.87 2.11
C ALA A 104 -12.08 0.58 1.31
N ILE A 105 -10.97 -0.13 1.41
CA ILE A 105 -10.81 -1.39 0.68
C ILE A 105 -12.01 -2.30 0.89
N ASP A 106 -12.57 -2.80 -0.20
CA ASP A 106 -13.73 -3.69 -0.12
C ASP A 106 -13.88 -4.49 -1.42
N LEU A 107 -13.09 -5.55 -1.56
CA LEU A 107 -13.16 -6.39 -2.76
C LEU A 107 -14.52 -7.07 -2.87
N GLN A 108 -15.04 -7.51 -1.73
CA GLN A 108 -16.33 -8.20 -1.71
C GLN A 108 -16.31 -9.42 -2.63
N SER A 1 -21.81 -16.67 9.95
CA SER A 1 -20.48 -16.09 10.29
C SER A 1 -20.28 -14.81 9.49
N ASP A 2 -21.11 -14.61 8.48
CA ASP A 2 -21.01 -13.42 7.64
C ASP A 2 -19.59 -13.27 7.09
N GLU A 3 -19.05 -14.36 6.58
CA GLU A 3 -17.71 -14.35 6.01
C GLU A 3 -17.69 -13.58 4.70
N LYS A 4 -16.62 -12.82 4.47
CA LYS A 4 -16.48 -12.05 3.24
C LYS A 4 -16.19 -12.96 2.06
N ILE A 5 -16.76 -12.64 0.91
CA ILE A 5 -16.55 -13.44 -0.29
C ILE A 5 -15.07 -13.37 -0.67
N LYS A 6 -14.51 -12.18 -0.61
CA LYS A 6 -13.11 -11.98 -0.95
C LYS A 6 -12.21 -12.49 0.17
N THR A 7 -11.15 -13.19 -0.22
CA THR A 7 -10.21 -13.73 0.75
C THR A 7 -9.21 -12.65 1.18
N ALA A 8 -8.61 -12.83 2.34
CA ALA A 8 -7.64 -11.86 2.84
C ALA A 8 -6.44 -11.79 1.91
N HIS A 9 -5.99 -12.96 1.43
CA HIS A 9 -4.85 -13.02 0.53
C HIS A 9 -5.15 -12.33 -0.80
N ASP A 10 -6.35 -12.55 -1.32
CA ASP A 10 -6.74 -11.94 -2.59
C ASP A 10 -6.78 -10.42 -2.47
N LEU A 11 -7.26 -9.95 -1.34
CA LEU A 11 -7.37 -8.52 -1.09
C LEU A 11 -5.98 -7.88 -1.08
N ILE A 12 -5.03 -8.58 -0.44
CA ILE A 12 -3.66 -8.10 -0.35
C ILE A 12 -3.07 -8.01 -1.76
N ASP A 13 -3.37 -9.01 -2.58
CA ASP A 13 -2.86 -9.03 -3.95
C ASP A 13 -3.38 -7.83 -4.74
N GLU A 14 -4.62 -7.45 -4.50
CA GLU A 14 -5.22 -6.33 -5.22
C GLU A 14 -4.45 -5.03 -4.98
N ILE A 15 -4.10 -4.75 -3.74
CA ILE A 15 -3.37 -3.52 -3.43
C ILE A 15 -1.93 -3.59 -3.93
N ILE A 16 -1.34 -4.78 -3.92
CA ILE A 16 0.03 -4.94 -4.39
C ILE A 16 0.11 -4.62 -5.88
N GLN A 17 -0.87 -5.11 -6.63
CA GLN A 17 -0.89 -4.88 -8.07
C GLN A 17 -1.02 -3.40 -8.38
N ASP A 18 -1.85 -2.70 -7.62
CA ASP A 18 -2.03 -1.28 -7.86
C ASP A 18 -0.71 -0.54 -7.67
N VAL A 19 0.05 -0.95 -6.66
CA VAL A 19 1.34 -0.33 -6.40
C VAL A 19 2.31 -0.56 -7.56
N ILE A 20 2.31 -1.79 -8.08
CA ILE A 20 3.20 -2.13 -9.18
C ILE A 20 2.91 -1.25 -10.41
N GLN A 21 1.63 -1.11 -10.74
CA GLN A 21 1.26 -0.29 -11.90
C GLN A 21 1.69 1.16 -11.67
N LEU A 22 1.52 1.65 -10.45
CA LEU A 22 1.88 3.02 -10.12
C LEU A 22 3.41 3.17 -10.02
N ASP A 23 4.11 2.04 -9.94
CA ASP A 23 5.57 2.06 -9.82
C ASP A 23 6.19 2.75 -11.04
N GLY A 24 7.14 3.65 -10.78
CA GLY A 24 7.83 4.38 -11.85
C GLY A 24 9.34 4.35 -11.64
N LYS A 25 10.08 4.93 -12.57
CA LYS A 25 11.54 4.97 -12.45
C LYS A 25 12.00 5.81 -11.26
N LEU A 26 11.39 6.99 -11.11
CA LEU A 26 11.74 7.90 -10.01
C LEU A 26 10.53 8.53 -9.30
N GLY A 27 9.74 9.28 -10.06
CA GLY A 27 8.58 9.98 -9.54
C GLY A 27 8.98 11.21 -8.73
N LEU A 28 9.76 11.00 -7.67
CA LEU A 28 10.21 12.12 -6.85
C LEU A 28 11.39 11.71 -5.97
N LEU A 29 12.17 12.70 -5.54
CA LEU A 29 13.32 12.44 -4.68
C LEU A 29 12.87 11.84 -3.36
N GLY A 30 11.76 12.36 -2.84
CA GLY A 30 11.22 11.88 -1.57
C GLY A 30 10.92 10.39 -1.64
N GLY A 31 10.46 9.94 -2.81
CA GLY A 31 10.12 8.54 -2.99
C GLY A 31 11.32 7.64 -2.71
N ASN A 32 11.05 6.49 -2.09
CA ASN A 32 12.11 5.53 -1.75
C ASN A 32 12.10 4.35 -2.71
N THR A 33 13.27 3.75 -2.92
CA THR A 33 13.40 2.60 -3.82
C THR A 33 13.72 1.34 -3.02
N ARG A 34 12.91 0.31 -3.20
CA ARG A 34 13.11 -0.96 -2.49
C ARG A 34 12.99 -2.11 -3.49
N GLN A 35 13.78 -3.17 -3.28
CA GLN A 35 13.76 -4.31 -4.18
C GLN A 35 12.66 -5.30 -3.81
N LEU A 36 12.08 -5.89 -4.83
CA LEU A 36 11.03 -6.87 -4.65
C LEU A 36 11.65 -8.17 -4.13
N GLU A 37 10.82 -9.07 -3.65
CA GLU A 37 11.33 -10.34 -3.13
C GLU A 37 12.08 -11.06 -4.24
N ASP A 38 11.76 -10.69 -5.48
CA ASP A 38 12.39 -11.28 -6.65
C ASP A 38 13.67 -10.52 -7.00
N GLY A 39 13.96 -9.46 -6.24
CA GLY A 39 15.16 -8.65 -6.48
C GLY A 39 14.91 -7.57 -7.53
N ARG A 40 13.65 -7.40 -7.91
CA ARG A 40 13.30 -6.39 -8.91
C ARG A 40 13.25 -5.01 -8.26
N VAL A 41 13.98 -4.05 -8.83
CA VAL A 41 14.01 -2.70 -8.28
C VAL A 41 12.75 -1.94 -8.65
N ILE A 42 12.06 -1.42 -7.64
CA ILE A 42 10.83 -0.65 -7.85
C ILE A 42 10.88 0.62 -7.00
N ASN A 43 10.19 1.67 -7.45
CA ASN A 43 10.16 2.94 -6.73
C ASN A 43 8.72 3.34 -6.42
N ILE A 44 8.45 3.57 -5.13
CA ILE A 44 7.10 3.95 -4.70
C ILE A 44 7.18 4.94 -3.53
N PRO A 45 6.13 5.71 -3.27
CA PRO A 45 6.14 6.69 -2.13
C PRO A 45 6.51 6.02 -0.80
N ASN A 46 6.89 6.83 0.19
CA ASN A 46 7.26 6.30 1.48
C ASN A 46 6.11 5.53 2.10
N GLY A 47 4.89 6.05 1.95
CA GLY A 47 3.73 5.36 2.50
C GLY A 47 3.58 3.98 1.84
N ALA A 48 3.81 3.94 0.53
CA ALA A 48 3.73 2.70 -0.21
C ALA A 48 4.78 1.72 0.34
N ALA A 49 5.94 2.28 0.65
CA ALA A 49 7.05 1.48 1.20
C ALA A 49 6.66 0.88 2.54
N MET A 50 5.92 1.65 3.34
CA MET A 50 5.51 1.18 4.66
C MET A 50 4.68 -0.09 4.57
N ILE A 51 3.70 -0.10 3.67
CA ILE A 51 2.85 -1.28 3.51
C ILE A 51 3.65 -2.41 2.87
N PHE A 52 4.65 -2.06 2.07
CA PHE A 52 5.49 -3.06 1.44
C PHE A 52 6.17 -3.89 2.51
N ASP A 53 6.70 -3.21 3.52
CA ASP A 53 7.37 -3.88 4.63
C ASP A 53 6.39 -4.80 5.34
N ASP A 54 5.15 -4.34 5.49
CA ASP A 54 4.13 -5.15 6.16
C ASP A 54 3.91 -6.45 5.40
N TYR A 55 3.94 -6.38 4.08
CA TYR A 55 3.77 -7.58 3.26
C TYR A 55 4.87 -8.58 3.60
N LYS A 56 6.10 -8.09 3.68
CA LYS A 56 7.25 -8.94 3.99
C LYS A 56 7.03 -9.66 5.31
N LYS A 57 6.44 -8.95 6.27
CA LYS A 57 6.17 -9.53 7.59
C LYS A 57 5.25 -10.72 7.49
N TYR A 58 4.27 -10.64 6.61
CA TYR A 58 3.35 -11.75 6.43
C TYR A 58 4.15 -12.98 6.02
N LYS A 59 5.16 -12.77 5.19
CA LYS A 59 6.01 -13.87 4.72
C LYS A 59 6.95 -14.32 5.84
N GLN A 60 7.57 -13.33 6.49
CA GLN A 60 8.51 -13.62 7.57
C GLN A 60 7.81 -14.34 8.72
N GLY A 61 6.52 -14.05 8.89
CA GLY A 61 5.73 -14.64 9.96
C GLY A 61 5.63 -13.69 11.14
N GLU A 62 6.19 -12.50 10.98
CA GLU A 62 6.14 -11.50 12.03
C GLU A 62 4.69 -11.07 12.25
N LEU A 63 3.96 -10.95 11.14
CA LEU A 63 2.56 -10.54 11.18
C LEU A 63 1.68 -11.57 10.47
N THR A 64 0.44 -11.68 10.92
CA THR A 64 -0.50 -12.61 10.31
C THR A 64 -1.11 -11.98 9.07
N ALA A 65 -1.85 -12.78 8.30
CA ALA A 65 -2.47 -12.25 7.08
C ALA A 65 -3.42 -11.12 7.43
N GLU A 66 -4.20 -11.30 8.49
CA GLU A 66 -5.14 -10.28 8.91
C GLU A 66 -4.42 -9.14 9.63
N SER A 67 -3.36 -9.47 10.34
CA SER A 67 -2.61 -8.45 11.06
C SER A 67 -1.99 -7.46 10.07
N ALA A 68 -1.39 -8.00 9.02
CA ALA A 68 -0.77 -7.15 8.00
C ALA A 68 -1.84 -6.30 7.32
N LEU A 69 -2.98 -6.92 7.02
CA LEU A 69 -4.08 -6.21 6.40
C LEU A 69 -4.58 -5.11 7.32
N GLU A 70 -4.72 -5.44 8.58
CA GLU A 70 -5.19 -4.50 9.58
C GLU A 70 -4.25 -3.31 9.69
N SER A 71 -2.95 -3.58 9.69
CA SER A 71 -1.95 -2.52 9.79
C SER A 71 -2.01 -1.59 8.57
N MET A 72 -2.19 -2.18 7.40
CA MET A 72 -2.27 -1.38 6.17
C MET A 72 -3.46 -0.44 6.22
N ILE A 73 -4.58 -0.93 6.72
CA ILE A 73 -5.79 -0.10 6.82
C ILE A 73 -5.59 1.06 7.80
N LYS A 74 -5.05 0.75 8.97
CA LYS A 74 -4.84 1.77 9.99
C LYS A 74 -3.83 2.84 9.57
N ILE A 75 -2.72 2.40 8.97
CA ILE A 75 -1.70 3.36 8.54
C ILE A 75 -2.15 4.07 7.28
N ALA A 76 -2.89 3.37 6.44
CA ALA A 76 -3.38 3.97 5.20
C ALA A 76 -4.33 5.11 5.53
N LYS A 77 -5.16 4.90 6.55
CA LYS A 77 -6.11 5.94 6.97
C LYS A 77 -5.33 7.18 7.43
N LEU A 78 -4.26 6.94 8.18
CA LEU A 78 -3.44 8.04 8.68
C LEU A 78 -2.70 8.74 7.54
N SER A 79 -2.18 7.94 6.59
CA SER A 79 -1.42 8.48 5.47
C SER A 79 -2.24 9.45 4.61
N ASN A 80 -3.47 9.08 4.27
CA ASN A 80 -4.30 9.96 3.45
C ASN A 80 -4.77 11.17 4.26
N GLN A 81 -4.97 10.97 5.56
CA GLN A 81 -5.40 12.05 6.42
C GLN A 81 -4.36 13.16 6.41
N LEU A 82 -3.10 12.77 6.54
CA LEU A 82 -2.00 13.73 6.52
C LEU A 82 -1.87 14.37 5.13
N ASN A 83 -2.06 13.54 4.12
CA ASN A 83 -1.95 14.01 2.73
C ASN A 83 -2.98 15.11 2.45
N ARG A 84 -4.19 14.95 2.97
CA ARG A 84 -5.24 15.93 2.75
C ARG A 84 -4.82 17.29 3.28
N HIS A 85 -4.34 17.30 4.52
CA HIS A 85 -4.06 18.53 5.27
C HIS A 85 -3.00 19.55 4.82
N THR A 86 -1.82 19.13 4.40
CA THR A 86 -0.82 20.12 4.02
C THR A 86 -0.48 20.08 2.54
N PHE A 87 -0.99 21.04 1.75
CA PHE A 87 -0.71 21.12 0.32
C PHE A 87 -0.97 19.76 -0.34
N PHE A 88 -2.13 19.17 -0.09
CA PHE A 88 -2.33 17.84 -0.62
C PHE A 88 -1.98 17.80 -2.11
N ASN A 89 -1.96 18.97 -2.73
CA ASN A 89 -1.65 19.08 -4.16
C ASN A 89 -0.19 18.69 -4.43
N GLN A 90 0.64 18.75 -3.39
CA GLN A 90 2.05 18.41 -3.54
C GLN A 90 2.21 16.93 -3.93
N ARG A 91 1.36 16.08 -3.37
CA ARG A 91 1.43 14.65 -3.68
C ARG A 91 0.77 14.38 -5.03
N GLN A 92 1.25 13.36 -5.73
CA GLN A 92 0.69 13.02 -7.04
C GLN A 92 -0.73 12.49 -6.87
N PRO A 93 -1.60 12.72 -7.83
CA PRO A 93 -3.01 12.24 -7.76
C PRO A 93 -3.11 10.71 -7.85
N GLU A 94 -2.17 10.11 -8.56
CA GLU A 94 -2.16 8.66 -8.73
C GLU A 94 -1.93 7.98 -7.39
N THR A 95 -1.02 8.55 -6.59
CA THR A 95 -0.72 7.98 -5.29
C THR A 95 -1.89 8.19 -4.34
N GLY A 96 -2.54 9.35 -4.46
CA GLY A 96 -3.68 9.66 -3.62
C GLY A 96 -4.80 8.65 -3.82
N GLN A 97 -5.02 8.26 -5.08
CA GLN A 97 -6.05 7.29 -5.39
C GLN A 97 -5.74 5.95 -4.73
N PHE A 98 -4.47 5.55 -4.78
CA PHE A 98 -4.07 4.29 -4.17
C PHE A 98 -4.36 4.30 -2.68
N TYR A 99 -3.96 5.37 -2.00
CA TYR A 99 -4.19 5.48 -0.58
C TYR A 99 -5.68 5.48 -0.26
N LYS A 100 -6.46 6.20 -1.07
CA LYS A 100 -7.89 6.26 -0.86
C LYS A 100 -8.52 4.89 -1.02
N LYS A 101 -8.15 4.18 -2.08
CA LYS A 101 -8.67 2.84 -2.33
C LYS A 101 -8.26 1.88 -1.23
N VAL A 102 -7.00 1.97 -0.79
CA VAL A 102 -6.50 1.09 0.25
C VAL A 102 -7.31 1.27 1.53
N ALA A 103 -7.58 2.52 1.90
CA ALA A 103 -8.34 2.80 3.12
C ALA A 103 -9.73 2.18 3.04
N ALA A 104 -10.35 2.26 1.86
CA ALA A 104 -11.69 1.72 1.64
C ALA A 104 -11.61 0.51 0.70
N ILE A 105 -10.48 -0.17 0.71
CA ILE A 105 -10.28 -1.32 -0.17
C ILE A 105 -11.51 -2.23 -0.18
N ASP A 106 -11.85 -2.72 -1.37
CA ASP A 106 -13.00 -3.61 -1.51
C ASP A 106 -12.90 -4.41 -2.81
N LEU A 107 -12.42 -5.65 -2.72
CA LEU A 107 -12.30 -6.50 -3.91
C LEU A 107 -13.68 -6.74 -4.51
N GLN A 108 -14.66 -7.07 -3.67
CA GLN A 108 -16.01 -7.33 -4.14
C GLN A 108 -16.99 -7.27 -2.98
N SER A 1 -17.83 -9.17 9.99
CA SER A 1 -19.06 -8.37 10.18
C SER A 1 -19.94 -8.46 8.95
N ASP A 2 -21.25 -8.40 9.15
CA ASP A 2 -22.17 -8.41 8.01
C ASP A 2 -21.85 -9.65 7.11
N GLU A 3 -21.69 -9.56 5.78
CA GLU A 3 -21.38 -10.74 4.99
C GLU A 3 -20.05 -10.58 4.26
N LYS A 4 -19.32 -11.68 4.16
CA LYS A 4 -18.03 -11.67 3.49
C LYS A 4 -18.17 -12.21 2.06
N ILE A 5 -17.78 -11.39 1.09
CA ILE A 5 -17.86 -11.79 -0.33
C ILE A 5 -16.47 -11.76 -0.96
N LYS A 6 -15.45 -11.72 -0.11
CA LYS A 6 -14.06 -11.69 -0.59
C LYS A 6 -13.13 -12.31 0.44
N THR A 7 -11.88 -12.57 0.04
CA THR A 7 -10.90 -13.18 0.93
C THR A 7 -9.71 -12.23 1.15
N ALA A 8 -9.02 -12.40 2.26
CA ALA A 8 -7.88 -11.56 2.59
C ALA A 8 -6.78 -11.72 1.54
N HIS A 9 -6.56 -12.95 1.11
CA HIS A 9 -5.51 -13.23 0.12
C HIS A 9 -5.77 -12.46 -1.17
N ASP A 10 -6.99 -12.52 -1.67
CA ASP A 10 -7.34 -11.82 -2.90
C ASP A 10 -7.16 -10.31 -2.77
N LEU A 11 -7.62 -9.77 -1.64
CA LEU A 11 -7.52 -8.34 -1.39
C LEU A 11 -6.05 -7.91 -1.36
N ILE A 12 -5.23 -8.68 -0.67
CA ILE A 12 -3.81 -8.37 -0.56
C ILE A 12 -3.16 -8.37 -1.96
N ASP A 13 -3.52 -9.36 -2.77
CA ASP A 13 -2.95 -9.47 -4.11
C ASP A 13 -3.30 -8.26 -4.97
N GLU A 14 -4.53 -7.77 -4.84
CA GLU A 14 -4.98 -6.64 -5.64
C GLU A 14 -4.18 -5.36 -5.35
N ILE A 15 -3.90 -5.11 -4.07
CA ILE A 15 -3.15 -3.91 -3.71
C ILE A 15 -1.67 -4.03 -4.10
N ILE A 16 -1.13 -5.23 -4.02
CA ILE A 16 0.27 -5.45 -4.39
C ILE A 16 0.45 -5.13 -5.86
N GLN A 17 -0.48 -5.59 -6.68
CA GLN A 17 -0.41 -5.34 -8.12
C GLN A 17 -0.46 -3.85 -8.40
N ASP A 18 -1.32 -3.13 -7.66
CA ASP A 18 -1.46 -1.70 -7.84
C ASP A 18 -0.14 -1.01 -7.52
N VAL A 19 0.55 -1.50 -6.48
CA VAL A 19 1.84 -0.93 -6.09
C VAL A 19 2.84 -1.08 -7.24
N ILE A 20 2.87 -2.25 -7.85
CA ILE A 20 3.78 -2.50 -8.95
C ILE A 20 3.50 -1.53 -10.10
N GLN A 21 2.22 -1.38 -10.43
CA GLN A 21 1.82 -0.47 -11.49
C GLN A 21 2.18 0.97 -11.12
N LEU A 22 2.01 1.29 -9.83
CA LEU A 22 2.30 2.62 -9.33
C LEU A 22 3.77 2.97 -9.54
N ASP A 23 4.62 1.94 -9.53
CA ASP A 23 6.05 2.15 -9.72
C ASP A 23 6.33 2.86 -11.03
N GLY A 24 7.22 3.85 -11.04
CA GLY A 24 7.48 4.55 -12.28
C GLY A 24 8.51 5.64 -12.17
N LYS A 25 8.66 6.40 -13.24
CA LYS A 25 9.59 7.51 -13.25
C LYS A 25 8.82 8.67 -12.63
N LEU A 26 8.88 8.75 -11.30
CA LEU A 26 8.18 9.78 -10.56
C LEU A 26 8.70 11.14 -10.97
N GLY A 27 9.99 11.22 -11.25
CA GLY A 27 10.56 12.51 -11.62
C GLY A 27 10.98 13.29 -10.38
N LEU A 28 10.81 12.68 -9.22
CA LEU A 28 11.18 13.32 -7.95
C LEU A 28 11.75 12.28 -6.99
N LEU A 29 12.80 12.66 -6.26
CA LEU A 29 13.45 11.73 -5.33
C LEU A 29 12.77 11.76 -3.96
N GLY A 30 11.61 12.39 -3.90
CA GLY A 30 10.86 12.47 -2.65
C GLY A 30 10.52 11.08 -2.14
N GLY A 31 10.17 10.18 -3.06
CA GLY A 31 9.82 8.82 -2.71
C GLY A 31 11.07 8.00 -2.40
N ASN A 32 10.88 6.83 -1.80
CA ASN A 32 11.99 5.95 -1.45
C ASN A 32 11.98 4.70 -2.31
N THR A 33 13.17 4.19 -2.63
CA THR A 33 13.31 2.97 -3.44
C THR A 33 13.51 1.76 -2.55
N ARG A 34 12.87 0.65 -2.91
CA ARG A 34 12.97 -0.59 -2.15
C ARG A 34 13.15 -1.77 -3.11
N GLN A 35 14.10 -2.65 -2.79
CA GLN A 35 14.36 -3.80 -3.63
C GLN A 35 13.31 -4.87 -3.41
N LEU A 36 12.71 -5.34 -4.50
CA LEU A 36 11.69 -6.37 -4.44
C LEU A 36 12.33 -7.69 -4.05
N GLU A 37 11.54 -8.59 -3.48
CA GLU A 37 12.06 -9.89 -3.08
C GLU A 37 12.72 -10.56 -4.28
N ASP A 38 12.10 -10.39 -5.44
CA ASP A 38 12.63 -10.96 -6.67
C ASP A 38 14.00 -10.35 -6.97
N GLY A 39 14.28 -9.20 -6.36
CA GLY A 39 15.55 -8.51 -6.57
C GLY A 39 15.39 -7.36 -7.56
N ARG A 40 14.13 -7.00 -7.83
CA ARG A 40 13.84 -5.91 -8.77
C ARG A 40 13.67 -4.59 -8.02
N VAL A 41 14.43 -3.58 -8.45
CA VAL A 41 14.37 -2.27 -7.80
C VAL A 41 13.13 -1.51 -8.27
N ILE A 42 12.34 -1.03 -7.30
CA ILE A 42 11.13 -0.27 -7.59
C ILE A 42 11.13 1.03 -6.79
N ASN A 43 10.39 2.02 -7.27
CA ASN A 43 10.30 3.31 -6.60
C ASN A 43 8.84 3.64 -6.29
N ILE A 44 8.55 3.86 -5.01
CA ILE A 44 7.19 4.18 -4.59
C ILE A 44 7.19 5.11 -3.37
N PRO A 45 6.13 5.87 -3.13
CA PRO A 45 6.08 6.79 -1.95
C PRO A 45 6.49 6.09 -0.66
N ASN A 46 6.83 6.89 0.35
CA ASN A 46 7.25 6.34 1.63
C ASN A 46 6.15 5.48 2.24
N GLY A 47 4.90 5.91 2.11
CA GLY A 47 3.77 5.16 2.64
C GLY A 47 3.70 3.78 1.98
N ALA A 48 3.93 3.75 0.67
CA ALA A 48 3.90 2.50 -0.07
C ALA A 48 4.98 1.56 0.48
N ALA A 49 6.13 2.12 0.81
CA ALA A 49 7.24 1.34 1.35
C ALA A 49 6.87 0.71 2.69
N MET A 50 6.13 1.46 3.51
CA MET A 50 5.75 0.96 4.83
C MET A 50 4.90 -0.30 4.73
N ILE A 51 3.90 -0.29 3.85
CA ILE A 51 3.04 -1.46 3.70
C ILE A 51 3.82 -2.61 3.05
N PHE A 52 4.81 -2.26 2.25
CA PHE A 52 5.63 -3.28 1.59
C PHE A 52 6.31 -4.15 2.64
N ASP A 53 6.89 -3.50 3.64
CA ASP A 53 7.55 -4.21 4.71
C ASP A 53 6.54 -5.11 5.42
N ASP A 54 5.33 -4.60 5.58
CA ASP A 54 4.28 -5.36 6.23
C ASP A 54 4.01 -6.65 5.48
N TYR A 55 4.02 -6.58 4.15
CA TYR A 55 3.80 -7.76 3.33
C TYR A 55 4.86 -8.81 3.64
N LYS A 56 6.11 -8.37 3.73
CA LYS A 56 7.21 -9.27 4.01
C LYS A 56 6.97 -10.02 5.32
N LYS A 57 6.40 -9.33 6.30
CA LYS A 57 6.13 -9.94 7.60
C LYS A 57 5.16 -11.10 7.45
N TYR A 58 4.18 -10.95 6.59
CA TYR A 58 3.23 -12.03 6.39
C TYR A 58 3.99 -13.27 5.96
N LYS A 59 5.00 -13.07 5.11
CA LYS A 59 5.81 -14.19 4.62
C LYS A 59 6.75 -14.70 5.73
N GLN A 60 7.40 -13.75 6.40
CA GLN A 60 8.33 -14.10 7.47
C GLN A 60 7.60 -14.82 8.60
N GLY A 61 6.32 -14.50 8.77
CA GLY A 61 5.51 -15.11 9.82
C GLY A 61 5.44 -14.19 11.03
N GLU A 62 6.05 -13.02 10.91
CA GLU A 62 6.02 -12.05 11.99
C GLU A 62 4.59 -11.57 12.22
N LEU A 63 3.86 -11.39 11.12
CA LEU A 63 2.47 -10.95 11.17
C LEU A 63 1.57 -11.93 10.43
N THR A 64 0.32 -12.00 10.87
CA THR A 64 -0.66 -12.88 10.24
C THR A 64 -1.23 -12.19 9.01
N ALA A 65 -1.92 -12.95 8.17
CA ALA A 65 -2.49 -12.37 6.95
C ALA A 65 -3.44 -11.22 7.29
N GLU A 66 -4.28 -11.43 8.30
CA GLU A 66 -5.21 -10.40 8.72
C GLU A 66 -4.50 -9.32 9.52
N SER A 67 -3.46 -9.72 10.26
CA SER A 67 -2.71 -8.75 11.06
C SER A 67 -2.04 -7.74 10.16
N ALA A 68 -1.39 -8.23 9.11
CA ALA A 68 -0.72 -7.36 8.16
C ALA A 68 -1.73 -6.44 7.48
N LEU A 69 -2.86 -7.01 7.08
CA LEU A 69 -3.90 -6.24 6.43
C LEU A 69 -4.43 -5.17 7.39
N GLU A 70 -4.66 -5.59 8.63
CA GLU A 70 -5.17 -4.68 9.65
C GLU A 70 -4.19 -3.53 9.90
N SER A 71 -2.90 -3.88 10.00
CA SER A 71 -1.87 -2.87 10.25
C SER A 71 -1.78 -1.89 9.08
N MET A 72 -1.87 -2.41 7.86
CA MET A 72 -1.79 -1.58 6.66
C MET A 72 -2.91 -0.54 6.63
N ILE A 73 -4.10 -0.97 7.01
CA ILE A 73 -5.26 -0.08 7.01
C ILE A 73 -5.08 1.09 7.99
N LYS A 74 -4.60 0.79 9.20
CA LYS A 74 -4.44 1.83 10.21
C LYS A 74 -3.44 2.90 9.77
N ILE A 75 -2.33 2.49 9.17
CA ILE A 75 -1.34 3.46 8.73
C ILE A 75 -1.80 4.18 7.47
N ALA A 76 -2.60 3.48 6.66
CA ALA A 76 -3.12 4.08 5.44
C ALA A 76 -4.01 5.25 5.79
N LYS A 77 -4.83 5.07 6.82
CA LYS A 77 -5.72 6.14 7.26
C LYS A 77 -4.92 7.33 7.74
N LEU A 78 -3.84 7.05 8.48
CA LEU A 78 -2.99 8.12 8.98
C LEU A 78 -2.32 8.85 7.82
N SER A 79 -1.88 8.09 6.82
CA SER A 79 -1.24 8.70 5.66
C SER A 79 -2.23 9.60 4.93
N ASN A 80 -3.44 9.09 4.76
CA ASN A 80 -4.49 9.84 4.09
C ASN A 80 -4.87 11.09 4.87
N GLN A 81 -5.00 10.95 6.18
CA GLN A 81 -5.37 12.07 7.03
C GLN A 81 -4.35 13.20 6.96
N LEU A 82 -3.07 12.86 7.09
CA LEU A 82 -2.01 13.85 7.03
C LEU A 82 -1.84 14.39 5.61
N ASN A 83 -1.89 13.49 4.63
CA ASN A 83 -1.71 13.88 3.24
C ASN A 83 -2.81 14.85 2.80
N ARG A 84 -4.06 14.53 3.14
CA ARG A 84 -5.18 15.39 2.79
C ARG A 84 -5.10 16.73 3.54
N HIS A 85 -4.65 16.66 4.79
CA HIS A 85 -4.56 17.86 5.62
C HIS A 85 -3.62 18.88 4.97
N THR A 86 -2.47 18.43 4.49
CA THR A 86 -1.49 19.32 3.86
C THR A 86 -0.81 18.63 2.67
N PHE A 87 -0.41 19.43 1.69
CA PHE A 87 0.25 18.89 0.50
C PHE A 87 -0.63 17.84 -0.16
N PHE A 88 -1.94 18.04 -0.10
CA PHE A 88 -2.88 17.10 -0.69
C PHE A 88 -2.74 17.05 -2.20
N ASN A 89 -2.27 18.15 -2.79
CA ASN A 89 -2.09 18.23 -4.24
C ASN A 89 -0.70 17.76 -4.66
N GLN A 90 0.20 17.64 -3.68
CA GLN A 90 1.57 17.21 -3.97
C GLN A 90 1.60 15.77 -4.48
N ARG A 91 0.74 14.92 -3.93
CA ARG A 91 0.70 13.52 -4.34
C ARG A 91 0.19 13.38 -5.77
N GLN A 92 0.72 12.41 -6.49
CA GLN A 92 0.30 12.17 -7.86
C GLN A 92 -1.10 11.53 -7.87
N PRO A 93 -1.91 11.76 -8.88
CA PRO A 93 -3.27 11.15 -8.93
C PRO A 93 -3.23 9.64 -8.69
N GLU A 94 -2.24 8.97 -9.26
CA GLU A 94 -2.11 7.52 -9.11
C GLU A 94 -1.84 7.14 -7.65
N THR A 95 -1.00 7.92 -6.99
CA THR A 95 -0.67 7.64 -5.59
C THR A 95 -1.87 7.88 -4.69
N GLY A 96 -2.63 8.93 -4.97
CA GLY A 96 -3.80 9.26 -4.18
C GLY A 96 -4.84 8.15 -4.25
N GLN A 97 -5.01 7.58 -5.44
CA GLN A 97 -5.97 6.51 -5.63
C GLN A 97 -5.59 5.27 -4.83
N PHE A 98 -4.29 4.95 -4.80
CA PHE A 98 -3.83 3.78 -4.06
C PHE A 98 -4.17 3.90 -2.58
N TYR A 99 -3.87 5.06 -1.99
CA TYR A 99 -4.15 5.28 -0.57
C TYR A 99 -5.64 5.14 -0.29
N LYS A 100 -6.47 5.69 -1.17
CA LYS A 100 -7.92 5.62 -0.98
C LYS A 100 -8.42 4.18 -1.03
N LYS A 101 -7.87 3.39 -1.95
CA LYS A 101 -8.28 2.00 -2.09
C LYS A 101 -7.94 1.22 -0.82
N VAL A 102 -6.74 1.44 -0.30
CA VAL A 102 -6.30 0.74 0.90
C VAL A 102 -7.23 1.07 2.07
N ALA A 103 -7.52 2.35 2.24
CA ALA A 103 -8.39 2.79 3.31
C ALA A 103 -9.81 2.24 3.12
N ALA A 104 -10.27 2.23 1.87
CA ALA A 104 -11.62 1.77 1.54
C ALA A 104 -11.61 0.38 0.88
N ILE A 105 -10.63 -0.46 1.23
CA ILE A 105 -10.54 -1.82 0.65
C ILE A 105 -11.91 -2.38 0.27
N ASP A 106 -12.04 -2.77 -0.99
CA ASP A 106 -13.30 -3.33 -1.47
C ASP A 106 -13.10 -4.10 -2.77
N LEU A 107 -12.99 -5.42 -2.67
CA LEU A 107 -12.80 -6.25 -3.85
C LEU A 107 -14.00 -6.12 -4.78
N GLN A 108 -15.20 -6.17 -4.22
CA GLN A 108 -16.41 -6.05 -5.01
C GLN A 108 -16.57 -4.61 -5.50
N SER A 1 -16.32 -16.37 8.59
CA SER A 1 -15.36 -15.23 8.63
C SER A 1 -16.14 -13.92 8.53
N ASP A 2 -15.43 -12.80 8.62
CA ASP A 2 -16.05 -11.48 8.53
C ASP A 2 -16.16 -11.04 7.08
N GLU A 3 -15.77 -11.92 6.17
CA GLU A 3 -15.83 -11.59 4.74
C GLU A 3 -17.27 -11.58 4.26
N LYS A 4 -17.60 -10.63 3.37
CA LYS A 4 -18.96 -10.52 2.84
C LYS A 4 -18.95 -10.74 1.32
N ILE A 5 -18.06 -10.04 0.62
CA ILE A 5 -17.97 -10.15 -0.83
C ILE A 5 -16.52 -10.02 -1.31
N LYS A 6 -15.57 -10.24 -0.41
CA LYS A 6 -14.15 -10.13 -0.74
C LYS A 6 -13.32 -11.09 0.09
N THR A 7 -12.07 -11.30 -0.33
CA THR A 7 -11.15 -12.19 0.38
C THR A 7 -9.90 -11.41 0.79
N ALA A 8 -9.36 -11.74 1.95
CA ALA A 8 -8.17 -11.05 2.45
C ALA A 8 -7.01 -11.22 1.48
N HIS A 9 -6.85 -12.44 0.97
CA HIS A 9 -5.77 -12.73 0.04
C HIS A 9 -5.89 -11.89 -1.24
N ASP A 10 -7.10 -11.83 -1.79
CA ASP A 10 -7.33 -11.07 -3.01
C ASP A 10 -7.14 -9.57 -2.77
N LEU A 11 -7.61 -9.10 -1.62
CA LEU A 11 -7.50 -7.68 -1.28
C LEU A 11 -6.03 -7.27 -1.20
N ILE A 12 -5.23 -8.11 -0.55
CA ILE A 12 -3.80 -7.82 -0.41
C ILE A 12 -3.15 -7.77 -1.78
N ASP A 13 -3.48 -8.74 -2.63
CA ASP A 13 -2.92 -8.81 -3.97
C ASP A 13 -3.32 -7.59 -4.80
N GLU A 14 -4.57 -7.14 -4.63
CA GLU A 14 -5.09 -6.01 -5.38
C GLU A 14 -4.28 -4.73 -5.12
N ILE A 15 -3.96 -4.48 -3.85
CA ILE A 15 -3.21 -3.27 -3.49
C ILE A 15 -1.75 -3.39 -3.92
N ILE A 16 -1.18 -4.59 -3.86
CA ILE A 16 0.20 -4.78 -4.27
C ILE A 16 0.36 -4.46 -5.75
N GLN A 17 -0.59 -4.93 -6.55
CA GLN A 17 -0.55 -4.69 -7.98
C GLN A 17 -0.63 -3.21 -8.28
N ASP A 18 -1.48 -2.50 -7.53
CA ASP A 18 -1.64 -1.06 -7.72
C ASP A 18 -0.31 -0.35 -7.46
N VAL A 19 0.40 -0.81 -6.45
CA VAL A 19 1.69 -0.22 -6.10
C VAL A 19 2.66 -0.38 -7.27
N ILE A 20 2.66 -1.58 -7.84
CA ILE A 20 3.54 -1.87 -8.97
C ILE A 20 3.20 -0.98 -10.17
N GLN A 21 1.91 -0.78 -10.43
CA GLN A 21 1.49 0.04 -11.55
C GLN A 21 1.99 1.47 -11.42
N LEU A 22 1.92 2.03 -10.21
CA LEU A 22 2.37 3.41 -9.99
C LEU A 22 3.86 3.46 -9.73
N ASP A 23 4.48 2.28 -9.59
CA ASP A 23 5.91 2.21 -9.33
C ASP A 23 6.71 2.76 -10.52
N GLY A 24 7.64 3.66 -10.23
CA GLY A 24 8.47 4.26 -11.28
C GLY A 24 7.81 5.51 -11.84
N LYS A 25 6.56 5.75 -11.44
CA LYS A 25 5.83 6.92 -11.91
C LYS A 25 6.55 8.20 -11.47
N LEU A 26 7.03 8.21 -10.24
CA LEU A 26 7.72 9.37 -9.69
C LEU A 26 9.16 9.41 -10.20
N GLY A 27 9.49 10.44 -10.98
CA GLY A 27 10.83 10.60 -11.52
C GLY A 27 11.71 11.39 -10.55
N LEU A 28 11.11 11.83 -9.46
CA LEU A 28 11.83 12.61 -8.46
C LEU A 28 12.74 11.69 -7.64
N LEU A 29 13.98 12.14 -7.44
CA LEU A 29 14.95 11.35 -6.68
C LEU A 29 14.45 11.12 -5.26
N GLY A 30 13.84 12.16 -4.68
CA GLY A 30 13.32 12.07 -3.32
C GLY A 30 12.24 11.00 -3.24
N GLY A 31 12.61 9.85 -2.70
CA GLY A 31 11.68 8.74 -2.54
C GLY A 31 12.40 7.53 -1.94
N ASN A 32 11.67 6.44 -1.71
CA ASN A 32 12.25 5.22 -1.14
C ASN A 32 12.27 4.10 -2.17
N THR A 33 13.45 3.47 -2.31
CA THR A 33 13.63 2.37 -3.26
C THR A 33 13.98 1.10 -2.49
N ARG A 34 13.23 0.03 -2.74
CA ARG A 34 13.46 -1.25 -2.06
C ARG A 34 13.49 -2.39 -3.08
N GLN A 35 14.29 -3.41 -2.81
CA GLN A 35 14.40 -4.55 -3.71
C GLN A 35 13.25 -5.52 -3.49
N LEU A 36 12.59 -5.90 -4.58
CA LEU A 36 11.47 -6.83 -4.50
C LEU A 36 12.00 -8.23 -4.23
N GLU A 37 11.18 -9.09 -3.65
CA GLU A 37 11.61 -10.45 -3.35
C GLU A 37 12.10 -11.13 -4.61
N ASP A 38 11.63 -10.64 -5.76
CA ASP A 38 12.04 -11.18 -7.05
C ASP A 38 13.40 -10.62 -7.45
N GLY A 39 13.92 -9.72 -6.62
CA GLY A 39 15.22 -9.09 -6.89
C GLY A 39 15.06 -7.92 -7.84
N ARG A 40 13.83 -7.45 -8.01
CA ARG A 40 13.55 -6.32 -8.89
C ARG A 40 13.50 -5.02 -8.11
N VAL A 41 14.26 -4.03 -8.56
CA VAL A 41 14.29 -2.73 -7.87
C VAL A 41 13.03 -1.93 -8.19
N ILE A 42 12.34 -1.46 -7.15
CA ILE A 42 11.12 -0.68 -7.32
C ILE A 42 11.19 0.59 -6.48
N ASN A 43 10.52 1.64 -6.94
CA ASN A 43 10.51 2.92 -6.22
C ASN A 43 9.07 3.34 -5.97
N ILE A 44 8.73 3.54 -4.70
CA ILE A 44 7.36 3.92 -4.32
C ILE A 44 7.37 4.93 -3.16
N PRO A 45 6.31 5.68 -2.94
CA PRO A 45 6.26 6.67 -1.81
C PRO A 45 6.67 6.03 -0.48
N ASN A 46 7.24 6.83 0.42
CA ASN A 46 7.67 6.31 1.70
C ASN A 46 6.58 5.47 2.36
N GLY A 47 5.34 5.95 2.31
CA GLY A 47 4.22 5.22 2.90
C GLY A 47 4.04 3.87 2.21
N ALA A 48 4.18 3.88 0.88
CA ALA A 48 4.04 2.65 0.11
C ALA A 48 5.09 1.64 0.57
N ALA A 49 6.28 2.15 0.87
CA ALA A 49 7.36 1.31 1.33
C ALA A 49 6.99 0.63 2.65
N MET A 50 6.30 1.37 3.51
CA MET A 50 5.91 0.84 4.82
C MET A 50 5.02 -0.40 4.67
N ILE A 51 4.01 -0.33 3.81
CA ILE A 51 3.12 -1.49 3.63
C ILE A 51 3.87 -2.64 2.98
N PHE A 52 4.89 -2.32 2.19
CA PHE A 52 5.68 -3.36 1.54
C PHE A 52 6.30 -4.25 2.61
N ASP A 53 6.87 -3.62 3.63
CA ASP A 53 7.48 -4.35 4.73
C ASP A 53 6.44 -5.22 5.43
N ASP A 54 5.23 -4.69 5.59
CA ASP A 54 4.16 -5.44 6.24
C ASP A 54 3.89 -6.73 5.46
N TYR A 55 3.92 -6.63 4.13
CA TYR A 55 3.70 -7.80 3.29
C TYR A 55 4.76 -8.85 3.61
N LYS A 56 6.00 -8.40 3.71
CA LYS A 56 7.13 -9.27 4.00
C LYS A 56 6.88 -10.04 5.28
N LYS A 57 6.30 -9.36 6.27
CA LYS A 57 6.00 -9.98 7.55
C LYS A 57 5.04 -11.14 7.40
N TYR A 58 4.07 -10.98 6.52
CA TYR A 58 3.13 -12.06 6.28
C TYR A 58 3.90 -13.30 5.84
N LYS A 59 4.92 -13.10 5.03
CA LYS A 59 5.73 -14.21 4.53
C LYS A 59 6.65 -14.71 5.65
N GLN A 60 7.28 -13.78 6.36
CA GLN A 60 8.19 -14.13 7.44
C GLN A 60 7.45 -14.87 8.54
N GLY A 61 6.16 -14.55 8.70
CA GLY A 61 5.34 -15.16 9.73
C GLY A 61 5.24 -14.26 10.95
N GLU A 62 5.85 -13.08 10.84
CA GLU A 62 5.79 -12.12 11.94
C GLU A 62 4.36 -11.64 12.14
N LEU A 63 3.66 -11.44 11.03
CA LEU A 63 2.27 -10.99 11.06
C LEU A 63 1.37 -11.93 10.28
N THR A 64 0.10 -12.00 10.69
CA THR A 64 -0.87 -12.85 10.03
C THR A 64 -1.43 -12.13 8.81
N ALA A 65 -2.17 -12.85 7.98
CA ALA A 65 -2.74 -12.24 6.79
C ALA A 65 -3.64 -11.07 7.16
N GLU A 66 -4.46 -11.27 8.19
CA GLU A 66 -5.36 -10.21 8.64
C GLU A 66 -4.61 -9.17 9.44
N SER A 67 -3.58 -9.58 10.17
CA SER A 67 -2.81 -8.65 10.96
C SER A 67 -2.12 -7.64 10.06
N ALA A 68 -1.51 -8.14 8.98
CA ALA A 68 -0.84 -7.27 8.03
C ALA A 68 -1.83 -6.32 7.39
N LEU A 69 -3.00 -6.86 7.02
CA LEU A 69 -4.04 -6.05 6.41
C LEU A 69 -4.51 -4.99 7.39
N GLU A 70 -4.69 -5.40 8.64
CA GLU A 70 -5.15 -4.50 9.68
C GLU A 70 -4.16 -3.35 9.89
N SER A 71 -2.88 -3.68 9.90
CA SER A 71 -1.84 -2.67 10.09
C SER A 71 -1.84 -1.66 8.94
N MET A 72 -1.99 -2.18 7.72
CA MET A 72 -2.00 -1.33 6.52
C MET A 72 -3.16 -0.34 6.58
N ILE A 73 -4.32 -0.81 7.02
CA ILE A 73 -5.50 0.03 7.10
C ILE A 73 -5.32 1.19 8.09
N LYS A 74 -4.77 0.91 9.25
CA LYS A 74 -4.58 1.96 10.25
C LYS A 74 -3.68 3.08 9.74
N ILE A 75 -2.58 2.72 9.08
CA ILE A 75 -1.69 3.74 8.56
C ILE A 75 -2.31 4.39 7.32
N ALA A 76 -3.14 3.61 6.62
CA ALA A 76 -3.80 4.12 5.44
C ALA A 76 -4.72 5.27 5.82
N LYS A 77 -5.42 5.11 6.95
CA LYS A 77 -6.32 6.14 7.41
C LYS A 77 -5.53 7.41 7.75
N LEU A 78 -4.37 7.22 8.39
CA LEU A 78 -3.54 8.37 8.74
C LEU A 78 -3.07 9.07 7.47
N SER A 79 -2.68 8.28 6.46
CA SER A 79 -2.22 8.83 5.20
C SER A 79 -3.36 9.58 4.52
N ASN A 80 -4.55 8.98 4.56
CA ASN A 80 -5.73 9.59 3.96
C ASN A 80 -6.03 10.92 4.63
N GLN A 81 -5.89 10.95 5.95
CA GLN A 81 -6.14 12.16 6.70
C GLN A 81 -5.20 13.27 6.24
N LEU A 82 -3.94 12.91 6.03
CA LEU A 82 -2.94 13.87 5.56
C LEU A 82 -3.31 14.36 4.17
N ASN A 83 -3.82 13.45 3.35
CA ASN A 83 -4.20 13.78 1.98
C ASN A 83 -5.27 14.87 1.97
N ARG A 84 -6.16 14.80 2.97
CA ARG A 84 -7.28 15.71 3.15
C ARG A 84 -6.85 17.12 3.59
N HIS A 85 -5.58 17.27 3.95
CA HIS A 85 -5.02 18.54 4.40
C HIS A 85 -4.44 19.47 3.30
N THR A 86 -4.59 19.06 2.03
CA THR A 86 -4.16 19.76 0.80
C THR A 86 -2.67 19.65 0.49
N PHE A 87 -1.99 18.72 1.17
CA PHE A 87 -0.58 18.48 0.93
C PHE A 87 -0.55 17.46 -0.18
N PHE A 88 -1.75 16.99 -0.55
CA PHE A 88 -1.89 15.99 -1.60
C PHE A 88 -1.21 16.46 -2.89
N ASN A 89 -0.93 17.75 -2.97
CA ASN A 89 -0.29 18.32 -4.15
C ASN A 89 1.11 17.73 -4.39
N GLN A 90 1.85 17.52 -3.31
CA GLN A 90 3.21 17.00 -3.43
C GLN A 90 3.23 15.58 -4.01
N ARG A 91 2.27 14.76 -3.62
CA ARG A 91 2.22 13.38 -4.12
C ARG A 91 1.49 13.31 -5.45
N GLN A 92 1.79 12.28 -6.24
CA GLN A 92 1.15 12.12 -7.54
C GLN A 92 -0.32 11.72 -7.39
N PRO A 93 -1.19 12.08 -8.30
CA PRO A 93 -2.64 11.69 -8.21
C PRO A 93 -2.84 10.20 -7.95
N GLU A 94 -2.01 9.38 -8.59
CA GLU A 94 -2.11 7.93 -8.44
C GLU A 94 -1.85 7.52 -6.99
N THR A 95 -0.86 8.16 -6.36
CA THR A 95 -0.52 7.85 -4.99
C THR A 95 -1.71 8.13 -4.06
N GLY A 96 -2.34 9.28 -4.25
CA GLY A 96 -3.49 9.65 -3.45
C GLY A 96 -4.62 8.64 -3.63
N GLN A 97 -4.80 8.21 -4.88
CA GLN A 97 -5.83 7.24 -5.21
C GLN A 97 -5.59 5.92 -4.49
N PHE A 98 -4.32 5.53 -4.41
CA PHE A 98 -3.94 4.28 -3.76
C PHE A 98 -4.42 4.28 -2.31
N TYR A 99 -4.15 5.36 -1.60
CA TYR A 99 -4.56 5.46 -0.20
C TYR A 99 -6.07 5.35 -0.07
N LYS A 100 -6.80 6.00 -0.97
CA LYS A 100 -8.25 5.96 -0.93
C LYS A 100 -8.77 4.54 -1.07
N LYS A 101 -8.23 3.81 -2.04
CA LYS A 101 -8.66 2.43 -2.28
C LYS A 101 -8.34 1.55 -1.06
N VAL A 102 -7.14 1.72 -0.50
CA VAL A 102 -6.74 0.93 0.65
C VAL A 102 -7.67 1.19 1.82
N ALA A 103 -7.94 2.45 2.11
CA ALA A 103 -8.83 2.80 3.21
C ALA A 103 -10.23 2.24 2.95
N ALA A 104 -10.68 2.41 1.72
CA ALA A 104 -11.94 1.83 1.30
C ALA A 104 -11.46 0.49 0.82
N ILE A 105 -11.38 -0.48 1.72
CA ILE A 105 -10.87 -1.79 1.36
C ILE A 105 -11.95 -2.66 0.74
N ASP A 106 -12.31 -2.35 -0.50
CA ASP A 106 -13.31 -3.12 -1.19
C ASP A 106 -12.75 -3.66 -2.49
N LEU A 107 -12.68 -4.98 -2.56
CA LEU A 107 -12.23 -5.66 -3.77
C LEU A 107 -13.26 -5.45 -4.88
N GLN A 108 -14.53 -5.59 -4.56
CA GLN A 108 -15.59 -5.41 -5.54
C GLN A 108 -15.86 -3.93 -5.77
N SER A 1 -20.73 -4.94 10.01
CA SER A 1 -19.94 -5.80 9.09
C SER A 1 -19.73 -7.16 9.74
N ASP A 2 -20.80 -7.94 9.86
CA ASP A 2 -20.72 -9.25 10.46
C ASP A 2 -19.78 -10.16 9.66
N GLU A 3 -19.86 -10.05 8.34
CA GLU A 3 -19.02 -10.86 7.46
C GLU A 3 -18.78 -10.13 6.13
N LYS A 4 -17.73 -10.52 5.42
CA LYS A 4 -17.40 -9.91 4.13
C LYS A 4 -17.25 -10.99 3.05
N ILE A 5 -17.75 -10.69 1.86
CA ILE A 5 -17.66 -11.62 0.74
C ILE A 5 -16.24 -11.64 0.21
N LYS A 6 -15.55 -10.53 0.38
CA LYS A 6 -14.18 -10.40 -0.10
C LYS A 6 -13.23 -11.21 0.77
N THR A 7 -12.29 -11.89 0.13
CA THR A 7 -11.31 -12.69 0.85
C THR A 7 -10.14 -11.79 1.27
N ALA A 8 -9.58 -12.06 2.44
CA ALA A 8 -8.47 -11.25 2.93
C ALA A 8 -7.29 -11.35 1.97
N HIS A 9 -7.04 -12.55 1.47
CA HIS A 9 -5.96 -12.78 0.54
C HIS A 9 -6.18 -12.03 -0.78
N ASP A 10 -7.42 -12.05 -1.27
CA ASP A 10 -7.74 -11.37 -2.52
C ASP A 10 -7.51 -9.87 -2.41
N LEU A 11 -7.90 -9.29 -1.28
CA LEU A 11 -7.74 -7.87 -1.06
C LEU A 11 -6.26 -7.49 -1.04
N ILE A 12 -5.47 -8.32 -0.36
CA ILE A 12 -4.03 -8.08 -0.28
C ILE A 12 -3.41 -8.10 -1.67
N ASP A 13 -3.82 -9.07 -2.47
CA ASP A 13 -3.30 -9.21 -3.83
C ASP A 13 -3.63 -7.98 -4.68
N GLU A 14 -4.84 -7.45 -4.49
CA GLU A 14 -5.29 -6.30 -5.26
C GLU A 14 -4.39 -5.09 -5.04
N ILE A 15 -4.04 -4.82 -3.78
CA ILE A 15 -3.20 -3.66 -3.48
C ILE A 15 -1.76 -3.89 -3.93
N ILE A 16 -1.28 -5.12 -3.85
CA ILE A 16 0.08 -5.43 -4.27
C ILE A 16 0.24 -5.14 -5.76
N GLN A 17 -0.75 -5.55 -6.56
CA GLN A 17 -0.71 -5.33 -7.99
C GLN A 17 -0.70 -3.84 -8.30
N ASP A 18 -1.50 -3.08 -7.57
CA ASP A 18 -1.55 -1.64 -7.78
C ASP A 18 -0.19 -1.03 -7.53
N VAL A 19 0.50 -1.54 -6.50
CA VAL A 19 1.83 -1.04 -6.17
C VAL A 19 2.80 -1.29 -7.32
N ILE A 20 2.73 -2.49 -7.90
CA ILE A 20 3.61 -2.84 -9.00
C ILE A 20 3.39 -1.89 -10.18
N GLN A 21 2.13 -1.66 -10.54
CA GLN A 21 1.83 -0.75 -11.63
C GLN A 21 2.24 0.68 -11.26
N LEU A 22 2.02 1.03 -10.00
CA LEU A 22 2.36 2.35 -9.48
C LEU A 22 3.85 2.65 -9.64
N ASP A 23 4.67 1.60 -9.65
CA ASP A 23 6.11 1.79 -9.78
C ASP A 23 6.44 2.70 -10.95
N GLY A 24 7.66 3.19 -10.97
CA GLY A 24 8.09 4.08 -12.03
C GLY A 24 8.00 5.52 -11.59
N LYS A 25 7.38 5.79 -10.44
CA LYS A 25 7.37 7.13 -9.94
C LYS A 25 8.84 7.25 -9.55
N LEU A 26 9.50 8.31 -9.98
CA LEU A 26 10.91 8.45 -9.69
C LEU A 26 11.11 9.67 -8.83
N GLY A 27 12.20 9.70 -8.10
CA GLY A 27 12.42 10.88 -7.24
C GLY A 27 13.02 10.46 -5.92
N LEU A 28 14.17 11.03 -5.58
CA LEU A 28 14.83 10.71 -4.32
C LEU A 28 13.93 11.08 -3.15
N LEU A 29 13.28 12.25 -3.28
CA LEU A 29 12.36 12.72 -2.26
C LEU A 29 10.92 12.40 -2.66
N GLY A 30 10.71 12.20 -3.96
CA GLY A 30 9.37 11.88 -4.47
C GLY A 30 9.14 10.38 -4.52
N GLY A 31 10.17 9.61 -4.15
CA GLY A 31 10.06 8.16 -4.16
C GLY A 31 11.26 7.51 -3.47
N ASN A 32 11.10 6.23 -3.13
CA ASN A 32 12.17 5.48 -2.46
C ASN A 32 12.49 4.22 -3.27
N THR A 33 13.78 3.86 -3.33
CA THR A 33 14.20 2.68 -4.06
C THR A 33 14.23 1.46 -3.15
N ARG A 34 13.45 0.44 -3.51
CA ARG A 34 13.38 -0.79 -2.74
C ARG A 34 13.44 -1.99 -3.69
N GLN A 35 14.05 -3.08 -3.23
CA GLN A 35 14.17 -4.27 -4.06
C GLN A 35 12.91 -5.13 -4.00
N LEU A 36 12.39 -5.47 -5.16
CA LEU A 36 11.20 -6.31 -5.26
C LEU A 36 11.55 -7.73 -4.86
N GLU A 37 10.54 -8.49 -4.44
CA GLU A 37 10.78 -9.87 -4.03
C GLU A 37 11.42 -10.66 -5.17
N ASP A 38 11.24 -10.17 -6.39
CA ASP A 38 11.80 -10.81 -7.57
C ASP A 38 13.23 -10.31 -7.80
N GLY A 39 13.69 -9.42 -6.94
CA GLY A 39 15.04 -8.86 -7.06
C GLY A 39 15.06 -7.71 -8.07
N ARG A 40 13.89 -7.20 -8.41
CA ARG A 40 13.78 -6.09 -9.36
C ARG A 40 13.68 -4.77 -8.61
N VAL A 41 14.52 -3.81 -8.99
CA VAL A 41 14.51 -2.50 -8.35
C VAL A 41 13.27 -1.72 -8.76
N ILE A 42 12.54 -1.21 -7.76
CA ILE A 42 11.33 -0.42 -8.00
C ILE A 42 11.40 0.88 -7.22
N ASN A 43 10.60 1.87 -7.64
CA ASN A 43 10.58 3.17 -6.98
C ASN A 43 9.14 3.55 -6.61
N ILE A 44 8.90 3.76 -5.31
CA ILE A 44 7.56 4.11 -4.83
C ILE A 44 7.65 5.04 -3.61
N PRO A 45 6.61 5.80 -3.29
CA PRO A 45 6.63 6.69 -2.09
C PRO A 45 7.02 5.95 -0.82
N ASN A 46 7.40 6.70 0.21
CA ASN A 46 7.80 6.12 1.48
C ASN A 46 6.67 5.27 2.05
N GLY A 47 5.45 5.77 1.97
CA GLY A 47 4.29 5.04 2.47
C GLY A 47 4.16 3.71 1.76
N ALA A 48 4.37 3.73 0.44
CA ALA A 48 4.30 2.52 -0.37
C ALA A 48 5.35 1.53 0.12
N ALA A 49 6.52 2.06 0.46
CA ALA A 49 7.63 1.23 0.94
C ALA A 49 7.26 0.57 2.26
N MET A 50 6.56 1.29 3.12
CA MET A 50 6.18 0.77 4.42
C MET A 50 5.29 -0.47 4.30
N ILE A 51 4.27 -0.41 3.43
CA ILE A 51 3.39 -1.56 3.27
C ILE A 51 4.14 -2.73 2.64
N PHE A 52 5.17 -2.42 1.83
CA PHE A 52 5.96 -3.47 1.21
C PHE A 52 6.60 -4.33 2.29
N ASP A 53 7.17 -3.68 3.29
CA ASP A 53 7.80 -4.39 4.39
C ASP A 53 6.78 -5.27 5.10
N ASP A 54 5.57 -4.76 5.27
CA ASP A 54 4.52 -5.52 5.94
C ASP A 54 4.23 -6.80 5.17
N TYR A 55 4.24 -6.71 3.84
CA TYR A 55 4.01 -7.89 3.01
C TYR A 55 5.06 -8.95 3.32
N LYS A 56 6.31 -8.52 3.40
CA LYS A 56 7.42 -9.41 3.69
C LYS A 56 7.18 -10.14 5.01
N LYS A 57 6.63 -9.43 5.99
CA LYS A 57 6.36 -10.00 7.30
C LYS A 57 5.39 -11.16 7.19
N TYR A 58 4.40 -11.02 6.32
CA TYR A 58 3.44 -12.09 6.14
C TYR A 58 4.19 -13.36 5.72
N LYS A 59 5.20 -13.18 4.87
CA LYS A 59 6.01 -14.31 4.41
C LYS A 59 6.94 -14.80 5.52
N GLN A 60 7.60 -13.85 6.16
CA GLN A 60 8.54 -14.17 7.23
C GLN A 60 7.83 -14.88 8.38
N GLY A 61 6.55 -14.55 8.55
CA GLY A 61 5.75 -15.13 9.62
C GLY A 61 5.68 -14.19 10.80
N GLU A 62 6.29 -13.02 10.66
CA GLU A 62 6.28 -12.03 11.71
C GLU A 62 4.86 -11.54 11.95
N LEU A 63 4.12 -11.38 10.85
CA LEU A 63 2.73 -10.93 10.90
C LEU A 63 1.81 -11.91 10.18
N THR A 64 0.56 -11.97 10.63
CA THR A 64 -0.42 -12.85 10.02
C THR A 64 -1.02 -12.17 8.79
N ALA A 65 -1.79 -12.93 8.01
CA ALA A 65 -2.40 -12.36 6.81
C ALA A 65 -3.30 -11.19 7.18
N GLU A 66 -4.08 -11.36 8.24
CA GLU A 66 -4.97 -10.30 8.69
C GLU A 66 -4.20 -9.22 9.41
N SER A 67 -3.14 -9.60 10.12
CA SER A 67 -2.35 -8.61 10.84
C SER A 67 -1.69 -7.64 9.87
N ALA A 68 -1.12 -8.18 8.80
CA ALA A 68 -0.49 -7.35 7.79
C ALA A 68 -1.52 -6.44 7.14
N LEU A 69 -2.68 -7.00 6.84
CA LEU A 69 -3.76 -6.22 6.24
C LEU A 69 -4.21 -5.12 7.19
N GLU A 70 -4.35 -5.49 8.46
CA GLU A 70 -4.78 -4.55 9.48
C GLU A 70 -3.77 -3.40 9.62
N SER A 71 -2.49 -3.74 9.60
CA SER A 71 -1.44 -2.73 9.74
C SER A 71 -1.47 -1.74 8.58
N MET A 72 -1.66 -2.27 7.36
CA MET A 72 -1.69 -1.42 6.17
C MET A 72 -2.84 -0.42 6.24
N ILE A 73 -3.99 -0.87 6.72
CA ILE A 73 -5.17 -0.02 6.84
C ILE A 73 -4.93 1.14 7.80
N LYS A 74 -4.34 0.83 8.94
CA LYS A 74 -4.10 1.86 9.96
C LYS A 74 -3.20 2.98 9.43
N ILE A 75 -2.16 2.63 8.70
CA ILE A 75 -1.26 3.65 8.17
C ILE A 75 -1.88 4.30 6.94
N ALA A 76 -2.64 3.53 6.17
CA ALA A 76 -3.29 4.06 4.99
C ALA A 76 -4.28 5.14 5.39
N LYS A 77 -5.02 4.88 6.46
CA LYS A 77 -5.99 5.84 6.95
C LYS A 77 -5.29 7.12 7.38
N LEU A 78 -4.16 6.98 8.06
CA LEU A 78 -3.41 8.14 8.52
C LEU A 78 -2.90 8.94 7.32
N SER A 79 -2.42 8.23 6.29
CA SER A 79 -1.92 8.90 5.10
C SER A 79 -3.06 9.64 4.40
N ASN A 80 -4.21 8.97 4.32
CA ASN A 80 -5.38 9.56 3.69
C ASN A 80 -5.82 10.81 4.45
N GLN A 81 -5.79 10.71 5.77
CA GLN A 81 -6.18 11.83 6.63
C GLN A 81 -5.23 13.01 6.40
N LEU A 82 -3.94 12.69 6.29
CA LEU A 82 -2.94 13.71 6.07
C LEU A 82 -3.19 14.42 4.74
N ASN A 83 -3.54 13.64 3.72
CA ASN A 83 -3.81 14.20 2.40
C ASN A 83 -4.96 15.19 2.47
N ARG A 84 -5.99 14.85 3.24
CA ARG A 84 -7.16 15.72 3.37
C ARG A 84 -6.76 17.05 3.99
N HIS A 85 -5.90 17.01 5.00
CA HIS A 85 -5.45 18.23 5.66
C HIS A 85 -4.76 19.16 4.67
N THR A 86 -3.85 18.61 3.87
CA THR A 86 -3.12 19.40 2.88
C THR A 86 -3.80 19.31 1.52
N PHE A 87 -3.33 20.10 0.57
CA PHE A 87 -3.90 20.10 -0.77
C PHE A 87 -3.44 18.88 -1.57
N PHE A 88 -4.36 18.28 -2.31
CA PHE A 88 -4.04 17.11 -3.12
C PHE A 88 -3.11 17.49 -4.27
N ASN A 89 -3.04 18.77 -4.57
CA ASN A 89 -2.19 19.25 -5.66
C ASN A 89 -0.73 18.94 -5.38
N GLN A 90 -0.32 19.08 -4.13
CA GLN A 90 1.07 18.80 -3.75
C GLN A 90 1.38 17.32 -3.96
N ARG A 91 0.41 16.46 -3.66
CA ARG A 91 0.59 15.02 -3.82
C ARG A 91 0.11 14.58 -5.19
N GLN A 92 0.78 13.58 -5.76
CA GLN A 92 0.41 13.08 -7.08
C GLN A 92 -0.92 12.33 -6.99
N PRO A 93 -1.73 12.36 -8.04
CA PRO A 93 -3.05 11.66 -8.05
C PRO A 93 -2.89 10.14 -8.03
N GLU A 94 -1.79 9.64 -8.59
CA GLU A 94 -1.55 8.22 -8.63
C GLU A 94 -1.39 7.65 -7.22
N THR A 95 -0.67 8.38 -6.38
CA THR A 95 -0.45 7.94 -5.01
C THR A 95 -1.75 8.03 -4.22
N GLY A 96 -2.49 9.11 -4.44
CA GLY A 96 -3.76 9.32 -3.75
C GLY A 96 -4.73 8.21 -4.09
N GLN A 97 -4.74 7.80 -5.35
CA GLN A 97 -5.63 6.74 -5.80
C GLN A 97 -5.36 5.44 -5.06
N PHE A 98 -4.08 5.11 -4.89
CA PHE A 98 -3.71 3.88 -4.19
C PHE A 98 -4.24 3.90 -2.76
N TYR A 99 -4.02 5.00 -2.06
CA TYR A 99 -4.46 5.13 -0.68
C TYR A 99 -5.98 5.02 -0.56
N LYS A 100 -6.70 5.60 -1.52
CA LYS A 100 -8.16 5.57 -1.47
C LYS A 100 -8.67 4.14 -1.51
N LYS A 101 -8.15 3.32 -2.41
CA LYS A 101 -8.59 1.93 -2.51
C LYS A 101 -8.23 1.15 -1.25
N VAL A 102 -7.03 1.39 -0.72
CA VAL A 102 -6.60 0.68 0.47
C VAL A 102 -7.52 1.01 1.65
N ALA A 103 -7.78 2.28 1.86
CA ALA A 103 -8.65 2.71 2.96
C ALA A 103 -10.07 2.17 2.76
N ALA A 104 -10.56 2.23 1.53
CA ALA A 104 -11.90 1.73 1.24
C ALA A 104 -11.94 0.23 1.52
N ILE A 105 -10.88 -0.44 1.10
CA ILE A 105 -10.65 -1.88 1.30
C ILE A 105 -11.80 -2.77 0.81
N ASP A 106 -12.43 -2.40 -0.31
CA ASP A 106 -13.51 -3.20 -0.85
C ASP A 106 -13.20 -3.70 -2.26
N LEU A 107 -12.79 -4.96 -2.34
CA LEU A 107 -12.50 -5.56 -3.64
C LEU A 107 -13.78 -5.75 -4.45
N GLN A 108 -14.81 -6.32 -3.80
CA GLN A 108 -16.09 -6.55 -4.46
C GLN A 108 -17.12 -5.53 -3.99
N SER A 1 -20.86 -8.12 12.35
CA SER A 1 -21.15 -6.92 11.52
C SER A 1 -20.35 -7.01 10.22
N ASP A 2 -19.35 -7.88 10.20
CA ASP A 2 -18.50 -8.06 9.02
C ASP A 2 -19.13 -9.09 8.08
N GLU A 3 -19.70 -8.62 6.98
CA GLU A 3 -20.32 -9.51 6.00
C GLU A 3 -19.29 -10.45 5.40
N LYS A 4 -18.09 -9.91 5.14
CA LYS A 4 -17.02 -10.70 4.55
C LYS A 4 -17.48 -11.34 3.24
N ILE A 5 -17.51 -10.54 2.18
CA ILE A 5 -17.93 -11.02 0.86
C ILE A 5 -16.72 -11.23 -0.04
N LYS A 6 -15.53 -11.20 0.56
CA LYS A 6 -14.28 -11.38 -0.19
C LYS A 6 -13.22 -12.04 0.68
N THR A 7 -12.08 -12.35 0.09
CA THR A 7 -10.98 -13.00 0.82
C THR A 7 -9.85 -12.01 1.06
N ALA A 8 -9.22 -12.12 2.22
CA ALA A 8 -8.12 -11.22 2.59
C ALA A 8 -6.96 -11.36 1.61
N HIS A 9 -6.66 -12.59 1.22
CA HIS A 9 -5.56 -12.84 0.30
C HIS A 9 -5.78 -12.11 -1.02
N ASP A 10 -6.97 -12.23 -1.58
CA ASP A 10 -7.28 -11.58 -2.85
C ASP A 10 -7.16 -10.07 -2.71
N LEU A 11 -7.62 -9.54 -1.58
CA LEU A 11 -7.57 -8.11 -1.33
C LEU A 11 -6.11 -7.63 -1.30
N ILE A 12 -5.27 -8.40 -0.63
CA ILE A 12 -3.85 -8.07 -0.52
C ILE A 12 -3.22 -8.03 -1.92
N ASP A 13 -3.57 -9.01 -2.74
CA ASP A 13 -3.05 -9.10 -4.09
C ASP A 13 -3.44 -7.87 -4.91
N GLU A 14 -4.67 -7.39 -4.71
CA GLU A 14 -5.17 -6.24 -5.46
C GLU A 14 -4.30 -5.00 -5.21
N ILE A 15 -3.98 -4.74 -3.95
CA ILE A 15 -3.17 -3.56 -3.63
C ILE A 15 -1.72 -3.74 -4.10
N ILE A 16 -1.21 -4.96 -4.02
CA ILE A 16 0.16 -5.23 -4.45
C ILE A 16 0.28 -4.93 -5.95
N GLN A 17 -0.73 -5.35 -6.71
CA GLN A 17 -0.74 -5.13 -8.14
C GLN A 17 -0.71 -3.64 -8.45
N ASP A 18 -1.46 -2.87 -7.65
CA ASP A 18 -1.51 -1.42 -7.85
C ASP A 18 -0.12 -0.82 -7.67
N VAL A 19 0.62 -1.33 -6.68
CA VAL A 19 1.96 -0.85 -6.41
C VAL A 19 2.87 -1.11 -7.61
N ILE A 20 2.76 -2.31 -8.16
CA ILE A 20 3.57 -2.68 -9.32
C ILE A 20 3.24 -1.77 -10.51
N GLN A 21 1.97 -1.50 -10.72
CA GLN A 21 1.54 -0.65 -11.83
C GLN A 21 2.10 0.77 -11.67
N LEU A 22 2.11 1.26 -10.44
CA LEU A 22 2.59 2.62 -10.17
C LEU A 22 4.09 2.66 -9.90
N ASP A 23 4.75 1.50 -9.88
CA ASP A 23 6.19 1.46 -9.62
C ASP A 23 6.96 2.04 -10.81
N GLY A 24 8.16 2.55 -10.53
CA GLY A 24 8.99 3.13 -11.58
C GLY A 24 8.57 4.56 -11.89
N LYS A 25 7.76 5.12 -10.98
CA LYS A 25 7.22 6.48 -11.11
C LYS A 25 8.29 7.58 -11.13
N LEU A 26 9.37 7.39 -10.36
CA LEU A 26 10.49 8.37 -10.32
C LEU A 26 10.09 9.82 -9.98
N GLY A 27 9.49 10.02 -8.82
CA GLY A 27 9.06 11.33 -8.35
C GLY A 27 10.23 12.25 -8.03
N LEU A 28 9.98 13.56 -7.99
CA LEU A 28 11.08 14.51 -7.79
C LEU A 28 11.90 14.08 -6.58
N LEU A 29 11.20 13.78 -5.48
CA LEU A 29 11.87 13.34 -4.25
C LEU A 29 12.56 12.00 -4.50
N GLY A 30 11.86 11.11 -5.20
CA GLY A 30 12.39 9.78 -5.50
C GLY A 30 11.97 8.79 -4.43
N GLY A 31 11.45 9.29 -3.32
CA GLY A 31 11.00 8.44 -2.23
C GLY A 31 12.11 7.48 -1.81
N ASN A 32 11.75 6.20 -1.69
CA ASN A 32 12.70 5.16 -1.31
C ASN A 32 12.59 3.97 -2.26
N THR A 33 13.67 3.20 -2.38
CA THR A 33 13.68 2.03 -3.27
C THR A 33 14.16 0.79 -2.52
N ARG A 34 13.49 -0.33 -2.80
CA ARG A 34 13.84 -1.61 -2.15
C ARG A 34 13.89 -2.71 -3.20
N GLN A 35 14.76 -3.69 -2.98
CA GLN A 35 14.89 -4.81 -3.91
C GLN A 35 13.79 -5.83 -3.69
N LEU A 36 13.07 -6.17 -4.75
CA LEU A 36 12.00 -7.14 -4.68
C LEU A 36 12.60 -8.52 -4.42
N GLU A 37 11.83 -9.40 -3.77
CA GLU A 37 12.32 -10.73 -3.47
C GLU A 37 12.80 -11.41 -4.75
N ASP A 38 12.19 -11.03 -5.86
CA ASP A 38 12.56 -11.57 -7.17
C ASP A 38 13.93 -11.03 -7.57
N GLY A 39 14.32 -9.92 -6.96
CA GLY A 39 15.61 -9.29 -7.26
C GLY A 39 15.42 -8.07 -8.15
N ARG A 40 14.18 -7.61 -8.27
CA ARG A 40 13.86 -6.45 -9.11
C ARG A 40 13.81 -5.18 -8.26
N VAL A 41 14.59 -4.17 -8.65
CA VAL A 41 14.62 -2.91 -7.91
C VAL A 41 13.41 -2.05 -8.28
N ILE A 42 12.70 -1.58 -7.27
CA ILE A 42 11.52 -0.74 -7.47
C ILE A 42 11.62 0.52 -6.62
N ASN A 43 10.96 1.59 -7.06
CA ASN A 43 10.98 2.87 -6.35
C ASN A 43 9.56 3.33 -6.07
N ILE A 44 9.25 3.55 -4.80
CA ILE A 44 7.91 3.98 -4.41
C ILE A 44 7.98 4.89 -3.16
N PRO A 45 6.98 5.69 -2.88
CA PRO A 45 7.00 6.59 -1.67
C PRO A 45 7.32 5.82 -0.39
N ASN A 46 7.75 6.54 0.64
CA ASN A 46 8.09 5.90 1.91
C ASN A 46 6.91 5.12 2.47
N GLY A 47 5.72 5.70 2.39
CA GLY A 47 4.52 5.01 2.89
C GLY A 47 4.33 3.71 2.12
N ALA A 48 4.53 3.78 0.81
CA ALA A 48 4.40 2.60 -0.03
C ALA A 48 5.44 1.56 0.39
N ALA A 49 6.62 2.04 0.71
CA ALA A 49 7.70 1.15 1.14
C ALA A 49 7.29 0.41 2.41
N MET A 50 6.58 1.12 3.29
CA MET A 50 6.14 0.52 4.54
C MET A 50 5.22 -0.68 4.31
N ILE A 51 4.27 -0.55 3.37
CA ILE A 51 3.35 -1.66 3.10
C ILE A 51 4.11 -2.85 2.52
N PHE A 52 5.18 -2.57 1.78
CA PHE A 52 5.98 -3.63 1.19
C PHE A 52 6.58 -4.51 2.29
N ASP A 53 7.14 -3.87 3.31
CA ASP A 53 7.74 -4.59 4.42
C ASP A 53 6.69 -5.46 5.11
N ASP A 54 5.48 -4.93 5.25
CA ASP A 54 4.40 -5.66 5.89
C ASP A 54 4.11 -6.95 5.11
N TYR A 55 4.16 -6.86 3.79
CA TYR A 55 3.91 -8.02 2.95
C TYR A 55 4.93 -9.12 3.27
N LYS A 56 6.20 -8.71 3.37
CA LYS A 56 7.28 -9.63 3.67
C LYS A 56 7.00 -10.36 4.98
N LYS A 57 6.47 -9.65 5.95
CA LYS A 57 6.17 -10.23 7.25
C LYS A 57 5.15 -11.35 7.11
N TYR A 58 4.19 -11.16 6.25
CA TYR A 58 3.18 -12.19 6.04
C TYR A 58 3.87 -13.47 5.59
N LYS A 59 4.90 -13.32 4.77
CA LYS A 59 5.65 -14.49 4.28
C LYS A 59 6.57 -15.02 5.37
N GLN A 60 7.26 -14.11 6.05
CA GLN A 60 8.17 -14.48 7.12
C GLN A 60 7.43 -15.17 8.25
N GLY A 61 6.16 -14.79 8.44
CA GLY A 61 5.33 -15.36 9.49
C GLY A 61 5.29 -14.43 10.68
N GLU A 62 5.95 -13.28 10.56
CA GLU A 62 5.95 -12.31 11.64
C GLU A 62 4.55 -11.77 11.86
N LEU A 63 3.83 -11.56 10.76
CA LEU A 63 2.46 -11.05 10.80
C LEU A 63 1.51 -11.98 10.07
N THR A 64 0.24 -11.96 10.49
CA THR A 64 -0.78 -12.78 9.86
C THR A 64 -1.33 -12.06 8.64
N ALA A 65 -2.09 -12.75 7.81
CA ALA A 65 -2.65 -12.15 6.61
C ALA A 65 -3.53 -10.96 7.00
N GLU A 66 -4.34 -11.13 8.05
CA GLU A 66 -5.20 -10.04 8.50
C GLU A 66 -4.40 -9.00 9.26
N SER A 67 -3.35 -9.43 9.95
CA SER A 67 -2.53 -8.50 10.71
C SER A 67 -1.84 -7.52 9.77
N ALA A 68 -1.27 -8.05 8.69
CA ALA A 68 -0.60 -7.21 7.71
C ALA A 68 -1.60 -6.26 7.06
N LEU A 69 -2.78 -6.79 6.74
CA LEU A 69 -3.84 -5.99 6.13
C LEU A 69 -4.27 -4.89 7.08
N GLU A 70 -4.43 -5.26 8.34
CA GLU A 70 -4.85 -4.32 9.37
C GLU A 70 -3.84 -3.19 9.52
N SER A 71 -2.56 -3.54 9.51
CA SER A 71 -1.49 -2.56 9.65
C SER A 71 -1.53 -1.55 8.51
N MET A 72 -1.71 -2.05 7.29
CA MET A 72 -1.75 -1.20 6.11
C MET A 72 -2.89 -0.19 6.20
N ILE A 73 -4.05 -0.66 6.69
CA ILE A 73 -5.23 0.19 6.81
C ILE A 73 -4.99 1.34 7.79
N LYS A 74 -4.40 1.05 8.94
CA LYS A 74 -4.17 2.07 9.95
C LYS A 74 -3.26 3.18 9.44
N ILE A 75 -2.19 2.82 8.73
CA ILE A 75 -1.28 3.83 8.22
C ILE A 75 -1.90 4.58 7.05
N ALA A 76 -2.75 3.89 6.29
CA ALA A 76 -3.41 4.50 5.16
C ALA A 76 -4.32 5.63 5.64
N LYS A 77 -5.03 5.37 6.74
CA LYS A 77 -5.91 6.38 7.30
C LYS A 77 -5.12 7.60 7.75
N LEU A 78 -3.96 7.35 8.36
CA LEU A 78 -3.12 8.45 8.80
C LEU A 78 -2.69 9.29 7.61
N SER A 79 -2.21 8.63 6.56
CA SER A 79 -1.76 9.34 5.36
C SER A 79 -2.92 10.08 4.72
N ASN A 80 -4.08 9.43 4.65
CA ASN A 80 -5.27 10.04 4.08
C ASN A 80 -5.69 11.27 4.90
N GLN A 81 -5.59 11.13 6.22
CA GLN A 81 -5.97 12.22 7.11
C GLN A 81 -5.14 13.47 6.83
N LEU A 82 -3.84 13.29 6.66
CA LEU A 82 -2.97 14.42 6.37
C LEU A 82 -3.31 15.00 5.00
N ASN A 83 -3.62 14.11 4.06
CA ASN A 83 -3.99 14.52 2.71
C ASN A 83 -5.23 15.40 2.73
N ARG A 84 -6.20 15.03 3.57
CA ARG A 84 -7.44 15.79 3.68
C ARG A 84 -7.17 17.22 4.12
N HIS A 85 -6.27 17.39 5.08
CA HIS A 85 -5.95 18.72 5.59
C HIS A 85 -5.37 19.61 4.50
N THR A 86 -4.53 19.04 3.64
CA THR A 86 -3.91 19.79 2.54
C THR A 86 -4.57 19.45 1.21
N PHE A 87 -4.19 20.16 0.16
CA PHE A 87 -4.77 19.93 -1.16
C PHE A 87 -4.08 18.75 -1.84
N PHE A 88 -4.85 17.94 -2.55
CA PHE A 88 -4.32 16.78 -3.25
C PHE A 88 -3.32 17.20 -4.33
N ASN A 89 -3.32 18.49 -4.67
CA ASN A 89 -2.44 18.99 -5.70
C ASN A 89 -0.97 18.77 -5.33
N GLN A 90 -0.63 18.96 -4.07
CA GLN A 90 0.76 18.76 -3.63
C GLN A 90 1.15 17.30 -3.78
N ARG A 91 0.22 16.40 -3.50
CA ARG A 91 0.49 14.96 -3.60
C ARG A 91 0.10 14.45 -4.98
N GLN A 92 0.82 13.45 -5.47
CA GLN A 92 0.52 12.87 -6.77
C GLN A 92 -0.81 12.11 -6.72
N PRO A 93 -1.55 12.06 -7.80
CA PRO A 93 -2.86 11.34 -7.82
C PRO A 93 -2.68 9.83 -7.74
N GLU A 94 -1.55 9.33 -8.24
CA GLU A 94 -1.28 7.91 -8.24
C GLU A 94 -1.15 7.35 -6.82
N THR A 95 -0.46 8.08 -5.95
CA THR A 95 -0.28 7.61 -4.57
C THR A 95 -1.53 7.88 -3.75
N GLY A 96 -2.15 9.03 -3.97
CA GLY A 96 -3.37 9.37 -3.25
C GLY A 96 -4.46 8.36 -3.53
N GLN A 97 -4.55 7.95 -4.80
CA GLN A 97 -5.54 6.97 -5.21
C GLN A 97 -5.28 5.63 -4.53
N PHE A 98 -4.02 5.25 -4.43
CA PHE A 98 -3.65 3.99 -3.79
C PHE A 98 -4.12 3.95 -2.35
N TYR A 99 -3.84 5.03 -1.62
CA TYR A 99 -4.23 5.11 -0.21
C TYR A 99 -5.74 5.02 -0.04
N LYS A 100 -6.48 5.64 -0.96
CA LYS A 100 -7.94 5.63 -0.88
C LYS A 100 -8.48 4.20 -0.91
N LYS A 101 -7.96 3.39 -1.83
CA LYS A 101 -8.42 2.01 -1.94
C LYS A 101 -8.07 1.23 -0.68
N VAL A 102 -6.87 1.48 -0.14
CA VAL A 102 -6.44 0.77 1.05
C VAL A 102 -7.40 1.09 2.21
N ALA A 103 -7.71 2.37 2.37
CA ALA A 103 -8.62 2.80 3.42
C ALA A 103 -10.04 2.30 3.17
N ALA A 104 -10.46 2.34 1.90
CA ALA A 104 -11.81 1.93 1.50
C ALA A 104 -11.84 0.54 0.88
N ILE A 105 -10.99 -0.37 1.32
CA ILE A 105 -10.87 -1.64 0.62
C ILE A 105 -12.23 -2.35 0.41
N ASP A 106 -12.51 -2.73 -0.84
CA ASP A 106 -13.76 -3.40 -1.19
C ASP A 106 -13.58 -4.26 -2.44
N LEU A 107 -12.99 -5.45 -2.31
CA LEU A 107 -12.81 -6.31 -3.46
C LEU A 107 -14.16 -6.60 -4.12
N GLN A 108 -15.15 -6.91 -3.30
CA GLN A 108 -16.49 -7.20 -3.81
C GLN A 108 -16.43 -8.33 -4.83
N SER A 1 -21.67 -7.87 6.50
CA SER A 1 -21.93 -9.16 5.81
C SER A 1 -21.29 -10.29 6.60
N ASP A 2 -22.11 -11.05 7.31
CA ASP A 2 -21.61 -12.17 8.11
C ASP A 2 -20.96 -13.21 7.21
N GLU A 3 -21.56 -13.45 6.05
CA GLU A 3 -21.03 -14.43 5.10
C GLU A 3 -19.75 -13.91 4.46
N LYS A 4 -18.80 -14.80 4.23
CA LYS A 4 -17.54 -14.41 3.60
C LYS A 4 -17.77 -13.94 2.17
N ILE A 5 -17.24 -12.77 1.84
CA ILE A 5 -17.39 -12.20 0.50
C ILE A 5 -16.04 -11.80 -0.08
N LYS A 6 -14.99 -11.98 0.72
CA LYS A 6 -13.64 -11.64 0.28
C LYS A 6 -12.59 -12.48 0.99
N THR A 7 -11.39 -12.53 0.42
CA THR A 7 -10.29 -13.30 1.01
C THR A 7 -9.11 -12.39 1.30
N ALA A 8 -8.40 -12.66 2.39
CA ALA A 8 -7.26 -11.85 2.77
C ALA A 8 -6.19 -11.90 1.69
N HIS A 9 -5.95 -13.08 1.15
CA HIS A 9 -4.94 -13.24 0.10
C HIS A 9 -5.29 -12.43 -1.14
N ASP A 10 -6.55 -12.50 -1.54
CA ASP A 10 -7.00 -11.76 -2.72
C ASP A 10 -6.90 -10.26 -2.50
N LEU A 11 -7.25 -9.82 -1.30
CA LEU A 11 -7.20 -8.40 -0.97
C LEU A 11 -5.76 -7.89 -1.04
N ILE A 12 -4.85 -8.66 -0.45
CA ILE A 12 -3.44 -8.30 -0.46
C ILE A 12 -2.92 -8.19 -1.88
N ASP A 13 -3.28 -9.16 -2.71
CA ASP A 13 -2.84 -9.18 -4.10
C ASP A 13 -3.36 -7.96 -4.86
N GLU A 14 -4.59 -7.57 -4.57
CA GLU A 14 -5.21 -6.43 -5.25
C GLU A 14 -4.41 -5.14 -5.03
N ILE A 15 -4.00 -4.90 -3.78
CA ILE A 15 -3.24 -3.69 -3.48
C ILE A 15 -1.82 -3.79 -4.01
N ILE A 16 -1.27 -5.00 -4.03
CA ILE A 16 0.08 -5.21 -4.54
C ILE A 16 0.14 -4.85 -6.02
N GLN A 17 -0.88 -5.29 -6.77
CA GLN A 17 -0.93 -5.03 -8.20
C GLN A 17 -1.04 -3.54 -8.46
N ASP A 18 -1.84 -2.85 -7.66
CA ASP A 18 -2.01 -1.41 -7.85
C ASP A 18 -0.68 -0.69 -7.66
N VAL A 19 0.08 -1.12 -6.66
CA VAL A 19 1.37 -0.51 -6.38
C VAL A 19 2.34 -0.76 -7.54
N ILE A 20 2.35 -1.98 -8.05
CA ILE A 20 3.24 -2.34 -9.15
C ILE A 20 2.94 -1.48 -10.39
N GLN A 21 1.67 -1.35 -10.72
CA GLN A 21 1.28 -0.54 -11.88
C GLN A 21 1.65 0.92 -11.68
N LEU A 22 1.48 1.41 -10.46
CA LEU A 22 1.77 2.81 -10.14
C LEU A 22 3.27 3.09 -10.15
N ASP A 23 4.09 2.08 -9.87
CA ASP A 23 5.54 2.27 -9.83
C ASP A 23 6.02 3.01 -11.08
N GLY A 24 7.13 3.73 -10.93
CA GLY A 24 7.69 4.49 -12.04
C GLY A 24 8.92 5.27 -11.58
N LYS A 25 9.44 6.13 -12.44
CA LYS A 25 10.62 6.91 -12.09
C LYS A 25 10.32 7.82 -10.91
N LEU A 26 9.12 8.40 -10.91
CA LEU A 26 8.70 9.30 -9.83
C LEU A 26 9.82 10.23 -9.43
N GLY A 27 10.83 10.37 -10.28
CA GLY A 27 11.97 11.24 -10.00
C GLY A 27 13.07 10.47 -9.26
N LEU A 28 14.31 10.93 -9.43
CA LEU A 28 15.44 10.27 -8.77
C LEU A 28 15.31 10.35 -7.25
N LEU A 29 15.00 11.54 -6.73
CA LEU A 29 14.86 11.73 -5.28
C LEU A 29 13.40 11.75 -4.87
N GLY A 30 12.50 11.66 -5.84
CA GLY A 30 11.07 11.68 -5.53
C GLY A 30 10.60 10.32 -5.02
N GLY A 31 10.40 10.24 -3.71
CA GLY A 31 9.95 9.00 -3.08
C GLY A 31 11.14 8.13 -2.69
N ASN A 32 10.87 7.07 -1.92
CA ASN A 32 11.91 6.15 -1.48
C ASN A 32 11.92 4.88 -2.34
N THR A 33 13.12 4.36 -2.60
CA THR A 33 13.26 3.15 -3.42
C THR A 33 13.43 1.93 -2.52
N ARG A 34 12.79 0.83 -2.90
CA ARG A 34 12.87 -0.42 -2.14
C ARG A 34 13.05 -1.59 -3.11
N GLN A 35 13.98 -2.48 -2.78
CA GLN A 35 14.24 -3.64 -3.63
C GLN A 35 13.18 -4.71 -3.42
N LEU A 36 12.61 -5.19 -4.52
CA LEU A 36 11.58 -6.21 -4.46
C LEU A 36 12.22 -7.53 -4.06
N GLU A 37 11.42 -8.46 -3.54
CA GLU A 37 11.93 -9.76 -3.13
C GLU A 37 12.62 -10.43 -4.32
N ASP A 38 12.06 -10.21 -5.50
CA ASP A 38 12.62 -10.79 -6.71
C ASP A 38 13.95 -10.12 -7.04
N GLY A 39 14.26 -9.02 -6.34
CA GLY A 39 15.51 -8.29 -6.56
C GLY A 39 15.32 -7.15 -7.55
N ARG A 40 14.07 -6.81 -7.83
CA ARG A 40 13.75 -5.73 -8.77
C ARG A 40 13.59 -4.41 -8.03
N VAL A 41 14.35 -3.39 -8.44
CA VAL A 41 14.27 -2.09 -7.79
C VAL A 41 13.03 -1.32 -8.26
N ILE A 42 12.25 -0.86 -7.29
CA ILE A 42 11.03 -0.09 -7.59
C ILE A 42 11.02 1.20 -6.77
N ASN A 43 10.28 2.20 -7.24
CA ASN A 43 10.20 3.49 -6.55
C ASN A 43 8.75 3.82 -6.23
N ILE A 44 8.46 4.01 -4.95
CA ILE A 44 7.10 4.33 -4.52
C ILE A 44 7.13 5.27 -3.31
N PRO A 45 6.05 5.98 -3.01
CA PRO A 45 6.02 6.91 -1.83
C PRO A 45 6.40 6.20 -0.53
N ASN A 46 6.76 6.98 0.48
CA ASN A 46 7.15 6.42 1.76
C ASN A 46 6.03 5.55 2.33
N GLY A 47 4.80 6.03 2.21
CA GLY A 47 3.66 5.27 2.72
C GLY A 47 3.55 3.93 2.01
N ALA A 48 3.78 3.95 0.69
CA ALA A 48 3.74 2.72 -0.09
C ALA A 48 4.80 1.76 0.42
N ALA A 49 5.95 2.31 0.77
CA ALA A 49 7.06 1.51 1.28
C ALA A 49 6.67 0.85 2.61
N MET A 50 5.91 1.57 3.42
CA MET A 50 5.50 1.06 4.73
C MET A 50 4.68 -0.23 4.59
N ILE A 51 3.70 -0.22 3.68
CA ILE A 51 2.88 -1.41 3.49
C ILE A 51 3.68 -2.52 2.83
N PHE A 52 4.70 -2.15 2.05
CA PHE A 52 5.54 -3.15 1.41
C PHE A 52 6.21 -4.02 2.47
N ASP A 53 6.76 -3.35 3.48
CA ASP A 53 7.42 -4.06 4.57
C ASP A 53 6.42 -4.99 5.27
N ASP A 54 5.20 -4.49 5.45
CA ASP A 54 4.16 -5.28 6.10
C ASP A 54 3.89 -6.56 5.31
N TYR A 55 3.90 -6.45 3.98
CA TYR A 55 3.68 -7.61 3.13
C TYR A 55 4.75 -8.66 3.40
N LYS A 56 6.00 -8.21 3.46
CA LYS A 56 7.13 -9.10 3.71
C LYS A 56 6.93 -9.85 5.02
N LYS A 57 6.39 -9.15 6.02
CA LYS A 57 6.17 -9.76 7.32
C LYS A 57 5.19 -10.91 7.21
N TYR A 58 4.19 -10.76 6.37
CA TYR A 58 3.22 -11.83 6.19
C TYR A 58 3.94 -13.09 5.73
N LYS A 59 4.95 -12.89 4.88
CA LYS A 59 5.73 -14.02 4.36
C LYS A 59 6.72 -14.52 5.41
N GLN A 60 7.40 -13.57 6.05
CA GLN A 60 8.39 -13.91 7.06
C GLN A 60 7.74 -14.60 8.25
N GLY A 61 6.48 -14.27 8.52
CA GLY A 61 5.74 -14.85 9.64
C GLY A 61 5.67 -13.90 10.82
N GLU A 62 6.23 -12.70 10.66
CA GLU A 62 6.20 -11.71 11.73
C GLU A 62 4.76 -11.27 11.98
N LEU A 63 4.00 -11.15 10.90
CA LEU A 63 2.60 -10.73 10.98
C LEU A 63 1.69 -11.72 10.27
N THR A 64 0.46 -11.81 10.75
CA THR A 64 -0.53 -12.70 10.15
C THR A 64 -1.18 -12.03 8.95
N ALA A 65 -1.95 -12.78 8.18
CA ALA A 65 -2.62 -12.23 7.01
C ALA A 65 -3.54 -11.09 7.43
N GLU A 66 -4.27 -11.28 8.52
CA GLU A 66 -5.17 -10.26 9.00
C GLU A 66 -4.40 -9.15 9.71
N SER A 67 -3.29 -9.51 10.36
CA SER A 67 -2.49 -8.51 11.06
C SER A 67 -1.90 -7.53 10.05
N ALA A 68 -1.35 -8.06 8.97
CA ALA A 68 -0.78 -7.21 7.93
C ALA A 68 -1.86 -6.33 7.32
N LEU A 69 -3.02 -6.94 7.09
CA LEU A 69 -4.15 -6.21 6.53
C LEU A 69 -4.58 -5.10 7.47
N GLU A 70 -4.66 -5.45 8.75
CA GLU A 70 -5.04 -4.49 9.78
C GLU A 70 -4.04 -3.34 9.84
N SER A 71 -2.76 -3.69 9.74
CA SER A 71 -1.71 -2.69 9.79
C SER A 71 -1.81 -1.72 8.62
N MET A 72 -2.05 -2.26 7.42
CA MET A 72 -2.17 -1.44 6.23
C MET A 72 -3.35 -0.47 6.33
N ILE A 73 -4.45 -0.94 6.89
CA ILE A 73 -5.63 -0.11 7.03
C ILE A 73 -5.38 1.08 7.97
N LYS A 74 -4.78 0.79 9.13
CA LYS A 74 -4.51 1.84 10.11
C LYS A 74 -3.55 2.90 9.60
N ILE A 75 -2.46 2.47 8.95
CA ILE A 75 -1.49 3.42 8.44
C ILE A 75 -2.06 4.14 7.22
N ALA A 76 -2.92 3.45 6.49
CA ALA A 76 -3.54 4.03 5.31
C ALA A 76 -4.41 5.22 5.72
N LYS A 77 -5.13 5.06 6.84
CA LYS A 77 -5.98 6.14 7.32
C LYS A 77 -5.15 7.36 7.68
N LEU A 78 -4.02 7.15 8.35
CA LEU A 78 -3.15 8.26 8.71
C LEU A 78 -2.51 8.86 7.45
N SER A 79 -2.09 8.00 6.53
CA SER A 79 -1.49 8.48 5.29
C SER A 79 -2.50 9.33 4.54
N ASN A 80 -3.75 8.86 4.52
CA ASN A 80 -4.83 9.57 3.86
C ASN A 80 -5.03 10.94 4.51
N GLN A 81 -4.92 10.98 5.84
CA GLN A 81 -5.11 12.22 6.58
C GLN A 81 -4.11 13.26 6.11
N LEU A 82 -2.86 12.86 5.97
CA LEU A 82 -1.82 13.78 5.49
C LEU A 82 -2.09 14.15 4.04
N ASN A 83 -2.57 13.19 3.26
CA ASN A 83 -2.86 13.41 1.85
C ASN A 83 -3.91 14.50 1.68
N ARG A 84 -4.92 14.50 2.53
CA ARG A 84 -5.97 15.50 2.46
C ARG A 84 -5.42 16.90 2.68
N HIS A 85 -4.44 17.00 3.57
CA HIS A 85 -3.83 18.30 3.86
C HIS A 85 -3.56 19.09 2.59
N THR A 86 -3.21 20.36 2.75
CA THR A 86 -2.96 21.25 1.62
C THR A 86 -1.73 20.79 0.82
N PHE A 87 -1.01 19.80 1.36
CA PHE A 87 0.19 19.30 0.68
C PHE A 87 -0.17 18.23 -0.35
N PHE A 88 -1.47 18.07 -0.62
CA PHE A 88 -1.92 17.08 -1.59
C PHE A 88 -1.28 17.33 -2.96
N ASN A 89 -0.92 18.58 -3.21
CA ASN A 89 -0.32 18.95 -4.49
C ASN A 89 1.00 18.19 -4.71
N GLN A 90 1.77 18.05 -3.64
CA GLN A 90 3.05 17.35 -3.74
C GLN A 90 2.85 15.88 -4.07
N ARG A 91 1.79 15.29 -3.54
CA ARG A 91 1.50 13.88 -3.80
C ARG A 91 0.75 13.73 -5.12
N GLN A 92 1.07 12.67 -5.85
CA GLN A 92 0.41 12.42 -7.13
C GLN A 92 -1.03 11.95 -6.89
N PRO A 93 -1.94 12.25 -7.78
CA PRO A 93 -3.37 11.84 -7.63
C PRO A 93 -3.52 10.32 -7.66
N GLU A 94 -2.62 9.66 -8.40
CA GLU A 94 -2.67 8.20 -8.51
C GLU A 94 -2.38 7.56 -7.15
N THR A 95 -1.44 8.13 -6.42
CA THR A 95 -1.08 7.61 -5.10
C THR A 95 -2.22 7.84 -4.12
N GLY A 96 -2.90 8.99 -4.26
CA GLY A 96 -4.00 9.31 -3.38
C GLY A 96 -5.12 8.29 -3.52
N GLN A 97 -5.39 7.88 -4.75
CA GLN A 97 -6.45 6.89 -4.99
C GLN A 97 -6.09 5.58 -4.32
N PHE A 98 -4.82 5.19 -4.40
CA PHE A 98 -4.37 3.95 -3.79
C PHE A 98 -4.64 3.95 -2.28
N TYR A 99 -4.25 5.04 -1.63
CA TYR A 99 -4.44 5.15 -0.19
C TYR A 99 -5.93 5.15 0.18
N LYS A 100 -6.74 5.87 -0.58
CA LYS A 100 -8.17 5.93 -0.30
C LYS A 100 -8.82 4.56 -0.44
N LYS A 101 -8.41 3.80 -1.46
CA LYS A 101 -8.97 2.48 -1.67
C LYS A 101 -8.63 1.56 -0.51
N VAL A 102 -7.39 1.65 -0.04
CA VAL A 102 -6.94 0.80 1.07
C VAL A 102 -7.79 1.06 2.31
N ALA A 103 -8.01 2.33 2.62
CA ALA A 103 -8.80 2.70 3.80
C ALA A 103 -10.22 2.14 3.68
N ALA A 104 -10.78 2.22 2.47
CA ALA A 104 -12.14 1.73 2.22
C ALA A 104 -12.11 0.48 1.35
N ILE A 105 -11.01 -0.27 1.43
CA ILE A 105 -10.85 -1.47 0.63
C ILE A 105 -12.12 -2.31 0.65
N ASP A 106 -12.61 -2.65 -0.54
CA ASP A 106 -13.83 -3.44 -0.67
C ASP A 106 -13.73 -4.41 -1.84
N LEU A 107 -13.00 -5.51 -1.65
CA LEU A 107 -12.84 -6.50 -2.71
C LEU A 107 -14.20 -7.06 -3.13
N GLN A 108 -15.01 -7.40 -2.12
CA GLN A 108 -16.34 -7.96 -2.40
C GLN A 108 -16.28 -8.99 -3.52
N SER A 1 -13.22 -7.29 12.83
CA SER A 1 -14.48 -7.44 12.05
C SER A 1 -14.31 -6.78 10.68
N ASP A 2 -13.33 -7.27 9.92
CA ASP A 2 -13.07 -6.72 8.59
C ASP A 2 -13.94 -7.41 7.55
N GLU A 3 -14.95 -6.69 7.05
CA GLU A 3 -15.85 -7.24 6.05
C GLU A 3 -15.13 -7.39 4.72
N LYS A 4 -15.44 -8.46 3.99
CA LYS A 4 -14.82 -8.71 2.69
C LYS A 4 -15.76 -9.51 1.79
N ILE A 5 -15.76 -9.17 0.51
CA ILE A 5 -16.62 -9.84 -0.46
C ILE A 5 -16.29 -11.32 -0.60
N LYS A 6 -15.00 -11.67 -0.65
CA LYS A 6 -14.61 -13.07 -0.78
C LYS A 6 -13.51 -13.52 0.18
N THR A 7 -12.29 -13.02 0.01
CA THR A 7 -11.17 -13.43 0.87
C THR A 7 -10.21 -12.30 1.20
N ALA A 8 -9.53 -12.41 2.33
CA ALA A 8 -8.56 -11.40 2.73
C ALA A 8 -7.40 -11.36 1.75
N HIS A 9 -6.98 -12.53 1.28
CA HIS A 9 -5.87 -12.64 0.36
C HIS A 9 -6.15 -11.90 -0.95
N ASP A 10 -7.38 -12.01 -1.45
CA ASP A 10 -7.75 -11.35 -2.69
C ASP A 10 -7.60 -9.83 -2.57
N LEU A 11 -8.01 -9.29 -1.44
CA LEU A 11 -7.91 -7.85 -1.22
C LEU A 11 -6.45 -7.41 -1.19
N ILE A 12 -5.63 -8.21 -0.50
CA ILE A 12 -4.21 -7.91 -0.38
C ILE A 12 -3.56 -7.91 -1.77
N ASP A 13 -3.92 -8.89 -2.57
CA ASP A 13 -3.37 -9.00 -3.92
C ASP A 13 -3.72 -7.79 -4.77
N GLU A 14 -4.95 -7.28 -4.61
CA GLU A 14 -5.40 -6.14 -5.38
C GLU A 14 -4.53 -4.92 -5.14
N ILE A 15 -4.21 -4.64 -3.88
CA ILE A 15 -3.39 -3.48 -3.57
C ILE A 15 -1.93 -3.72 -3.98
N ILE A 16 -1.49 -4.95 -3.90
CA ILE A 16 -0.12 -5.30 -4.28
C ILE A 16 0.09 -5.00 -5.77
N GLN A 17 -0.90 -5.38 -6.58
CA GLN A 17 -0.83 -5.16 -8.00
C GLN A 17 -0.77 -3.67 -8.32
N ASP A 18 -1.57 -2.89 -7.60
CA ASP A 18 -1.58 -1.45 -7.82
C ASP A 18 -0.21 -0.85 -7.52
N VAL A 19 0.42 -1.36 -6.46
CA VAL A 19 1.74 -0.87 -6.08
C VAL A 19 2.75 -1.12 -7.19
N ILE A 20 2.71 -2.32 -7.77
CA ILE A 20 3.63 -2.68 -8.83
C ILE A 20 3.44 -1.74 -10.03
N GLN A 21 2.21 -1.52 -10.44
CA GLN A 21 1.92 -0.64 -11.56
C GLN A 21 2.33 0.80 -11.22
N LEU A 22 2.07 1.21 -9.99
CA LEU A 22 2.42 2.57 -9.55
C LEU A 22 3.94 2.74 -9.59
N ASP A 23 4.68 1.65 -9.47
CA ASP A 23 6.13 1.71 -9.48
C ASP A 23 6.62 2.41 -10.74
N GLY A 24 7.57 3.33 -10.56
CA GLY A 24 8.13 4.08 -11.68
C GLY A 24 9.32 4.91 -11.23
N LYS A 25 9.77 5.83 -12.08
CA LYS A 25 10.91 6.67 -11.74
C LYS A 25 10.60 7.47 -10.46
N LEU A 26 9.40 8.04 -10.41
CA LEU A 26 8.99 8.82 -9.24
C LEU A 26 10.14 9.69 -8.74
N GLY A 27 11.01 10.10 -9.66
CA GLY A 27 12.16 10.93 -9.30
C GLY A 27 11.70 12.25 -8.68
N LEU A 28 10.66 12.83 -9.26
CA LEU A 28 10.13 14.10 -8.75
C LEU A 28 9.59 13.92 -7.34
N LEU A 29 8.92 12.79 -7.10
CA LEU A 29 8.36 12.52 -5.78
C LEU A 29 9.46 12.43 -4.73
N GLY A 30 10.56 11.78 -5.09
CA GLY A 30 11.67 11.62 -4.15
C GLY A 30 11.32 10.61 -3.05
N GLY A 31 10.53 9.61 -3.43
CA GLY A 31 10.12 8.58 -2.47
C GLY A 31 11.27 7.61 -2.18
N ASN A 32 10.99 6.58 -1.40
CA ASN A 32 12.01 5.60 -1.04
C ASN A 32 12.04 4.44 -2.01
N THR A 33 13.23 3.86 -2.19
CA THR A 33 13.43 2.73 -3.11
C THR A 33 13.80 1.48 -2.31
N ARG A 34 13.07 0.40 -2.55
CA ARG A 34 13.32 -0.87 -1.85
C ARG A 34 13.41 -2.01 -2.86
N GLN A 35 14.27 -2.97 -2.57
CA GLN A 35 14.46 -4.11 -3.47
C GLN A 35 13.33 -5.12 -3.31
N LEU A 36 12.76 -5.53 -4.43
CA LEU A 36 11.66 -6.49 -4.41
C LEU A 36 12.20 -7.88 -4.05
N GLU A 37 11.32 -8.73 -3.53
CA GLU A 37 11.73 -10.07 -3.15
C GLU A 37 12.39 -10.77 -4.34
N ASP A 38 11.86 -10.49 -5.53
CA ASP A 38 12.41 -11.09 -6.75
C ASP A 38 13.79 -10.51 -7.04
N GLY A 39 14.15 -9.46 -6.31
CA GLY A 39 15.46 -8.83 -6.50
C GLY A 39 15.37 -7.65 -7.48
N ARG A 40 14.15 -7.22 -7.77
CA ARG A 40 13.92 -6.11 -8.69
C ARG A 40 13.79 -4.79 -7.93
N VAL A 41 14.57 -3.79 -8.31
CA VAL A 41 14.51 -2.50 -7.66
C VAL A 41 13.24 -1.77 -8.04
N ILE A 42 12.49 -1.30 -7.03
CA ILE A 42 11.24 -0.58 -7.27
C ILE A 42 11.19 0.69 -6.43
N ASN A 43 10.53 1.72 -6.95
CA ASN A 43 10.42 3.00 -6.23
C ASN A 43 8.96 3.33 -6.01
N ILE A 44 8.59 3.52 -4.74
CA ILE A 44 7.20 3.83 -4.38
C ILE A 44 7.17 4.80 -3.20
N PRO A 45 6.09 5.54 -2.98
CA PRO A 45 5.99 6.50 -1.84
C PRO A 45 6.40 5.85 -0.51
N ASN A 46 6.71 6.69 0.47
CA ASN A 46 7.11 6.18 1.78
C ASN A 46 6.01 5.33 2.38
N GLY A 47 4.76 5.77 2.23
CA GLY A 47 3.63 5.02 2.75
C GLY A 47 3.54 3.66 2.06
N ALA A 48 3.79 3.66 0.75
CA ALA A 48 3.76 2.42 -0.02
C ALA A 48 4.81 1.46 0.53
N ALA A 49 5.96 2.02 0.89
CA ALA A 49 7.05 1.22 1.45
C ALA A 49 6.62 0.57 2.75
N MET A 50 5.84 1.29 3.55
CA MET A 50 5.39 0.78 4.85
C MET A 50 4.58 -0.50 4.67
N ILE A 51 3.63 -0.49 3.75
CA ILE A 51 2.80 -1.67 3.52
C ILE A 51 3.61 -2.78 2.85
N PHE A 52 4.64 -2.38 2.10
CA PHE A 52 5.49 -3.36 1.44
C PHE A 52 6.14 -4.26 2.48
N ASP A 53 6.67 -3.63 3.53
CA ASP A 53 7.31 -4.37 4.61
C ASP A 53 6.30 -5.28 5.29
N ASP A 54 5.07 -4.78 5.45
CA ASP A 54 4.02 -5.58 6.07
C ASP A 54 3.77 -6.84 5.27
N TYR A 55 3.80 -6.72 3.95
CA TYR A 55 3.61 -7.87 3.09
C TYR A 55 4.69 -8.91 3.36
N LYS A 56 5.93 -8.43 3.46
CA LYS A 56 7.07 -9.31 3.72
C LYS A 56 6.85 -10.08 5.01
N LYS A 57 6.27 -9.43 6.01
CA LYS A 57 6.02 -10.07 7.29
C LYS A 57 5.07 -11.24 7.13
N TYR A 58 4.08 -11.10 6.28
CA TYR A 58 3.15 -12.19 6.05
C TYR A 58 3.94 -13.41 5.59
N LYS A 59 4.94 -13.17 4.74
CA LYS A 59 5.77 -14.26 4.22
C LYS A 59 6.71 -14.77 5.31
N GLN A 60 7.35 -13.84 6.00
CA GLN A 60 8.30 -14.17 7.06
C GLN A 60 7.59 -14.94 8.18
N GLY A 61 6.32 -14.64 8.36
CA GLY A 61 5.51 -15.28 9.41
C GLY A 61 5.43 -14.38 10.64
N GLU A 62 6.02 -13.19 10.54
CA GLU A 62 5.98 -12.25 11.63
C GLU A 62 4.54 -11.80 11.88
N LEU A 63 3.81 -11.61 10.78
CA LEU A 63 2.40 -11.20 10.86
C LEU A 63 1.51 -12.18 10.10
N THR A 64 0.27 -12.28 10.54
CA THR A 64 -0.70 -13.16 9.89
C THR A 64 -1.29 -12.47 8.67
N ALA A 65 -2.02 -13.21 7.85
CA ALA A 65 -2.62 -12.63 6.66
C ALA A 65 -3.55 -11.50 7.03
N GLU A 66 -4.35 -11.71 8.07
CA GLU A 66 -5.27 -10.68 8.52
C GLU A 66 -4.55 -9.60 9.31
N SER A 67 -3.50 -9.98 10.02
CA SER A 67 -2.74 -9.00 10.79
C SER A 67 -2.10 -7.99 9.87
N ALA A 68 -1.50 -8.49 8.78
CA ALA A 68 -0.86 -7.61 7.81
C ALA A 68 -1.90 -6.69 7.18
N LEU A 69 -3.04 -7.26 6.83
CA LEU A 69 -4.12 -6.48 6.23
C LEU A 69 -4.61 -5.43 7.22
N GLU A 70 -4.76 -5.85 8.47
CA GLU A 70 -5.22 -4.96 9.52
C GLU A 70 -4.26 -3.79 9.68
N SER A 71 -2.96 -4.09 9.66
CA SER A 71 -1.94 -3.06 9.80
C SER A 71 -2.02 -2.06 8.64
N MET A 72 -2.24 -2.58 7.44
CA MET A 72 -2.33 -1.74 6.25
C MET A 72 -3.52 -0.77 6.35
N ILE A 73 -4.63 -1.27 6.90
CA ILE A 73 -5.83 -0.46 7.03
C ILE A 73 -5.59 0.73 7.98
N LYS A 74 -4.98 0.46 9.13
CA LYS A 74 -4.74 1.51 10.12
C LYS A 74 -3.82 2.60 9.59
N ILE A 75 -2.74 2.20 8.94
CA ILE A 75 -1.80 3.17 8.39
C ILE A 75 -2.41 3.85 7.18
N ALA A 76 -3.30 3.14 6.50
CA ALA A 76 -3.96 3.70 5.33
C ALA A 76 -4.80 4.90 5.74
N LYS A 77 -5.49 4.76 6.88
CA LYS A 77 -6.34 5.85 7.38
C LYS A 77 -5.50 7.07 7.70
N LEU A 78 -4.35 6.87 8.33
CA LEU A 78 -3.48 7.98 8.67
C LEU A 78 -2.80 8.56 7.42
N SER A 79 -2.41 7.67 6.50
CA SER A 79 -1.73 8.10 5.28
C SER A 79 -2.59 9.03 4.43
N ASN A 80 -3.85 8.67 4.22
CA ASN A 80 -4.73 9.53 3.43
C ASN A 80 -5.09 10.77 4.22
N GLN A 81 -5.15 10.62 5.54
CA GLN A 81 -5.47 11.73 6.42
C GLN A 81 -4.38 12.79 6.30
N LEU A 82 -3.13 12.32 6.25
CA LEU A 82 -1.99 13.21 6.12
C LEU A 82 -2.05 13.93 4.77
N ASN A 83 -2.40 13.19 3.73
CA ASN A 83 -2.49 13.75 2.39
C ASN A 83 -3.52 14.87 2.36
N ARG A 84 -4.63 14.67 3.05
CA ARG A 84 -5.68 15.68 3.09
C ARG A 84 -5.14 16.98 3.69
N HIS A 85 -4.49 16.85 4.85
CA HIS A 85 -4.01 18.01 5.63
C HIS A 85 -3.03 18.87 4.89
N THR A 86 -2.08 18.24 4.21
CA THR A 86 -1.13 18.94 3.37
C THR A 86 -1.80 19.22 2.02
N PHE A 87 -1.26 20.15 1.24
CA PHE A 87 -1.85 20.41 -0.06
C PHE A 87 -1.64 19.09 -0.79
N PHE A 88 -2.72 18.52 -1.29
CA PHE A 88 -2.60 17.20 -1.89
C PHE A 88 -2.05 17.32 -3.31
N ASN A 89 -2.06 18.53 -3.83
CA ASN A 89 -1.58 18.80 -5.19
C ASN A 89 -0.13 18.38 -5.35
N GLN A 90 0.67 18.52 -4.30
CA GLN A 90 2.07 18.15 -4.37
C GLN A 90 2.23 16.66 -4.62
N ARG A 91 1.35 15.86 -4.03
CA ARG A 91 1.40 14.41 -4.22
C ARG A 91 0.74 14.05 -5.55
N GLN A 92 1.25 13.01 -6.20
CA GLN A 92 0.69 12.58 -7.47
C GLN A 92 -0.71 11.98 -7.25
N PRO A 93 -1.60 12.10 -8.21
CA PRO A 93 -2.97 11.55 -8.09
C PRO A 93 -2.97 10.03 -8.06
N GLU A 94 -1.95 9.44 -8.67
CA GLU A 94 -1.84 7.99 -8.72
C GLU A 94 -1.67 7.39 -7.33
N THR A 95 -0.86 8.01 -6.49
CA THR A 95 -0.64 7.50 -5.14
C THR A 95 -1.80 7.86 -4.23
N GLY A 96 -2.40 9.03 -4.46
CA GLY A 96 -3.54 9.45 -3.65
C GLY A 96 -4.68 8.46 -3.83
N GLN A 97 -4.86 8.03 -5.08
CA GLN A 97 -5.91 7.07 -5.41
C GLN A 97 -5.64 5.72 -4.71
N PHE A 98 -4.38 5.33 -4.69
CA PHE A 98 -3.99 4.07 -4.06
C PHE A 98 -4.37 4.06 -2.59
N TYR A 99 -4.05 5.13 -1.88
CA TYR A 99 -4.35 5.21 -0.45
C TYR A 99 -5.86 5.10 -0.20
N LYS A 100 -6.64 5.76 -1.05
CA LYS A 100 -8.09 5.74 -0.89
C LYS A 100 -8.67 4.33 -1.10
N LYS A 101 -8.15 3.62 -2.10
CA LYS A 101 -8.65 2.28 -2.40
C LYS A 101 -8.41 1.30 -1.26
N VAL A 102 -7.23 1.36 -0.64
CA VAL A 102 -6.94 0.45 0.45
C VAL A 102 -7.75 0.81 1.69
N ALA A 103 -7.87 2.11 1.96
CA ALA A 103 -8.66 2.56 3.10
C ALA A 103 -10.11 2.12 2.93
N ALA A 104 -10.60 2.25 1.69
CA ALA A 104 -11.96 1.84 1.37
C ALA A 104 -12.06 0.33 1.56
N ILE A 105 -10.99 -0.36 1.15
CA ILE A 105 -10.83 -1.81 1.27
C ILE A 105 -11.97 -2.65 0.67
N ASP A 106 -12.48 -2.21 -0.49
CA ASP A 106 -13.54 -2.94 -1.15
C ASP A 106 -13.06 -3.54 -2.47
N LEU A 107 -13.13 -4.86 -2.57
CA LEU A 107 -12.70 -5.55 -3.78
C LEU A 107 -13.62 -5.22 -4.95
N GLN A 108 -14.93 -5.17 -4.68
CA GLN A 108 -15.91 -4.88 -5.72
C GLN A 108 -15.85 -5.92 -6.83
N SER A 1 -17.94 -14.52 6.64
CA SER A 1 -17.48 -14.36 5.25
C SER A 1 -18.61 -13.81 4.39
N ASP A 2 -18.72 -12.49 4.34
CA ASP A 2 -19.76 -11.84 3.56
C ASP A 2 -19.35 -11.73 2.10
N GLU A 3 -20.21 -11.11 1.28
CA GLU A 3 -19.93 -10.94 -0.14
C GLU A 3 -18.66 -10.12 -0.34
N LYS A 4 -18.52 -9.04 0.44
CA LYS A 4 -17.50 -8.00 0.15
C LYS A 4 -16.01 -8.32 0.05
N ILE A 5 -15.43 -9.07 0.97
CA ILE A 5 -14.03 -9.41 0.84
C ILE A 5 -14.08 -10.91 0.78
N LYS A 6 -13.69 -11.54 -0.31
CA LYS A 6 -13.86 -12.99 -0.24
C LYS A 6 -12.89 -13.58 0.79
N THR A 7 -11.61 -13.18 0.68
CA THR A 7 -10.57 -13.63 1.59
C THR A 7 -9.47 -12.57 1.71
N ALA A 8 -8.65 -12.70 2.73
CA ALA A 8 -7.55 -11.77 2.95
C ALA A 8 -6.56 -11.80 1.78
N HIS A 9 -6.33 -13.00 1.24
CA HIS A 9 -5.38 -13.17 0.15
C HIS A 9 -5.76 -12.38 -1.09
N ASP A 10 -7.04 -12.39 -1.45
CA ASP A 10 -7.49 -11.66 -2.64
C ASP A 10 -7.36 -10.16 -2.44
N LEU A 11 -7.83 -9.68 -1.29
CA LEU A 11 -7.77 -8.25 -0.99
C LEU A 11 -6.32 -7.78 -0.95
N ILE A 12 -5.48 -8.54 -0.25
CA ILE A 12 -4.07 -8.20 -0.14
C ILE A 12 -3.41 -8.21 -1.51
N ASP A 13 -3.76 -9.20 -2.32
CA ASP A 13 -3.19 -9.34 -3.66
C ASP A 13 -3.52 -8.13 -4.54
N GLU A 14 -4.76 -7.66 -4.45
CA GLU A 14 -5.20 -6.53 -5.27
C GLU A 14 -4.40 -5.26 -4.97
N ILE A 15 -4.19 -4.97 -3.70
CA ILE A 15 -3.45 -3.76 -3.32
C ILE A 15 -1.97 -3.87 -3.66
N ILE A 16 -1.40 -5.07 -3.54
CA ILE A 16 0.01 -5.26 -3.88
C ILE A 16 0.24 -4.97 -5.35
N GLN A 17 -0.67 -5.43 -6.20
CA GLN A 17 -0.54 -5.22 -7.62
C GLN A 17 -0.60 -3.72 -7.93
N ASP A 18 -1.47 -3.00 -7.24
CA ASP A 18 -1.60 -1.57 -7.46
C ASP A 18 -0.29 -0.87 -7.13
N VAL A 19 0.37 -1.31 -6.07
CA VAL A 19 1.64 -0.72 -5.66
C VAL A 19 2.68 -0.91 -6.76
N ILE A 20 2.75 -2.12 -7.30
CA ILE A 20 3.70 -2.44 -8.36
C ILE A 20 3.45 -1.54 -9.57
N GLN A 21 2.20 -1.41 -9.96
CA GLN A 21 1.85 -0.57 -11.10
C GLN A 21 2.17 0.89 -10.81
N LEU A 22 1.92 1.29 -9.56
CA LEU A 22 2.16 2.67 -9.14
C LEU A 22 3.63 3.08 -9.29
N ASP A 23 4.54 2.12 -9.15
CA ASP A 23 5.97 2.43 -9.25
C ASP A 23 6.29 3.08 -10.60
N GLY A 24 7.37 3.84 -10.64
CA GLY A 24 7.80 4.46 -11.88
C GLY A 24 8.83 5.52 -11.62
N LYS A 25 9.18 6.28 -12.64
CA LYS A 25 10.12 7.39 -12.50
C LYS A 25 9.28 8.60 -12.08
N LEU A 26 8.94 8.65 -10.80
CA LEU A 26 8.10 9.72 -10.28
C LEU A 26 8.72 11.09 -10.41
N GLY A 27 10.02 11.19 -10.13
CA GLY A 27 10.65 12.49 -10.20
C GLY A 27 12.06 12.49 -9.65
N LEU A 28 12.65 13.67 -9.65
CA LEU A 28 13.98 13.90 -9.13
C LEU A 28 14.03 13.58 -7.64
N LEU A 29 12.97 13.96 -6.92
CA LEU A 29 12.90 13.69 -5.49
C LEU A 29 12.89 12.19 -5.23
N GLY A 30 12.19 11.46 -6.09
CA GLY A 30 12.10 10.02 -5.93
C GLY A 30 11.37 9.66 -4.63
N GLY A 31 12.05 8.93 -3.77
CA GLY A 31 11.46 8.50 -2.51
C GLY A 31 12.16 7.23 -2.02
N ASN A 32 11.40 6.35 -1.38
CA ASN A 32 11.96 5.10 -0.87
C ASN A 32 11.80 4.00 -1.93
N THR A 33 12.78 3.09 -1.98
CA THR A 33 12.75 1.99 -2.95
C THR A 33 12.99 0.67 -2.22
N ARG A 34 12.30 -0.38 -2.67
CA ARG A 34 12.45 -1.70 -2.06
C ARG A 34 12.55 -2.77 -3.15
N GLN A 35 13.27 -3.85 -2.85
CA GLN A 35 13.45 -4.93 -3.80
C GLN A 35 12.23 -5.85 -3.78
N LEU A 36 11.68 -6.11 -4.95
CA LEU A 36 10.50 -6.98 -5.05
C LEU A 36 10.90 -8.40 -4.70
N GLU A 37 9.94 -9.20 -4.26
CA GLU A 37 10.23 -10.58 -3.89
C GLU A 37 10.87 -11.29 -5.08
N ASP A 38 10.40 -10.96 -6.26
CA ASP A 38 10.94 -11.54 -7.48
C ASP A 38 12.42 -11.16 -7.62
N GLY A 39 12.82 -10.09 -6.91
CA GLY A 39 14.20 -9.61 -6.97
C GLY A 39 14.31 -8.40 -7.89
N ARG A 40 13.16 -7.82 -8.23
CA ARG A 40 13.13 -6.64 -9.11
C ARG A 40 13.09 -5.36 -8.29
N VAL A 41 14.03 -4.46 -8.57
CA VAL A 41 14.09 -3.19 -7.85
C VAL A 41 12.98 -2.26 -8.33
N ILE A 42 12.20 -1.74 -7.39
CA ILE A 42 11.10 -0.83 -7.74
C ILE A 42 11.07 0.37 -6.79
N ASN A 43 10.43 1.45 -7.23
CA ASN A 43 10.32 2.66 -6.42
C ASN A 43 8.85 2.98 -6.16
N ILE A 44 8.54 3.43 -4.95
CA ILE A 44 7.16 3.75 -4.59
C ILE A 44 7.15 4.80 -3.48
N PRO A 45 6.08 5.56 -3.31
CA PRO A 45 6.02 6.59 -2.22
C PRO A 45 6.48 6.02 -0.88
N ASN A 46 6.83 6.91 0.05
CA ASN A 46 7.30 6.47 1.35
C ASN A 46 6.23 5.64 2.06
N GLY A 47 4.97 6.05 1.93
CA GLY A 47 3.87 5.32 2.55
C GLY A 47 3.77 3.91 1.97
N ALA A 48 3.97 3.81 0.66
CA ALA A 48 3.92 2.52 -0.02
C ALA A 48 4.99 1.59 0.56
N ALA A 49 6.14 2.16 0.86
CA ALA A 49 7.25 1.39 1.42
C ALA A 49 6.87 0.82 2.79
N MET A 50 6.13 1.59 3.57
CA MET A 50 5.74 1.14 4.91
C MET A 50 4.90 -0.13 4.83
N ILE A 51 3.89 -0.14 3.97
CA ILE A 51 3.04 -1.32 3.84
C ILE A 51 3.82 -2.47 3.20
N PHE A 52 4.80 -2.13 2.38
CA PHE A 52 5.62 -3.15 1.74
C PHE A 52 6.32 -3.98 2.80
N ASP A 53 6.90 -3.30 3.79
CA ASP A 53 7.58 -3.99 4.88
C ASP A 53 6.60 -4.89 5.61
N ASP A 54 5.38 -4.40 5.80
CA ASP A 54 4.36 -5.19 6.49
C ASP A 54 4.10 -6.49 5.73
N TYR A 55 4.07 -6.39 4.41
CA TYR A 55 3.85 -7.55 3.57
C TYR A 55 4.96 -8.58 3.82
N LYS A 56 6.19 -8.09 3.86
CA LYS A 56 7.35 -8.96 4.09
C LYS A 56 7.17 -9.75 5.38
N LYS A 57 6.63 -9.10 6.40
CA LYS A 57 6.42 -9.76 7.68
C LYS A 57 5.47 -10.92 7.54
N TYR A 58 4.46 -10.77 6.70
CA TYR A 58 3.52 -11.86 6.49
C TYR A 58 4.28 -13.08 5.98
N LYS A 59 5.27 -12.84 5.14
CA LYS A 59 6.08 -13.93 4.58
C LYS A 59 7.07 -14.45 5.63
N GLN A 60 7.73 -13.51 6.30
CA GLN A 60 8.72 -13.86 7.31
C GLN A 60 8.07 -14.60 8.48
N GLY A 61 6.80 -14.29 8.74
CA GLY A 61 6.05 -14.92 9.82
C GLY A 61 5.96 -14.01 11.05
N GLU A 62 6.51 -12.80 10.92
CA GLU A 62 6.45 -11.86 12.03
C GLU A 62 5.00 -11.44 12.29
N LEU A 63 4.24 -11.30 11.21
CA LEU A 63 2.84 -10.89 11.29
C LEU A 63 1.95 -11.88 10.55
N THR A 64 0.71 -11.99 11.00
CA THR A 64 -0.26 -12.87 10.36
C THR A 64 -0.87 -12.17 9.16
N ALA A 65 -1.62 -12.91 8.35
CA ALA A 65 -2.25 -12.32 7.18
C ALA A 65 -3.20 -11.20 7.59
N GLU A 66 -3.96 -11.43 8.64
CA GLU A 66 -4.90 -10.43 9.13
C GLU A 66 -4.16 -9.34 9.91
N SER A 67 -3.09 -9.73 10.60
CA SER A 67 -2.33 -8.75 11.38
C SER A 67 -1.71 -7.72 10.45
N ALA A 68 -1.10 -8.20 9.36
CA ALA A 68 -0.49 -7.30 8.40
C ALA A 68 -1.55 -6.40 7.77
N LEU A 69 -2.69 -7.00 7.44
CA LEU A 69 -3.78 -6.25 6.85
C LEU A 69 -4.28 -5.20 7.83
N GLU A 70 -4.42 -5.61 9.08
CA GLU A 70 -4.90 -4.71 10.13
C GLU A 70 -3.92 -3.55 10.32
N SER A 71 -2.63 -3.86 10.35
CA SER A 71 -1.61 -2.83 10.54
C SER A 71 -1.62 -1.84 9.39
N MET A 72 -1.77 -2.33 8.17
CA MET A 72 -1.79 -1.50 6.98
C MET A 72 -2.95 -0.50 7.03
N ILE A 73 -4.10 -0.95 7.48
CA ILE A 73 -5.28 -0.11 7.55
C ILE A 73 -5.07 1.06 8.52
N LYS A 74 -4.51 0.79 9.69
CA LYS A 74 -4.31 1.82 10.70
C LYS A 74 -3.36 2.93 10.21
N ILE A 75 -2.27 2.55 9.56
CA ILE A 75 -1.34 3.55 9.05
C ILE A 75 -1.90 4.22 7.81
N ALA A 76 -2.67 3.47 7.05
CA ALA A 76 -3.28 4.01 5.84
C ALA A 76 -4.25 5.13 6.21
N LYS A 77 -5.01 4.93 7.27
CA LYS A 77 -5.97 5.94 7.70
C LYS A 77 -5.23 7.21 8.12
N LEU A 78 -4.13 7.03 8.85
CA LEU A 78 -3.33 8.18 9.27
C LEU A 78 -2.72 8.89 8.07
N SER A 79 -2.17 8.10 7.15
CA SER A 79 -1.54 8.67 5.96
C SER A 79 -2.60 9.40 5.12
N ASN A 80 -3.75 8.77 4.97
CA ASN A 80 -4.84 9.37 4.21
C ASN A 80 -5.30 10.67 4.86
N GLN A 81 -5.31 10.67 6.19
CA GLN A 81 -5.73 11.85 6.94
C GLN A 81 -4.82 13.03 6.60
N LEU A 82 -3.51 12.79 6.57
CA LEU A 82 -2.56 13.83 6.23
C LEU A 82 -2.71 14.20 4.76
N ASN A 83 -2.98 13.20 3.93
CA ASN A 83 -3.14 13.42 2.49
C ASN A 83 -4.28 14.40 2.22
N ARG A 84 -5.36 14.27 2.98
CA ARG A 84 -6.50 15.16 2.80
C ARG A 84 -6.09 16.61 3.00
N HIS A 85 -5.36 16.88 4.08
CA HIS A 85 -4.99 18.26 4.45
C HIS A 85 -4.11 19.06 3.47
N THR A 86 -3.09 18.43 2.92
CA THR A 86 -2.18 19.10 2.00
C THR A 86 -2.80 19.36 0.63
N PHE A 87 -2.25 20.32 -0.11
CA PHE A 87 -2.73 20.62 -1.46
C PHE A 87 -2.50 19.35 -2.26
N PHE A 88 -3.46 18.95 -3.08
CA PHE A 88 -3.29 17.65 -3.71
C PHE A 88 -2.35 17.76 -4.91
N ASN A 89 -2.11 18.99 -5.35
CA ASN A 89 -1.24 19.24 -6.49
C ASN A 89 0.17 18.71 -6.23
N GLN A 90 0.65 18.88 -5.00
CA GLN A 90 1.99 18.42 -4.66
C GLN A 90 2.08 16.91 -4.76
N ARG A 91 1.00 16.23 -4.37
CA ARG A 91 0.97 14.77 -4.43
C ARG A 91 0.37 14.31 -5.76
N GLN A 92 0.89 13.21 -6.30
CA GLN A 92 0.39 12.69 -7.57
C GLN A 92 -1.00 12.11 -7.39
N PRO A 93 -1.85 12.18 -8.39
CA PRO A 93 -3.25 11.64 -8.29
C PRO A 93 -3.25 10.11 -8.18
N GLU A 94 -2.27 9.47 -8.79
CA GLU A 94 -2.17 8.02 -8.74
C GLU A 94 -1.89 7.55 -7.32
N THR A 95 -1.02 8.28 -6.61
CA THR A 95 -0.69 7.94 -5.24
C THR A 95 -1.89 8.11 -4.33
N GLY A 96 -2.63 9.20 -4.54
CA GLY A 96 -3.82 9.47 -3.73
C GLY A 96 -4.86 8.37 -3.87
N GLN A 97 -5.05 7.88 -5.08
CA GLN A 97 -6.01 6.82 -5.33
C GLN A 97 -5.64 5.57 -4.54
N PHE A 98 -4.37 5.20 -4.58
CA PHE A 98 -3.90 4.02 -3.86
C PHE A 98 -4.13 4.18 -2.36
N TYR A 99 -3.79 5.37 -1.84
CA TYR A 99 -3.93 5.64 -0.42
C TYR A 99 -5.39 5.42 0.01
N LYS A 100 -6.32 5.89 -0.82
CA LYS A 100 -7.74 5.75 -0.53
C LYS A 100 -8.17 4.28 -0.51
N LYS A 101 -7.69 3.52 -1.50
CA LYS A 101 -8.06 2.11 -1.60
C LYS A 101 -7.62 1.32 -0.37
N VAL A 102 -6.36 1.48 0.02
CA VAL A 102 -5.85 0.76 1.19
C VAL A 102 -6.52 1.25 2.47
N ALA A 103 -6.84 2.54 2.51
CA ALA A 103 -7.50 3.12 3.67
C ALA A 103 -9.01 2.87 3.60
N ALA A 104 -9.48 2.48 2.42
CA ALA A 104 -10.91 2.21 2.19
C ALA A 104 -11.10 0.84 1.55
N ILE A 105 -10.17 -0.08 1.83
CA ILE A 105 -10.22 -1.44 1.27
C ILE A 105 -11.64 -1.88 0.91
N ASP A 106 -11.82 -2.26 -0.35
CA ASP A 106 -13.11 -2.72 -0.84
C ASP A 106 -12.95 -3.62 -2.05
N LEU A 107 -12.99 -4.93 -1.82
CA LEU A 107 -12.83 -5.88 -2.92
C LEU A 107 -13.96 -5.70 -3.94
N GLN A 108 -15.18 -5.55 -3.44
CA GLN A 108 -16.33 -5.37 -4.32
C GLN A 108 -16.39 -6.48 -5.36
N SER A 1 -22.80 -6.35 9.04
CA SER A 1 -23.42 -7.71 9.15
C SER A 1 -23.40 -8.39 7.80
N ASP A 2 -22.79 -7.72 6.81
CA ASP A 2 -22.70 -8.27 5.46
C ASP A 2 -21.48 -9.17 5.33
N GLU A 3 -21.71 -10.47 5.28
CA GLU A 3 -20.62 -11.43 5.16
C GLU A 3 -19.94 -11.31 3.80
N LYS A 4 -18.64 -11.61 3.75
CA LYS A 4 -17.87 -11.53 2.50
C LYS A 4 -17.10 -12.82 2.27
N ILE A 5 -16.89 -13.17 1.00
CA ILE A 5 -16.17 -14.39 0.65
C ILE A 5 -14.74 -14.05 0.24
N LYS A 6 -14.38 -12.77 0.36
CA LYS A 6 -13.05 -12.32 0.00
C LYS A 6 -11.99 -13.06 0.81
N THR A 7 -10.74 -13.03 0.33
CA THR A 7 -9.64 -13.69 1.02
C THR A 7 -8.49 -12.71 1.23
N ALA A 8 -7.65 -13.00 2.23
CA ALA A 8 -6.52 -12.13 2.53
C ALA A 8 -5.55 -12.09 1.36
N HIS A 9 -5.31 -13.25 0.75
CA HIS A 9 -4.39 -13.34 -0.37
C HIS A 9 -4.86 -12.45 -1.52
N ASP A 10 -6.13 -12.55 -1.88
CA ASP A 10 -6.69 -11.75 -2.97
C ASP A 10 -6.63 -10.27 -2.63
N LEU A 11 -6.98 -9.93 -1.39
CA LEU A 11 -6.99 -8.54 -0.94
C LEU A 11 -5.56 -7.98 -0.98
N ILE A 12 -4.63 -8.73 -0.40
CA ILE A 12 -3.23 -8.32 -0.37
C ILE A 12 -2.70 -8.19 -1.80
N ASP A 13 -3.06 -9.15 -2.63
CA ASP A 13 -2.62 -9.16 -4.02
C ASP A 13 -3.10 -7.93 -4.78
N GLU A 14 -4.35 -7.54 -4.53
CA GLU A 14 -4.93 -6.39 -5.22
C GLU A 14 -4.16 -5.10 -4.95
N ILE A 15 -3.81 -4.86 -3.68
CA ILE A 15 -3.08 -3.65 -3.34
C ILE A 15 -1.65 -3.70 -3.87
N ILE A 16 -1.06 -4.88 -3.91
CA ILE A 16 0.30 -5.04 -4.42
C ILE A 16 0.34 -4.67 -5.90
N GLN A 17 -0.67 -5.11 -6.64
CA GLN A 17 -0.74 -4.84 -8.06
C GLN A 17 -0.81 -3.34 -8.30
N ASP A 18 -1.59 -2.64 -7.49
CA ASP A 18 -1.71 -1.20 -7.64
C ASP A 18 -0.36 -0.55 -7.40
N VAL A 19 0.36 -1.05 -6.40
CA VAL A 19 1.68 -0.52 -6.08
C VAL A 19 2.63 -0.70 -7.26
N ILE A 20 2.57 -1.88 -7.88
CA ILE A 20 3.42 -2.16 -9.03
C ILE A 20 3.12 -1.17 -10.15
N GLN A 21 1.84 -0.91 -10.38
CA GLN A 21 1.44 0.03 -11.42
C GLN A 21 1.98 1.43 -11.11
N LEU A 22 1.96 1.80 -9.83
CA LEU A 22 2.44 3.12 -9.41
C LEU A 22 3.93 3.30 -9.69
N ASP A 23 4.70 2.21 -9.71
CA ASP A 23 6.14 2.33 -9.97
C ASP A 23 6.37 3.09 -11.28
N GLY A 24 7.53 3.75 -11.39
CA GLY A 24 7.83 4.52 -12.60
C GLY A 24 9.32 4.83 -12.71
N LYS A 25 9.66 5.69 -13.66
CA LYS A 25 11.04 6.09 -13.90
C LYS A 25 11.65 6.74 -12.66
N LEU A 26 10.87 7.56 -11.97
CA LEU A 26 11.37 8.24 -10.78
C LEU A 26 12.09 7.27 -9.86
N GLY A 27 13.22 7.71 -9.31
CA GLY A 27 14.05 6.86 -8.46
C GLY A 27 14.33 7.29 -7.02
N LEU A 28 15.59 7.50 -6.65
CA LEU A 28 15.92 7.87 -5.26
C LEU A 28 15.29 9.18 -4.81
N LEU A 29 15.37 10.21 -5.66
CA LEU A 29 14.69 11.45 -5.32
C LEU A 29 13.22 11.40 -5.73
N GLY A 30 12.36 12.01 -4.93
CA GLY A 30 10.92 12.03 -5.21
C GLY A 30 10.21 10.85 -4.57
N GLY A 31 10.98 9.91 -4.04
CA GLY A 31 10.40 8.73 -3.40
C GLY A 31 11.47 7.74 -2.97
N ASN A 32 11.06 6.69 -2.27
CA ASN A 32 11.98 5.66 -1.80
C ASN A 32 12.07 4.52 -2.81
N THR A 33 13.15 3.74 -2.72
CA THR A 33 13.34 2.61 -3.62
C THR A 33 13.64 1.34 -2.83
N ARG A 34 12.96 0.26 -3.19
CA ARG A 34 13.14 -1.03 -2.53
C ARG A 34 13.23 -2.14 -3.58
N GLN A 35 13.95 -3.19 -3.27
CA GLN A 35 14.10 -4.30 -4.21
C GLN A 35 12.86 -5.19 -4.16
N LEU A 36 12.27 -5.46 -5.31
CA LEU A 36 11.08 -6.29 -5.38
C LEU A 36 11.48 -7.73 -5.05
N GLU A 37 10.52 -8.52 -4.56
CA GLU A 37 10.81 -9.89 -4.22
C GLU A 37 11.40 -10.60 -5.44
N ASP A 38 10.86 -10.26 -6.61
CA ASP A 38 11.34 -10.83 -7.87
C ASP A 38 12.79 -10.42 -8.11
N GLY A 39 13.22 -9.35 -7.43
CA GLY A 39 14.59 -8.84 -7.59
C GLY A 39 14.60 -7.63 -8.50
N ARG A 40 13.42 -7.06 -8.75
CA ARG A 40 13.29 -5.88 -9.60
C ARG A 40 13.25 -4.60 -8.77
N VAL A 41 14.11 -3.64 -9.11
CA VAL A 41 14.15 -2.38 -8.39
C VAL A 41 12.96 -1.50 -8.77
N ILE A 42 12.21 -1.05 -7.78
CA ILE A 42 11.05 -0.19 -8.01
C ILE A 42 11.08 1.01 -7.08
N ASN A 43 10.36 2.07 -7.45
CA ASN A 43 10.31 3.29 -6.64
C ASN A 43 8.88 3.67 -6.34
N ILE A 44 8.59 3.95 -5.07
CA ILE A 44 7.24 4.29 -4.65
C ILE A 44 7.29 5.30 -3.48
N PRO A 45 6.23 6.04 -3.22
CA PRO A 45 6.22 7.03 -2.09
C PRO A 45 6.66 6.40 -0.76
N ASN A 46 7.02 7.24 0.19
CA ASN A 46 7.49 6.75 1.48
C ASN A 46 6.42 5.89 2.16
N GLY A 47 5.16 6.34 2.08
CA GLY A 47 4.06 5.58 2.67
C GLY A 47 3.93 4.22 2.00
N ALA A 48 4.11 4.21 0.68
CA ALA A 48 4.02 2.97 -0.08
C ALA A 48 5.09 2.00 0.42
N ALA A 49 6.26 2.55 0.74
CA ALA A 49 7.35 1.73 1.25
C ALA A 49 6.96 1.07 2.57
N MET A 50 6.20 1.79 3.39
CA MET A 50 5.79 1.28 4.69
C MET A 50 4.95 0.01 4.55
N ILE A 51 3.96 0.02 3.66
CA ILE A 51 3.11 -1.16 3.49
C ILE A 51 3.91 -2.29 2.85
N PHE A 52 4.94 -1.93 2.07
CA PHE A 52 5.78 -2.94 1.42
C PHE A 52 6.47 -3.79 2.48
N ASP A 53 7.02 -3.14 3.49
CA ASP A 53 7.70 -3.84 4.58
C ASP A 53 6.71 -4.74 5.29
N ASP A 54 5.48 -4.25 5.43
CA ASP A 54 4.43 -5.01 6.09
C ASP A 54 4.22 -6.34 5.37
N TYR A 55 4.24 -6.28 4.04
CA TYR A 55 4.07 -7.49 3.24
C TYR A 55 5.15 -8.50 3.59
N LYS A 56 6.39 -8.01 3.67
CA LYS A 56 7.53 -8.86 3.99
C LYS A 56 7.30 -9.60 5.30
N LYS A 57 6.69 -8.92 6.27
CA LYS A 57 6.43 -9.52 7.56
C LYS A 57 5.50 -10.71 7.43
N TYR A 58 4.52 -10.60 6.55
CA TYR A 58 3.61 -11.70 6.34
C TYR A 58 4.40 -12.94 5.91
N LYS A 59 5.43 -12.71 5.09
CA LYS A 59 6.28 -13.81 4.61
C LYS A 59 7.21 -14.27 5.73
N GLN A 60 7.83 -13.31 6.40
CA GLN A 60 8.77 -13.61 7.47
C GLN A 60 8.06 -14.35 8.61
N GLY A 61 6.77 -14.07 8.77
CA GLY A 61 5.98 -14.69 9.82
C GLY A 61 5.87 -13.76 11.02
N GLU A 62 6.45 -12.56 10.88
CA GLU A 62 6.39 -11.59 11.96
C GLU A 62 4.95 -11.16 12.18
N LEU A 63 4.21 -11.02 11.08
CA LEU A 63 2.80 -10.63 11.13
C LEU A 63 1.94 -11.65 10.39
N THR A 64 0.70 -11.76 10.84
CA THR A 64 -0.25 -12.69 10.22
C THR A 64 -0.87 -12.02 8.99
N ALA A 65 -1.58 -12.81 8.18
CA ALA A 65 -2.19 -12.28 6.97
C ALA A 65 -3.17 -11.17 7.33
N GLU A 66 -3.95 -11.39 8.39
CA GLU A 66 -4.92 -10.37 8.82
C GLU A 66 -4.21 -9.25 9.56
N SER A 67 -3.14 -9.59 10.27
CA SER A 67 -2.40 -8.58 11.01
C SER A 67 -1.78 -7.58 10.05
N ALA A 68 -1.15 -8.09 8.99
CA ALA A 68 -0.53 -7.23 7.99
C ALA A 68 -1.59 -6.38 7.31
N LEU A 69 -2.72 -6.99 6.95
CA LEU A 69 -3.79 -6.27 6.29
C LEU A 69 -4.34 -5.19 7.21
N GLU A 70 -4.53 -5.58 8.48
CA GLU A 70 -5.05 -4.66 9.48
C GLU A 70 -4.09 -3.48 9.69
N SER A 71 -2.80 -3.79 9.73
CA SER A 71 -1.79 -2.78 9.94
C SER A 71 -1.76 -1.77 8.80
N MET A 72 -1.89 -2.25 7.57
CA MET A 72 -1.88 -1.36 6.40
C MET A 72 -3.03 -0.36 6.47
N ILE A 73 -4.20 -0.84 6.88
CA ILE A 73 -5.39 0.01 6.97
C ILE A 73 -5.19 1.13 7.99
N LYS A 74 -4.64 0.80 9.15
CA LYS A 74 -4.46 1.80 10.21
C LYS A 74 -3.54 2.93 9.75
N ILE A 75 -2.45 2.59 9.07
CA ILE A 75 -1.52 3.63 8.61
C ILE A 75 -2.08 4.33 7.38
N ALA A 76 -2.81 3.59 6.56
CA ALA A 76 -3.41 4.16 5.37
C ALA A 76 -4.42 5.23 5.77
N LYS A 77 -5.20 4.93 6.81
CA LYS A 77 -6.19 5.88 7.30
C LYS A 77 -5.50 7.15 7.80
N LEU A 78 -4.38 6.97 8.49
CA LEU A 78 -3.63 8.12 9.00
C LEU A 78 -3.11 8.94 7.82
N SER A 79 -2.64 8.25 6.78
CA SER A 79 -2.13 8.94 5.59
C SER A 79 -3.27 9.73 4.94
N ASN A 80 -4.44 9.10 4.87
CA ASN A 80 -5.60 9.74 4.27
C ASN A 80 -5.98 11.00 5.06
N GLN A 81 -5.95 10.88 6.38
CA GLN A 81 -6.27 12.00 7.25
C GLN A 81 -5.29 13.14 7.03
N LEU A 82 -4.01 12.81 6.96
CA LEU A 82 -2.97 13.81 6.74
C LEU A 82 -3.15 14.44 5.35
N ASN A 83 -3.51 13.61 4.39
CA ASN A 83 -3.69 14.08 3.01
C ASN A 83 -4.80 15.13 2.96
N ARG A 84 -5.87 14.91 3.69
CA ARG A 84 -6.99 15.85 3.70
C ARG A 84 -6.52 17.22 4.21
N HIS A 85 -5.74 17.22 5.27
CA HIS A 85 -5.22 18.47 5.84
C HIS A 85 -4.29 19.14 4.84
N THR A 86 -3.46 18.34 4.18
CA THR A 86 -2.52 18.85 3.18
C THR A 86 -3.21 19.02 1.84
N PHE A 87 -2.54 19.68 0.91
CA PHE A 87 -3.11 19.90 -0.42
C PHE A 87 -2.83 18.70 -1.32
N PHE A 88 -3.88 18.16 -1.91
CA PHE A 88 -3.74 17.00 -2.80
C PHE A 88 -2.93 17.37 -4.05
N ASN A 89 -2.86 18.67 -4.34
CA ASN A 89 -2.13 19.13 -5.51
C ASN A 89 -0.66 18.74 -5.42
N GLN A 90 -0.09 18.85 -4.23
CA GLN A 90 1.32 18.51 -4.03
C GLN A 90 1.54 17.01 -4.26
N ARG A 91 0.58 16.19 -3.85
CA ARG A 91 0.68 14.75 -4.02
C ARG A 91 0.02 14.31 -5.32
N GLN A 92 0.58 13.29 -5.97
CA GLN A 92 0.01 12.79 -7.22
C GLN A 92 -1.31 12.08 -6.94
N PRO A 93 -2.25 12.11 -7.87
CA PRO A 93 -3.57 11.43 -7.68
C PRO A 93 -3.44 9.92 -7.64
N GLU A 94 -2.38 9.39 -8.24
CA GLU A 94 -2.17 7.95 -8.27
C GLU A 94 -1.97 7.40 -6.86
N THR A 95 -1.22 8.11 -6.04
CA THR A 95 -0.97 7.66 -4.67
C THR A 95 -2.18 7.93 -3.79
N GLY A 96 -2.79 9.10 -3.97
CA GLY A 96 -3.96 9.46 -3.17
C GLY A 96 -5.08 8.47 -3.43
N GLN A 97 -5.25 8.08 -4.69
CA GLN A 97 -6.29 7.13 -5.06
C GLN A 97 -6.03 5.77 -4.41
N PHE A 98 -4.76 5.38 -4.38
CA PHE A 98 -4.38 4.11 -3.77
C PHE A 98 -4.79 4.06 -2.31
N TYR A 99 -4.44 5.11 -1.57
CA TYR A 99 -4.76 5.18 -0.15
C TYR A 99 -6.27 5.22 0.08
N LYS A 100 -7.00 5.90 -0.79
CA LYS A 100 -8.44 6.00 -0.63
C LYS A 100 -9.09 4.62 -0.63
N LYS A 101 -8.73 3.78 -1.59
CA LYS A 101 -9.31 2.43 -1.66
C LYS A 101 -8.87 1.60 -0.46
N VAL A 102 -7.61 1.75 -0.06
CA VAL A 102 -7.07 0.99 1.06
C VAL A 102 -7.87 1.23 2.34
N ALA A 103 -8.28 2.47 2.55
CA ALA A 103 -9.04 2.82 3.74
C ALA A 103 -10.33 2.00 3.84
N ALA A 104 -10.99 1.79 2.70
CA ALA A 104 -12.24 1.02 2.67
C ALA A 104 -12.21 -0.10 1.64
N ILE A 105 -11.02 -0.63 1.35
CA ILE A 105 -10.91 -1.69 0.35
C ILE A 105 -11.76 -2.89 0.74
N ASP A 106 -12.25 -3.59 -0.27
CA ASP A 106 -13.08 -4.77 -0.04
C ASP A 106 -13.37 -5.49 -1.36
N LEU A 107 -12.78 -6.66 -1.54
CA LEU A 107 -13.01 -7.44 -2.75
C LEU A 107 -14.48 -7.85 -2.84
N GLN A 108 -15.03 -8.29 -1.71
CA GLN A 108 -16.42 -8.71 -1.66
C GLN A 108 -16.67 -9.86 -2.63
#